data_1ZVC
# 
_entry.id   1ZVC 
# 
_audit_conform.dict_name       mmcif_pdbx.dic 
_audit_conform.dict_version    5.376 
_audit_conform.dict_location   http://mmcif.pdb.org/dictionaries/ascii/mmcif_pdbx.dic 
# 
loop_
_database_2.database_id 
_database_2.database_code 
_database_2.pdbx_database_accession 
_database_2.pdbx_DOI 
PDB   1ZVC         pdb_00001zvc 10.2210/pdb1zvc/pdb 
RCSB  RCSB033163   ?            ?                   
WWPDB D_1000033163 ?            ?                   
# 
loop_
_pdbx_database_related.db_name 
_pdbx_database_related.db_id 
_pdbx_database_related.details 
_pdbx_database_related.content_type 
PDB      1Z8K     HOMOLOG unspecified 
TargetDB GO.15838 .       unspecified 
# 
_pdbx_database_status.entry_id                        1ZVC 
_pdbx_database_status.deposit_site                    RCSB 
_pdbx_database_status.process_site                    RCSB 
_pdbx_database_status.recvd_initial_deposition_date   2005-06-01 
_pdbx_database_status.status_code                     REL 
_pdbx_database_status.status_code_sf                  REL 
_pdbx_database_status.status_code_mr                  ? 
_pdbx_database_status.SG_entry                        Y 
_pdbx_database_status.pdb_format_compatible           Y 
_pdbx_database_status.status_code_cs                  ? 
_pdbx_database_status.methods_development_category    ? 
_pdbx_database_status.status_code_nmr_data            ? 
# 
loop_
_audit_author.name 
_audit_author.pdbx_ordinal 
'Wesenberg, G.E.'                                  1 
'Phillips Jr., G.N.'                               2 
'Han, B.W.'                                        3 
'Bitto, E.'                                        4 
'Bingman, C.A.'                                    5 
'Allard, S.T.M.'                                   6 
'Center for Eukaryotic Structural Genomics (CESG)' 7 
# 
_citation.id                        primary 
_citation.title                     'X-ray structure of allene oxide cyclase from arabidopsis thaliana AT3G25760' 
_citation.journal_abbrev            'To be published' 
_citation.journal_volume            ? 
_citation.page_first                ? 
_citation.page_last                 ? 
_citation.year                      ? 
_citation.journal_id_ASTM           ? 
_citation.country                   ? 
_citation.journal_id_ISSN           ? 
_citation.journal_id_CSD            0353 
_citation.book_publisher            ? 
_citation.pdbx_database_id_PubMed   ? 
_citation.pdbx_database_id_DOI      ? 
# 
_citation_author.citation_id        primary 
_citation_author.name               'Center for Eukaryotic Structural Genomics (CESG)' 
_citation_author.ordinal            1 
_citation_author.identifier_ORCID   ? 
# 
_cell.length_a           66.191 
_cell.length_b           66.191 
_cell.length_c           212.700 
_cell.angle_alpha        90.00 
_cell.angle_beta         90.00 
_cell.angle_gamma        120.00 
_cell.entry_id           1ZVC 
_cell.pdbx_unique_axis   ? 
_cell.Z_PDB              18 
# 
_symmetry.space_group_name_H-M             'H 3 2' 
_symmetry.Int_Tables_number                155 
_symmetry.entry_id                         1ZVC 
_symmetry.pdbx_full_space_group_name_H-M   ? 
_symmetry.cell_setting                     ? 
_symmetry.space_group_name_Hall            ? 
# 
loop_
_entity.id 
_entity.type 
_entity.src_method 
_entity.pdbx_description 
_entity.formula_weight 
_entity.pdbx_number_of_molecules 
_entity.pdbx_ec 
_entity.pdbx_mutation 
_entity.pdbx_fragment 
_entity.details 
1 polymer     man 'allene oxide cyclase' 20851.576 1   5.3.99.6 ? ? ? 
2 non-polymer syn 'MAGNESIUM ION'        24.305    1   ?        ? ? ? 
3 water       nat water                  18.015    136 ?        ? ? ? 
# 
_entity_poly.entity_id                      1 
_entity_poly.type                           'polypeptide(L)' 
_entity_poly.nstd_linkage                   no 
_entity_poly.nstd_monomer                   no 
_entity_poly.pdbx_seq_one_letter_code       
;SLSQNLGNTENPRPSKVQELSVYEINDLDRHSPKILKNAFSFRFGLGDLVPFTNKLYTGDLKKRVGITAGLCVVIEHVPE
KNGDRFEATYSFYFGDYGHLSVQGPYLTYEDSFLAITGGAGIFEGAYGQVKLQQLVYPTKLFYTFYLKGLANDLPLELIG
TPVPPSKDVEPAPEAKALKPSGVVSNFTN
;
_entity_poly.pdbx_seq_one_letter_code_can   
;SLSQNLGNTENPRPSKVQELSVYEINDLDRHSPKILKNAFSFRFGLGDLVPFTNKLYTGDLKKRVGITAGLCVVIEHVPE
KNGDRFEATYSFYFGDYGHLSVQGPYLTYEDSFLAITGGAGIFEGAYGQVKLQQLVYPTKLFYTFYLKGLANDLPLELIG
TPVPPSKDVEPAPEAKALKPSGVVSNFTN
;
_entity_poly.pdbx_strand_id                 A 
_entity_poly.pdbx_target_identifier         GO.15838 
# 
loop_
_entity_poly_seq.entity_id 
_entity_poly_seq.num 
_entity_poly_seq.mon_id 
_entity_poly_seq.hetero 
1 1   SER n 
1 2   LEU n 
1 3   SER n 
1 4   GLN n 
1 5   ASN n 
1 6   LEU n 
1 7   GLY n 
1 8   ASN n 
1 9   THR n 
1 10  GLU n 
1 11  ASN n 
1 12  PRO n 
1 13  ARG n 
1 14  PRO n 
1 15  SER n 
1 16  LYS n 
1 17  VAL n 
1 18  GLN n 
1 19  GLU n 
1 20  LEU n 
1 21  SER n 
1 22  VAL n 
1 23  TYR n 
1 24  GLU n 
1 25  ILE n 
1 26  ASN n 
1 27  ASP n 
1 28  LEU n 
1 29  ASP n 
1 30  ARG n 
1 31  HIS n 
1 32  SER n 
1 33  PRO n 
1 34  LYS n 
1 35  ILE n 
1 36  LEU n 
1 37  LYS n 
1 38  ASN n 
1 39  ALA n 
1 40  PHE n 
1 41  SER n 
1 42  PHE n 
1 43  ARG n 
1 44  PHE n 
1 45  GLY n 
1 46  LEU n 
1 47  GLY n 
1 48  ASP n 
1 49  LEU n 
1 50  VAL n 
1 51  PRO n 
1 52  PHE n 
1 53  THR n 
1 54  ASN n 
1 55  LYS n 
1 56  LEU n 
1 57  TYR n 
1 58  THR n 
1 59  GLY n 
1 60  ASP n 
1 61  LEU n 
1 62  LYS n 
1 63  LYS n 
1 64  ARG n 
1 65  VAL n 
1 66  GLY n 
1 67  ILE n 
1 68  THR n 
1 69  ALA n 
1 70  GLY n 
1 71  LEU n 
1 72  CYS n 
1 73  VAL n 
1 74  VAL n 
1 75  ILE n 
1 76  GLU n 
1 77  HIS n 
1 78  VAL n 
1 79  PRO n 
1 80  GLU n 
1 81  LYS n 
1 82  ASN n 
1 83  GLY n 
1 84  ASP n 
1 85  ARG n 
1 86  PHE n 
1 87  GLU n 
1 88  ALA n 
1 89  THR n 
1 90  TYR n 
1 91  SER n 
1 92  PHE n 
1 93  TYR n 
1 94  PHE n 
1 95  GLY n 
1 96  ASP n 
1 97  TYR n 
1 98  GLY n 
1 99  HIS n 
1 100 LEU n 
1 101 SER n 
1 102 VAL n 
1 103 GLN n 
1 104 GLY n 
1 105 PRO n 
1 106 TYR n 
1 107 LEU n 
1 108 THR n 
1 109 TYR n 
1 110 GLU n 
1 111 ASP n 
1 112 SER n 
1 113 PHE n 
1 114 LEU n 
1 115 ALA n 
1 116 ILE n 
1 117 THR n 
1 118 GLY n 
1 119 GLY n 
1 120 ALA n 
1 121 GLY n 
1 122 ILE n 
1 123 PHE n 
1 124 GLU n 
1 125 GLY n 
1 126 ALA n 
1 127 TYR n 
1 128 GLY n 
1 129 GLN n 
1 130 VAL n 
1 131 LYS n 
1 132 LEU n 
1 133 GLN n 
1 134 GLN n 
1 135 LEU n 
1 136 VAL n 
1 137 TYR n 
1 138 PRO n 
1 139 THR n 
1 140 LYS n 
1 141 LEU n 
1 142 PHE n 
1 143 TYR n 
1 144 THR n 
1 145 PHE n 
1 146 TYR n 
1 147 LEU n 
1 148 LYS n 
1 149 GLY n 
1 150 LEU n 
1 151 ALA n 
1 152 ASN n 
1 153 ASP n 
1 154 LEU n 
1 155 PRO n 
1 156 LEU n 
1 157 GLU n 
1 158 LEU n 
1 159 ILE n 
1 160 GLY n 
1 161 THR n 
1 162 PRO n 
1 163 VAL n 
1 164 PRO n 
1 165 PRO n 
1 166 SER n 
1 167 LYS n 
1 168 ASP n 
1 169 VAL n 
1 170 GLU n 
1 171 PRO n 
1 172 ALA n 
1 173 PRO n 
1 174 GLU n 
1 175 ALA n 
1 176 LYS n 
1 177 ALA n 
1 178 LEU n 
1 179 LYS n 
1 180 PRO n 
1 181 SER n 
1 182 GLY n 
1 183 VAL n 
1 184 VAL n 
1 185 SER n 
1 186 ASN n 
1 187 PHE n 
1 188 THR n 
1 189 ASN n 
# 
_entity_src_gen.entity_id                          1 
_entity_src_gen.pdbx_src_id                        1 
_entity_src_gen.pdbx_alt_source_flag               sample 
_entity_src_gen.pdbx_seq_type                      ? 
_entity_src_gen.pdbx_beg_seq_num                   ? 
_entity_src_gen.pdbx_end_seq_num                   ? 
_entity_src_gen.gene_src_common_name               'thale cress' 
_entity_src_gen.gene_src_genus                     Arabidopsis 
_entity_src_gen.pdbx_gene_src_gene                 AT3G25760 
_entity_src_gen.gene_src_species                   ? 
_entity_src_gen.gene_src_strain                    ? 
_entity_src_gen.gene_src_tissue                    ? 
_entity_src_gen.gene_src_tissue_fraction           ? 
_entity_src_gen.gene_src_details                   ? 
_entity_src_gen.pdbx_gene_src_fragment             ? 
_entity_src_gen.pdbx_gene_src_scientific_name      'Arabidopsis thaliana' 
_entity_src_gen.pdbx_gene_src_ncbi_taxonomy_id     3702 
_entity_src_gen.pdbx_gene_src_variant              ? 
_entity_src_gen.pdbx_gene_src_cell_line            ? 
_entity_src_gen.pdbx_gene_src_atcc                 ? 
_entity_src_gen.pdbx_gene_src_organ                ? 
_entity_src_gen.pdbx_gene_src_organelle            ? 
_entity_src_gen.pdbx_gene_src_cell                 ? 
_entity_src_gen.pdbx_gene_src_cellular_location    ? 
_entity_src_gen.host_org_common_name               ? 
_entity_src_gen.pdbx_host_org_scientific_name      'Escherichia coli' 
_entity_src_gen.pdbx_host_org_ncbi_taxonomy_id     562 
_entity_src_gen.host_org_genus                     Escherichia 
_entity_src_gen.pdbx_host_org_gene                 ? 
_entity_src_gen.pdbx_host_org_organ                ? 
_entity_src_gen.host_org_species                   ? 
_entity_src_gen.pdbx_host_org_tissue               ? 
_entity_src_gen.pdbx_host_org_tissue_fraction      ? 
_entity_src_gen.pdbx_host_org_strain               'B834 P(RARE2)' 
_entity_src_gen.pdbx_host_org_variant              ? 
_entity_src_gen.pdbx_host_org_cell_line            ? 
_entity_src_gen.pdbx_host_org_atcc                 ? 
_entity_src_gen.pdbx_host_org_culture_collection   ? 
_entity_src_gen.pdbx_host_org_cell                 ? 
_entity_src_gen.pdbx_host_org_organelle            ? 
_entity_src_gen.pdbx_host_org_cellular_location    ? 
_entity_src_gen.pdbx_host_org_vector_type          PLASMID 
_entity_src_gen.pdbx_host_org_vector               ? 
_entity_src_gen.host_org_details                   ? 
_entity_src_gen.expression_system_id               ? 
_entity_src_gen.plasmid_name                       PVP-27 
_entity_src_gen.plasmid_details                    ? 
_entity_src_gen.pdbx_description                   ? 
# 
_struct_ref.id                         1 
_struct_ref.db_name                    UNP 
_struct_ref.db_code                    AOC1_ARATH 
_struct_ref.pdbx_db_accession          Q9LS03 
_struct_ref.entity_id                  1 
_struct_ref.pdbx_seq_one_letter_code   
;LSQNLGNTENPRPSKVQELSVYEINDLDRHSPKILKNAFSFRFGLGDLVPFTNKLYTGDLKKRVGITAGLCVVIEHVPEK
NGDRFEATYSFYFGDYGHLSVQGPYLTYEDSFLAITGGAGIFEGAYGQVKLQQLVYPTKLFYTFYLKGLANDLPLELIGT
PVPPSKDVEPAPEAKALKPSGVVSNFTN
;
_struct_ref.pdbx_align_begin           67 
_struct_ref.pdbx_db_isoform            ? 
# 
_struct_ref_seq.align_id                      1 
_struct_ref_seq.ref_id                        1 
_struct_ref_seq.pdbx_PDB_id_code              1ZVC 
_struct_ref_seq.pdbx_strand_id                A 
_struct_ref_seq.seq_align_beg                 2 
_struct_ref_seq.pdbx_seq_align_beg_ins_code   ? 
_struct_ref_seq.seq_align_end                 189 
_struct_ref_seq.pdbx_seq_align_end_ins_code   ? 
_struct_ref_seq.pdbx_db_accession             Q9LS03 
_struct_ref_seq.db_align_beg                  67 
_struct_ref_seq.pdbx_db_align_beg_ins_code    ? 
_struct_ref_seq.db_align_end                  254 
_struct_ref_seq.pdbx_db_align_end_ins_code    ? 
_struct_ref_seq.pdbx_auth_seq_align_beg       6 
_struct_ref_seq.pdbx_auth_seq_align_end       193 
# 
_struct_ref_seq_dif.align_id                     1 
_struct_ref_seq_dif.pdbx_pdb_id_code             1ZVC 
_struct_ref_seq_dif.mon_id                       SER 
_struct_ref_seq_dif.pdbx_pdb_strand_id           A 
_struct_ref_seq_dif.seq_num                      1 
_struct_ref_seq_dif.pdbx_pdb_ins_code            ? 
_struct_ref_seq_dif.pdbx_seq_db_name             UNP 
_struct_ref_seq_dif.pdbx_seq_db_accession_code   Q9LS03 
_struct_ref_seq_dif.db_mon_id                    ? 
_struct_ref_seq_dif.pdbx_seq_db_seq_num          ? 
_struct_ref_seq_dif.details                      'cloning artifact' 
_struct_ref_seq_dif.pdbx_auth_seq_num            5 
_struct_ref_seq_dif.pdbx_ordinal                 1 
# 
loop_
_chem_comp.id 
_chem_comp.type 
_chem_comp.mon_nstd_flag 
_chem_comp.name 
_chem_comp.pdbx_synonyms 
_chem_comp.formula 
_chem_comp.formula_weight 
ALA 'L-peptide linking' y ALANINE         ? 'C3 H7 N O2'     89.093  
ARG 'L-peptide linking' y ARGININE        ? 'C6 H15 N4 O2 1' 175.209 
ASN 'L-peptide linking' y ASPARAGINE      ? 'C4 H8 N2 O3'    132.118 
ASP 'L-peptide linking' y 'ASPARTIC ACID' ? 'C4 H7 N O4'     133.103 
CYS 'L-peptide linking' y CYSTEINE        ? 'C3 H7 N O2 S'   121.158 
GLN 'L-peptide linking' y GLUTAMINE       ? 'C5 H10 N2 O3'   146.144 
GLU 'L-peptide linking' y 'GLUTAMIC ACID' ? 'C5 H9 N O4'     147.129 
GLY 'peptide linking'   y GLYCINE         ? 'C2 H5 N O2'     75.067  
HIS 'L-peptide linking' y HISTIDINE       ? 'C6 H10 N3 O2 1' 156.162 
HOH non-polymer         . WATER           ? 'H2 O'           18.015  
ILE 'L-peptide linking' y ISOLEUCINE      ? 'C6 H13 N O2'    131.173 
LEU 'L-peptide linking' y LEUCINE         ? 'C6 H13 N O2'    131.173 
LYS 'L-peptide linking' y LYSINE          ? 'C6 H15 N2 O2 1' 147.195 
MG  non-polymer         . 'MAGNESIUM ION' ? 'Mg 2'           24.305  
PHE 'L-peptide linking' y PHENYLALANINE   ? 'C9 H11 N O2'    165.189 
PRO 'L-peptide linking' y PROLINE         ? 'C5 H9 N O2'     115.130 
SER 'L-peptide linking' y SERINE          ? 'C3 H7 N O3'     105.093 
THR 'L-peptide linking' y THREONINE       ? 'C4 H9 N O3'     119.119 
TYR 'L-peptide linking' y TYROSINE        ? 'C9 H11 N O3'    181.189 
VAL 'L-peptide linking' y VALINE          ? 'C5 H11 N O2'    117.146 
# 
_exptl.entry_id          1ZVC 
_exptl.method            'X-RAY DIFFRACTION' 
_exptl.crystals_number   1 
# 
_exptl_crystal.id                    1 
_exptl_crystal.density_meas          ? 
_exptl_crystal.density_Matthews      2.4 
_exptl_crystal.density_percent_sol   47.9 
_exptl_crystal.description           ? 
_exptl_crystal.F_000                 ? 
_exptl_crystal.preparation           ? 
# 
_exptl_crystal_grow.crystal_id      1 
_exptl_crystal_grow.method          ? 
_exptl_crystal_grow.temp            297 
_exptl_crystal_grow.temp_details    ? 
_exptl_crystal_grow.pH              6.50 
_exptl_crystal_grow.pdbx_details    
;10 mg/ml protein, 18.4% PEG 4K, 0.160 M POTASSIUM BROMIDE, 
0.100 M BISTRIS, vapor diffusion, hanging drop, temperature 297K, pH 6.50
;
_exptl_crystal_grow.pdbx_pH_range   . 
# 
_diffrn.id                     1 
_diffrn.ambient_temp           100.0 
_diffrn.ambient_temp_details   ? 
_diffrn.crystal_id             1 
# 
_diffrn_detector.diffrn_id              1 
_diffrn_detector.detector               CCD 
_diffrn_detector.type                   'MARMOSAIC 225 mm CCD' 
_diffrn_detector.pdbx_collection_date   2005-03-12 
_diffrn_detector.details                
'HORIZONTAL SAGITALLY FOCUSING 2ND BENT MONOCHROMATOR CRYSTAL, VERTICAL BENT FOCUSING MIRROR' 
# 
_diffrn_radiation.diffrn_id                        1 
_diffrn_radiation.wavelength_id                    1 
_diffrn_radiation.pdbx_monochromatic_or_laue_m_l   M 
_diffrn_radiation.monochromator                    'WATER COOLED SI (111) DOUBLE BOUNCE' 
_diffrn_radiation.pdbx_diffrn_protocol             'SINGLE WAVELENGTH' 
_diffrn_radiation.pdbx_scattering_type             x-ray 
# 
_diffrn_radiation_wavelength.id           1 
_diffrn_radiation_wavelength.wavelength   0.99997 
_diffrn_radiation_wavelength.wt           1.0 
# 
_diffrn_source.diffrn_id                   1 
_diffrn_source.source                      SYNCHROTRON 
_diffrn_source.type                        'APS BEAMLINE 22-BM' 
_diffrn_source.pdbx_synchrotron_site       APS 
_diffrn_source.pdbx_synchrotron_beamline   22-BM 
_diffrn_source.pdbx_wavelength             0.99997 
_diffrn_source.pdbx_wavelength_list        ? 
# 
_reflns.entry_id                     1ZVC 
_reflns.observed_criterion_sigma_I   ? 
_reflns.observed_criterion_sigma_F   ? 
_reflns.d_resolution_low             50.000 
_reflns.d_resolution_high            1.790 
_reflns.number_obs                   17352 
_reflns.number_all                   ? 
_reflns.percent_possible_obs         99.5 
_reflns.pdbx_Rmerge_I_obs            0.08 
_reflns.pdbx_Rsym_value              ? 
_reflns.pdbx_netI_over_sigmaI        19.6200 
_reflns.B_iso_Wilson_estimate        ? 
_reflns.pdbx_redundancy              9.700 
_reflns.R_free_details               ? 
_reflns.limit_h_max                  ? 
_reflns.limit_h_min                  ? 
_reflns.limit_k_max                  ? 
_reflns.limit_k_min                  ? 
_reflns.limit_l_max                  ? 
_reflns.limit_l_min                  ? 
_reflns.observed_criterion_F_max     ? 
_reflns.observed_criterion_F_min     ? 
_reflns.pdbx_chi_squared             ? 
_reflns.pdbx_scaling_rejects         ? 
_reflns.pdbx_ordinal                 1 
_reflns.pdbx_diffrn_id               1 
# 
_reflns_shell.d_res_high             1.79 
_reflns_shell.d_res_low              1.83 
_reflns_shell.percent_possible_all   96.7 
_reflns_shell.Rmerge_I_obs           0.31 
_reflns_shell.pdbx_Rsym_value        ? 
_reflns_shell.meanI_over_sigI_obs    6.212 
_reflns_shell.pdbx_redundancy        8.60 
_reflns_shell.percent_possible_obs   ? 
_reflns_shell.number_unique_all      ? 
_reflns_shell.number_measured_all    ? 
_reflns_shell.number_measured_obs    ? 
_reflns_shell.number_unique_obs      ? 
_reflns_shell.pdbx_chi_squared       ? 
_reflns_shell.pdbx_ordinal           1 
_reflns_shell.pdbx_diffrn_id         1 
# 
_refine.entry_id                                 1ZVC 
_refine.ls_number_reflns_obs                     16437 
_refine.ls_number_reflns_all                     ? 
_refine.pdbx_ls_sigma_I                          ? 
_refine.pdbx_ls_sigma_F                          ? 
_refine.pdbx_data_cutoff_high_absF               ? 
_refine.pdbx_data_cutoff_low_absF                ? 
_refine.pdbx_data_cutoff_high_rms_absF           ? 
_refine.ls_d_res_low                             50.00 
_refine.ls_d_res_high                            1.79 
_refine.ls_percent_reflns_obs                    99.1 
_refine.ls_R_factor_obs                          0.239 
_refine.ls_R_factor_all                          ? 
_refine.ls_R_factor_R_work                       0.236 
_refine.ls_R_factor_R_free                       0.283 
_refine.ls_R_factor_R_free_error                 ? 
_refine.ls_R_factor_R_free_error_details         ? 
_refine.ls_percent_reflns_R_free                 5.100 
_refine.ls_number_reflns_R_free                  875 
_refine.ls_number_parameters                     ? 
_refine.ls_number_restraints                     ? 
_refine.occupancy_min                            ? 
_refine.occupancy_max                            ? 
_refine.correlation_coeff_Fo_to_Fc               0.939 
_refine.correlation_coeff_Fo_to_Fc_free          0.920 
_refine.B_iso_mean                               30.87 
_refine.aniso_B[1][1]                            -0.93000 
_refine.aniso_B[2][2]                            -0.93000 
_refine.aniso_B[3][3]                            1.39000 
_refine.aniso_B[1][2]                            -0.46000 
_refine.aniso_B[1][3]                            0.00000 
_refine.aniso_B[2][3]                            0.00000 
_refine.solvent_model_details                    MASK 
_refine.solvent_model_param_ksol                 ? 
_refine.solvent_model_param_bsol                 ? 
_refine.pdbx_solvent_vdw_probe_radii             1.20 
_refine.pdbx_solvent_ion_probe_radii             0.80 
_refine.pdbx_solvent_shrinkage_radii             0.80 
_refine.pdbx_ls_cross_valid_method               THROUGHOUT 
_refine.details                                  ? 
_refine.pdbx_starting_model                      1Z8K 
_refine.pdbx_method_to_determine_struct          'MOLECULAR REPLACEMENT' 
_refine.pdbx_isotropic_thermal_model             ? 
_refine.pdbx_stereochemistry_target_values       'MAXIMUM LIKELIHOOD' 
_refine.pdbx_stereochem_target_val_spec_case     ? 
_refine.pdbx_R_Free_selection_details            RANDOM 
_refine.pdbx_overall_ESU_R                       0.161 
_refine.pdbx_overall_ESU_R_Free                  0.155 
_refine.overall_SU_ML                            0.131 
_refine.overall_SU_B                             4.226 
_refine.ls_redundancy_reflns_obs                 ? 
_refine.B_iso_min                                ? 
_refine.B_iso_max                                ? 
_refine.overall_SU_R_Cruickshank_DPI             ? 
_refine.overall_SU_R_free                        ? 
_refine.ls_wR_factor_R_free                      ? 
_refine.ls_wR_factor_R_work                      ? 
_refine.overall_FOM_free_R_set                   ? 
_refine.overall_FOM_work_R_set                   ? 
_refine.pdbx_refine_id                           'X-RAY DIFFRACTION' 
_refine.pdbx_diffrn_id                           1 
_refine.pdbx_TLS_residual_ADP_flag               ? 
_refine.pdbx_overall_phase_error                 ? 
_refine.pdbx_overall_SU_R_free_Cruickshank_DPI   ? 
_refine.pdbx_overall_SU_R_Blow_DPI               ? 
_refine.pdbx_overall_SU_R_free_Blow_DPI          ? 
# 
_refine_hist.pdbx_refine_id                   'X-RAY DIFFRACTION' 
_refine_hist.cycle_id                         LAST 
_refine_hist.pdbx_number_atoms_protein        1337 
_refine_hist.pdbx_number_atoms_nucleic_acid   0 
_refine_hist.pdbx_number_atoms_ligand         1 
_refine_hist.number_atoms_solvent             136 
_refine_hist.number_atoms_total               1474 
_refine_hist.d_res_high                       1.79 
_refine_hist.d_res_low                        50.00 
# 
loop_
_refine_ls_restr.type 
_refine_ls_restr.dev_ideal 
_refine_ls_restr.dev_ideal_target 
_refine_ls_restr.weight 
_refine_ls_restr.number 
_refine_ls_restr.pdbx_refine_id 
_refine_ls_restr.pdbx_restraint_function 
r_bond_refined_d             0.011  0.022  ? 1375 'X-RAY DIFFRACTION' ? 
r_bond_other_d               ?      ?      ? ?    'X-RAY DIFFRACTION' ? 
r_angle_refined_deg          1.238  1.988  ? 1867 'X-RAY DIFFRACTION' ? 
r_angle_other_deg            ?      ?      ? ?    'X-RAY DIFFRACTION' ? 
r_dihedral_angle_1_deg       6.226  5.000  ? 169  'X-RAY DIFFRACTION' ? 
r_dihedral_angle_2_deg       28.594 24.667 ? 60   'X-RAY DIFFRACTION' ? 
r_dihedral_angle_3_deg       13.303 15.000 ? 223  'X-RAY DIFFRACTION' ? 
r_dihedral_angle_4_deg       12.672 15.000 ? 4    'X-RAY DIFFRACTION' ? 
r_chiral_restr               0.084  0.200  ? 205  'X-RAY DIFFRACTION' ? 
r_gen_planes_refined         0.005  0.020  ? 1052 'X-RAY DIFFRACTION' ? 
r_gen_planes_other           ?      ?      ? ?    'X-RAY DIFFRACTION' ? 
r_nbd_refined                0.198  0.200  ? 604  'X-RAY DIFFRACTION' ? 
r_nbd_other                  ?      ?      ? ?    'X-RAY DIFFRACTION' ? 
r_nbtor_refined              0.307  0.200  ? 930  'X-RAY DIFFRACTION' ? 
r_nbtor_other                ?      ?      ? ?    'X-RAY DIFFRACTION' ? 
r_xyhbond_nbd_refined        0.150  0.200  ? 107  'X-RAY DIFFRACTION' ? 
r_xyhbond_nbd_other          ?      ?      ? ?    'X-RAY DIFFRACTION' ? 
r_metal_ion_refined          ?      ?      ? ?    'X-RAY DIFFRACTION' ? 
r_metal_ion_other            ?      ?      ? ?    'X-RAY DIFFRACTION' ? 
r_symmetry_vdw_refined       0.168  0.200  ? 67   'X-RAY DIFFRACTION' ? 
r_symmetry_vdw_other         ?      ?      ? ?    'X-RAY DIFFRACTION' ? 
r_symmetry_hbond_refined     0.203  0.200  ? 21   'X-RAY DIFFRACTION' ? 
r_symmetry_hbond_other       ?      ?      ? ?    'X-RAY DIFFRACTION' ? 
r_symmetry_metal_ion_refined ?      ?      ? ?    'X-RAY DIFFRACTION' ? 
r_symmetry_metal_ion_other   ?      ?      ? ?    'X-RAY DIFFRACTION' ? 
r_mcbond_it                  1.748  3.000  ? 871  'X-RAY DIFFRACTION' ? 
r_mcbond_other               ?      ?      ? ?    'X-RAY DIFFRACTION' ? 
r_mcangle_it                 2.867  6.000  ? 1371 'X-RAY DIFFRACTION' ? 
r_scbond_it                  4.360  9.000  ? 570  'X-RAY DIFFRACTION' ? 
r_scangle_it                 5.498  12.000 ? 496  'X-RAY DIFFRACTION' ? 
r_rigid_bond_restr           ?      ?      ? ?    'X-RAY DIFFRACTION' ? 
r_sphericity_free            ?      ?      ? ?    'X-RAY DIFFRACTION' ? 
r_sphericity_bonded          ?      ?      ? ?    'X-RAY DIFFRACTION' ? 
# 
_refine_ls_shell.pdbx_total_number_of_bins_used   20 
_refine_ls_shell.d_res_high                       1.79 
_refine_ls_shell.d_res_low                        1.83 
_refine_ls_shell.number_reflns_R_work             1134 
_refine_ls_shell.R_factor_R_work                  0.346 
_refine_ls_shell.percent_reflns_obs               95.48 
_refine_ls_shell.R_factor_R_free                  0.357 
_refine_ls_shell.R_factor_R_free_error            ? 
_refine_ls_shell.percent_reflns_R_free            ? 
_refine_ls_shell.number_reflns_R_free             69 
_refine_ls_shell.redundancy_reflns_obs            ? 
_refine_ls_shell.number_reflns_all                ? 
_refine_ls_shell.number_reflns_obs                ? 
_refine_ls_shell.pdbx_refine_id                   'X-RAY DIFFRACTION' 
_refine_ls_shell.R_factor_all                     ? 
# 
_struct.entry_id                  1ZVC 
_struct.title                     'X-ray structure of allene oxide cyclase from arabidopsis thaliana AT3G25760' 
_struct.pdbx_model_details        ? 
_struct.pdbx_CASP_flag            ? 
_struct.pdbx_model_type_details   ? 
# 
_struct_keywords.text            
'STRUCTURAL GENOMICS, PROTEIN STRUCTURE INITIATIVE, PSI, AT3G25760, CENTER FOR EUKARYOTIC STRUCTURAL GENOMICS, CESG, ISOMERASE' 
_struct_keywords.entry_id        1ZVC 
_struct_keywords.pdbx_keywords   ISOMERASE 
# 
loop_
_struct_asym.id 
_struct_asym.pdbx_blank_PDB_chainid_flag 
_struct_asym.pdbx_modified 
_struct_asym.entity_id 
_struct_asym.details 
A N N 1 ? 
B N N 2 ? 
C N N 3 ? 
# 
_struct_biol.id                    1 
_struct_biol.details               
;THE BIOLOGICAL UNIT IS A TRIMER GENERATED BY
120 DEGREE ROTATION ABOUT THE CRYSTALLOGRAPHIC C-AXIS)
;
_struct_biol.pdbx_parent_biol_id   ? 
# 
loop_
_struct_conf.conf_type_id 
_struct_conf.id 
_struct_conf.pdbx_PDB_helix_id 
_struct_conf.beg_label_comp_id 
_struct_conf.beg_label_asym_id 
_struct_conf.beg_label_seq_id 
_struct_conf.pdbx_beg_PDB_ins_code 
_struct_conf.end_label_comp_id 
_struct_conf.end_label_asym_id 
_struct_conf.end_label_seq_id 
_struct_conf.pdbx_end_PDB_ins_code 
_struct_conf.beg_auth_comp_id 
_struct_conf.beg_auth_asym_id 
_struct_conf.beg_auth_seq_id 
_struct_conf.end_auth_comp_id 
_struct_conf.end_auth_asym_id 
_struct_conf.end_auth_seq_id 
_struct_conf.pdbx_PDB_helix_class 
_struct_conf.details 
_struct_conf.pdbx_PDB_helix_length 
HELX_P HELX_P1 1 PRO A 155 ? ILE A 159 ? PRO A 159 ILE A 163 5 ? 5 
HELX_P HELX_P2 2 ALA A 172 ? LEU A 178 ? ALA A 176 LEU A 182 1 ? 7 
HELX_P HELX_P3 3 LYS A 179 ? VAL A 183 ? LYS A 183 VAL A 187 5 ? 5 
# 
_struct_conf_type.id          HELX_P 
_struct_conf_type.criteria    ? 
_struct_conf_type.reference   ? 
# 
loop_
_struct_conn.id 
_struct_conn.conn_type_id 
_struct_conn.pdbx_leaving_atom_flag 
_struct_conn.pdbx_PDB_id 
_struct_conn.ptnr1_label_asym_id 
_struct_conn.ptnr1_label_comp_id 
_struct_conn.ptnr1_label_seq_id 
_struct_conn.ptnr1_label_atom_id 
_struct_conn.pdbx_ptnr1_label_alt_id 
_struct_conn.pdbx_ptnr1_PDB_ins_code 
_struct_conn.pdbx_ptnr1_standard_comp_id 
_struct_conn.ptnr1_symmetry 
_struct_conn.ptnr2_label_asym_id 
_struct_conn.ptnr2_label_comp_id 
_struct_conn.ptnr2_label_seq_id 
_struct_conn.ptnr2_label_atom_id 
_struct_conn.pdbx_ptnr2_label_alt_id 
_struct_conn.pdbx_ptnr2_PDB_ins_code 
_struct_conn.ptnr1_auth_asym_id 
_struct_conn.ptnr1_auth_comp_id 
_struct_conn.ptnr1_auth_seq_id 
_struct_conn.ptnr2_auth_asym_id 
_struct_conn.ptnr2_auth_comp_id 
_struct_conn.ptnr2_auth_seq_id 
_struct_conn.ptnr2_symmetry 
_struct_conn.pdbx_ptnr3_label_atom_id 
_struct_conn.pdbx_ptnr3_label_seq_id 
_struct_conn.pdbx_ptnr3_label_comp_id 
_struct_conn.pdbx_ptnr3_label_asym_id 
_struct_conn.pdbx_ptnr3_label_alt_id 
_struct_conn.pdbx_ptnr3_PDB_ins_code 
_struct_conn.details 
_struct_conn.pdbx_dist_value 
_struct_conn.pdbx_value_order 
_struct_conn.pdbx_role 
metalc1 metalc ? ? A THR 117 O  ? ? ? 1_555 B MG  . MG ? ? A THR 121 A MG  201 1_555 ? ? ? ? ? ? ? 2.475 ? ? 
metalc2 metalc ? ? A THR 117 O  ? ? ? 3_445 B MG  . MG ? ? A THR 121 A MG  201 1_555 ? ? ? ? ? ? ? 2.362 ? ? 
metalc3 metalc ? ? A THR 117 O  ? ? ? 2_455 B MG  . MG ? ? A THR 121 A MG  201 1_555 ? ? ? ? ? ? ? 2.415 ? ? 
metalc4 metalc ? ? B MG  .   MG ? ? ? 1_555 C HOH . O  ? ? A MG  201 A HOH 209 1_555 ? ? ? ? ? ? ? 2.428 ? ? 
metalc5 metalc ? ? B MG  .   MG ? ? ? 1_555 C HOH . O  ? ? A MG  201 A HOH 209 2_455 ? ? ? ? ? ? ? 2.310 ? ? 
metalc6 metalc ? ? B MG  .   MG ? ? ? 1_555 C HOH . O  ? ? A MG  201 A HOH 209 3_445 ? ? ? ? ? ? ? 2.372 ? ? 
# 
_struct_conn_type.id          metalc 
_struct_conn_type.criteria    ? 
_struct_conn_type.reference   ? 
# 
loop_
_struct_mon_prot_cis.pdbx_id 
_struct_mon_prot_cis.label_comp_id 
_struct_mon_prot_cis.label_seq_id 
_struct_mon_prot_cis.label_asym_id 
_struct_mon_prot_cis.label_alt_id 
_struct_mon_prot_cis.pdbx_PDB_ins_code 
_struct_mon_prot_cis.auth_comp_id 
_struct_mon_prot_cis.auth_seq_id 
_struct_mon_prot_cis.auth_asym_id 
_struct_mon_prot_cis.pdbx_label_comp_id_2 
_struct_mon_prot_cis.pdbx_label_seq_id_2 
_struct_mon_prot_cis.pdbx_label_asym_id_2 
_struct_mon_prot_cis.pdbx_PDB_ins_code_2 
_struct_mon_prot_cis.pdbx_auth_comp_id_2 
_struct_mon_prot_cis.pdbx_auth_seq_id_2 
_struct_mon_prot_cis.pdbx_auth_asym_id_2 
_struct_mon_prot_cis.pdbx_PDB_model_num 
_struct_mon_prot_cis.pdbx_omega_angle 
1 SER 32  A . ? SER 36  A PRO 33  A ? PRO 37  A 1 -0.20 
2 TYR 137 A . ? TYR 141 A PRO 138 A ? PRO 142 A 1 -6.67 
# 
_struct_sheet.id               A 
_struct_sheet.type             ? 
_struct_sheet.number_strands   10 
_struct_sheet.details          ? 
# 
loop_
_struct_sheet_order.sheet_id 
_struct_sheet_order.range_id_1 
_struct_sheet_order.range_id_2 
_struct_sheet_order.offset 
_struct_sheet_order.sense 
A 1 2  ? anti-parallel 
A 2 3  ? anti-parallel 
A 3 4  ? anti-parallel 
A 4 5  ? anti-parallel 
A 5 6  ? anti-parallel 
A 6 7  ? anti-parallel 
A 7 8  ? anti-parallel 
A 8 9  ? anti-parallel 
A 9 10 ? anti-parallel 
# 
loop_
_struct_sheet_range.sheet_id 
_struct_sheet_range.id 
_struct_sheet_range.beg_label_comp_id 
_struct_sheet_range.beg_label_asym_id 
_struct_sheet_range.beg_label_seq_id 
_struct_sheet_range.pdbx_beg_PDB_ins_code 
_struct_sheet_range.end_label_comp_id 
_struct_sheet_range.end_label_asym_id 
_struct_sheet_range.end_label_seq_id 
_struct_sheet_range.pdbx_end_PDB_ins_code 
_struct_sheet_range.beg_auth_comp_id 
_struct_sheet_range.beg_auth_asym_id 
_struct_sheet_range.beg_auth_seq_id 
_struct_sheet_range.end_auth_comp_id 
_struct_sheet_range.end_auth_asym_id 
_struct_sheet_range.end_auth_seq_id 
A 1  LEU A 49  ? PHE A 52  ? LEU A 53  PHE A 56  
A 2  ARG A 64  ? VAL A 78  ? ARG A 68  VAL A 82  
A 3  GLY A 83  ? TYR A 93  ? GLY A 87  TYR A 97  
A 4  GLY A 98  ? LEU A 107 ? GLY A 102 LEU A 111 
A 5  SER A 112 ? GLY A 121 ? SER A 116 GLY A 125 
A 6  TYR A 127 ? VAL A 136 ? TYR A 131 VAL A 140 
A 7  LYS A 140 ? LYS A 148 ? LYS A 144 LYS A 152 
A 8  GLN A 18  ? ILE A 25  ? GLN A 22  ILE A 29  
A 9  LYS A 55  ? THR A 58  ? LYS A 59  THR A 62  
A 10 ARG A 64  ? VAL A 78  ? ARG A 68  VAL A 82  
# 
loop_
_pdbx_struct_sheet_hbond.sheet_id 
_pdbx_struct_sheet_hbond.range_id_1 
_pdbx_struct_sheet_hbond.range_id_2 
_pdbx_struct_sheet_hbond.range_1_label_atom_id 
_pdbx_struct_sheet_hbond.range_1_label_comp_id 
_pdbx_struct_sheet_hbond.range_1_label_asym_id 
_pdbx_struct_sheet_hbond.range_1_label_seq_id 
_pdbx_struct_sheet_hbond.range_1_PDB_ins_code 
_pdbx_struct_sheet_hbond.range_1_auth_atom_id 
_pdbx_struct_sheet_hbond.range_1_auth_comp_id 
_pdbx_struct_sheet_hbond.range_1_auth_asym_id 
_pdbx_struct_sheet_hbond.range_1_auth_seq_id 
_pdbx_struct_sheet_hbond.range_2_label_atom_id 
_pdbx_struct_sheet_hbond.range_2_label_comp_id 
_pdbx_struct_sheet_hbond.range_2_label_asym_id 
_pdbx_struct_sheet_hbond.range_2_label_seq_id 
_pdbx_struct_sheet_hbond.range_2_PDB_ins_code 
_pdbx_struct_sheet_hbond.range_2_auth_atom_id 
_pdbx_struct_sheet_hbond.range_2_auth_comp_id 
_pdbx_struct_sheet_hbond.range_2_auth_asym_id 
_pdbx_struct_sheet_hbond.range_2_auth_seq_id 
A 1 2  N VAL A 50  ? N VAL A 54  O CYS A 72  ? O CYS A 76  
A 2 3  N ILE A 67  ? N ILE A 71  O TYR A 93  ? O TYR A 97  
A 3 4  N ALA A 88  ? N ALA A 92  O GLY A 104 ? O GLY A 108 
A 4 5  N SER A 101 ? N SER A 105 O GLY A 118 ? O GLY A 122 
A 5 6  N SER A 112 ? N SER A 116 O LEU A 132 ? O LEU A 136 
A 6 7  N GLN A 129 ? N GLN A 133 O TYR A 146 ? O TYR A 150 
A 7 8  O PHE A 145 ? O PHE A 149 N LEU A 20  ? N LEU A 24  
A 8 9  N TYR A 23  ? N TYR A 27  O TYR A 57  ? O TYR A 61  
A 9 10 N LEU A 56  ? N LEU A 60  O GLY A 66  ? O GLY A 70  
# 
_struct_site.id                   AC1 
_struct_site.pdbx_evidence_code   Software 
_struct_site.pdbx_auth_asym_id    A 
_struct_site.pdbx_auth_comp_id    MG 
_struct_site.pdbx_auth_seq_id     201 
_struct_site.pdbx_auth_ins_code   ? 
_struct_site.pdbx_num_residues    6 
_struct_site.details              'BINDING SITE FOR RESIDUE MG A 201' 
# 
loop_
_struct_site_gen.id 
_struct_site_gen.site_id 
_struct_site_gen.pdbx_num_res 
_struct_site_gen.label_comp_id 
_struct_site_gen.label_asym_id 
_struct_site_gen.label_seq_id 
_struct_site_gen.pdbx_auth_ins_code 
_struct_site_gen.auth_comp_id 
_struct_site_gen.auth_asym_id 
_struct_site_gen.auth_seq_id 
_struct_site_gen.label_atom_id 
_struct_site_gen.label_alt_id 
_struct_site_gen.symmetry 
_struct_site_gen.details 
1 AC1 6 THR A 117 ? THR A 121 . ? 3_445 ? 
2 AC1 6 THR A 117 ? THR A 121 . ? 1_555 ? 
3 AC1 6 THR A 117 ? THR A 121 . ? 2_455 ? 
4 AC1 6 HOH C .   ? HOH A 209 . ? 3_445 ? 
5 AC1 6 HOH C .   ? HOH A 209 . ? 2_455 ? 
6 AC1 6 HOH C .   ? HOH A 209 . ? 1_555 ? 
# 
_atom_sites.entry_id                    1ZVC 
_atom_sites.fract_transf_matrix[1][1]   -0.00730247 
_atom_sites.fract_transf_matrix[1][2]   0.00591968 
_atom_sites.fract_transf_matrix[1][3]   -0.01469632 
_atom_sites.fract_transf_matrix[2][1]   -0.01301237 
_atom_sites.fract_transf_matrix[2][2]   -0.00889427 
_atom_sites.fract_transf_matrix[2][3]   -0.00746483 
_atom_sites.fract_transf_matrix[3][1]   -0.00311948 
_atom_sites.fract_transf_matrix[3][2]   0.00243852 
_atom_sites.fract_transf_matrix[3][3]   0.00253228 
_atom_sites.fract_transf_vector[1]      -0.402635 
_atom_sites.fract_transf_vector[2]      -0.236322 
_atom_sites.fract_transf_vector[3]      -0.092270 
# 
loop_
_atom_type.symbol 
C  
MG 
N  
O  
S  
# 
loop_
_atom_site.group_PDB 
_atom_site.id 
_atom_site.type_symbol 
_atom_site.label_atom_id 
_atom_site.label_alt_id 
_atom_site.label_comp_id 
_atom_site.label_asym_id 
_atom_site.label_entity_id 
_atom_site.label_seq_id 
_atom_site.pdbx_PDB_ins_code 
_atom_site.Cartn_x 
_atom_site.Cartn_y 
_atom_site.Cartn_z 
_atom_site.occupancy 
_atom_site.B_iso_or_equiv 
_atom_site.pdbx_formal_charge 
_atom_site.auth_seq_id 
_atom_site.auth_comp_id 
_atom_site.auth_asym_id 
_atom_site.auth_atom_id 
_atom_site.pdbx_PDB_model_num 
ATOM   1    N  N   . LYS A 1 16  ? -13.795 7.898   16.292  1.00 36.66 ? 20  LYS A N   1 
ATOM   2    C  CA  . LYS A 1 16  ? -14.448 7.999   14.952  1.00 36.80 ? 20  LYS A CA  1 
ATOM   3    C  C   . LYS A 1 16  ? -13.571 7.413   13.847  1.00 33.97 ? 20  LYS A C   1 
ATOM   4    O  O   . LYS A 1 16  ? -12.342 7.527   13.900  1.00 35.71 ? 20  LYS A O   1 
ATOM   5    C  CB  . LYS A 1 16  ? -14.792 9.463   14.621  1.00 36.05 ? 20  LYS A CB  1 
ATOM   6    C  CG  . LYS A 1 16  ? -13.582 10.380  14.356  1.00 36.10 ? 20  LYS A CG  1 
ATOM   7    C  CD  . LYS A 1 16  ? -14.018 11.641  13.620  1.00 37.99 ? 20  LYS A CD  1 
ATOM   8    C  CE  . LYS A 1 16  ? -12.865 12.277  12.871  1.00 45.60 ? 20  LYS A CE  1 
ATOM   9    N  NZ  . LYS A 1 16  ? -13.323 13.445  12.060  1.00 51.50 ? 20  LYS A NZ  1 
ATOM   10   N  N   . VAL A 1 17  ? -14.206 6.812   12.842  1.00 32.76 ? 21  VAL A N   1 
ATOM   11   C  CA  . VAL A 1 17  ? -13.481 6.245   11.695  1.00 30.86 ? 21  VAL A CA  1 
ATOM   12   C  C   . VAL A 1 17  ? -13.184 7.328   10.662  1.00 29.72 ? 21  VAL A C   1 
ATOM   13   O  O   . VAL A 1 17  ? -14.106 7.942   10.108  1.00 30.46 ? 21  VAL A O   1 
ATOM   14   C  CB  . VAL A 1 17  ? -14.266 5.099   11.006  1.00 30.81 ? 21  VAL A CB  1 
ATOM   15   C  CG1 . VAL A 1 17  ? -13.512 4.579   9.783   1.00 29.79 ? 21  VAL A CG1 1 
ATOM   16   C  CG2 . VAL A 1 17  ? -14.544 3.958   11.970  1.00 31.84 ? 21  VAL A CG2 1 
ATOM   17   N  N   . GLN A 1 18  ? -11.897 7.565   10.424  1.00 26.27 ? 22  GLN A N   1 
ATOM   18   C  CA  . GLN A 1 18  ? -11.451 8.382   9.315   1.00 24.44 ? 22  GLN A CA  1 
ATOM   19   C  C   . GLN A 1 18  ? -11.045 7.456   8.165   1.00 25.87 ? 22  GLN A C   1 
ATOM   20   O  O   . GLN A 1 18  ? -10.127 6.641   8.322   1.00 25.38 ? 22  GLN A O   1 
ATOM   21   C  CB  . GLN A 1 18  ? -10.244 9.209   9.732   1.00 23.74 ? 22  GLN A CB  1 
ATOM   22   C  CG  . GLN A 1 18  ? -10.518 10.275  10.773  1.00 25.84 ? 22  GLN A CG  1 
ATOM   23   C  CD  . GLN A 1 18  ? -9.435  11.318  10.763  1.00 29.01 ? 22  GLN A CD  1 
ATOM   24   O  OE1 . GLN A 1 18  ? -9.322  12.102  9.816   1.00 32.87 ? 22  GLN A OE1 1 
ATOM   25   N  NE2 . GLN A 1 18  ? -8.603  11.318  11.801  1.00 25.10 ? 22  GLN A NE2 1 
ATOM   26   N  N   . GLU A 1 19  ? -11.722 7.566   7.027   1.00 23.68 ? 23  GLU A N   1 
ATOM   27   C  CA  . GLU A 1 19  ? -11.355 6.757   5.855   1.00 26.56 ? 23  GLU A CA  1 
ATOM   28   C  C   . GLU A 1 19  ? -10.227 7.419   5.073   1.00 25.77 ? 23  GLU A C   1 
ATOM   29   O  O   . GLU A 1 19  ? -10.227 8.635   4.875   1.00 27.28 ? 23  GLU A O   1 
ATOM   30   C  CB  . GLU A 1 19  ? -12.557 6.460   4.963   1.00 26.88 ? 23  GLU A CB  1 
ATOM   31   C  CG  . GLU A 1 19  ? -13.577 5.561   5.626   1.00 28.64 ? 23  GLU A CG  1 
ATOM   32   C  CD  . GLU A 1 19  ? -14.761 5.216   4.730   1.00 30.00 ? 23  GLU A CD  1 
ATOM   33   O  OE1 . GLU A 1 19  ? -14.666 5.391   3.500   1.00 34.63 ? 23  GLU A OE1 1 
ATOM   34   O  OE2 . GLU A 1 19  ? -15.790 4.754   5.270   1.00 38.94 ? 23  GLU A OE2 1 
ATOM   35   N  N   . LEU A 1 20  ? -9.256  6.605   4.661   1.00 22.53 ? 24  LEU A N   1 
ATOM   36   C  CA  . LEU A 1 20  ? -8.079  7.063   3.935   1.00 22.10 ? 24  LEU A CA  1 
ATOM   37   C  C   . LEU A 1 20  ? -7.754  6.049   2.854   1.00 21.84 ? 24  LEU A C   1 
ATOM   38   O  O   . LEU A 1 20  ? -7.429  4.894   3.169   1.00 19.83 ? 24  LEU A O   1 
ATOM   39   C  CB  . LEU A 1 20  ? -6.876  7.220   4.880   1.00 22.46 ? 24  LEU A CB  1 
ATOM   40   C  CG  . LEU A 1 20  ? -5.496  7.472   4.256   1.00 21.84 ? 24  LEU A CG  1 
ATOM   41   C  CD1 . LEU A 1 20  ? -5.395  8.787   3.425   1.00 21.26 ? 24  LEU A CD1 1 
ATOM   42   C  CD2 . LEU A 1 20  ? -4.424  7.440   5.335   1.00 22.29 ? 24  LEU A CD2 1 
ATOM   43   N  N   . SER A 1 21  ? -7.858  6.465   1.590   1.00 20.11 ? 25  SER A N   1 
ATOM   44   C  CA  . SER A 1 21  ? -7.514  5.582   0.472   1.00 21.19 ? 25  SER A CA  1 
ATOM   45   C  C   . SER A 1 21  ? -6.220  5.983   -0.224  1.00 21.75 ? 25  SER A C   1 
ATOM   46   O  O   . SER A 1 21  ? -5.919  7.175   -0.382  1.00 22.93 ? 25  SER A O   1 
ATOM   47   C  CB  . SER A 1 21  ? -8.664  5.482   -0.531  1.00 21.19 ? 25  SER A CB  1 
ATOM   48   O  OG  . SER A 1 21  ? -9.833  5.050   0.114   1.00 22.72 ? 25  SER A OG  1 
ATOM   49   N  N   . VAL A 1 22  ? -5.451  4.987   -0.632  1.00 18.76 ? 26  VAL A N   1 
ATOM   50   C  CA  . VAL A 1 22  ? -4.191  5.219   -1.343  1.00 18.63 ? 26  VAL A CA  1 
ATOM   51   C  C   . VAL A 1 22  ? -4.009  4.176   -2.447  1.00 20.41 ? 26  VAL A C   1 
ATOM   52   O  O   . VAL A 1 22  ? -4.552  3.069   -2.363  1.00 21.70 ? 26  VAL A O   1 
ATOM   53   C  CB  . VAL A 1 22  ? -2.925  5.198   -0.404  1.00 17.92 ? 26  VAL A CB  1 
ATOM   54   C  CG1 . VAL A 1 22  ? -2.960  6.339   0.612   1.00 18.74 ? 26  VAL A CG1 1 
ATOM   55   C  CG2 . VAL A 1 22  ? -2.762  3.838   0.280   1.00 21.34 ? 26  VAL A CG2 1 
ATOM   56   N  N   . TYR A 1 23  ? -3.244  4.542   -3.471  1.00 20.73 ? 27  TYR A N   1 
ATOM   57   C  CA  . TYR A 1 23  ? -2.860  3.636   -4.546  1.00 21.24 ? 27  TYR A CA  1 
ATOM   58   C  C   . TYR A 1 23  ? -1.403  3.248   -4.415  1.00 22.09 ? 27  TYR A C   1 
ATOM   59   O  O   . TYR A 1 23  ? -0.507  4.102   -4.336  1.00 23.48 ? 27  TYR A O   1 
ATOM   60   C  CB  . TYR A 1 23  ? -3.070  4.280   -5.916  1.00 23.38 ? 27  TYR A CB  1 
ATOM   61   C  CG  . TYR A 1 23  ? -4.472  4.215   -6.428  1.00 26.62 ? 27  TYR A CG  1 
ATOM   62   C  CD1 . TYR A 1 23  ? -4.888  3.157   -7.240  1.00 24.98 ? 27  TYR A CD1 1 
ATOM   63   C  CD2 . TYR A 1 23  ? -5.399  5.214   -6.117  1.00 18.80 ? 27  TYR A CD2 1 
ATOM   64   C  CE1 . TYR A 1 23  ? -6.187  3.098   -7.725  1.00 23.02 ? 27  TYR A CE1 1 
ATOM   65   C  CE2 . TYR A 1 23  ? -6.705  5.162   -6.599  1.00 20.27 ? 27  TYR A CE2 1 
ATOM   66   C  CZ  . TYR A 1 23  ? -7.085  4.105   -7.405  1.00 26.32 ? 27  TYR A CZ  1 
ATOM   67   O  OH  . TYR A 1 23  ? -8.367  4.052   -7.875  1.00 29.23 ? 27  TYR A OH  1 
ATOM   68   N  N   . GLU A 1 24  ? -1.165  1.942   -4.396  1.00 18.36 ? 28  GLU A N   1 
ATOM   69   C  CA  . GLU A 1 24  ? 0.168   1.429   -4.451  1.00 20.40 ? 28  GLU A CA  1 
ATOM   70   C  C   . GLU A 1 24  ? 0.444   0.964   -5.881  1.00 22.88 ? 28  GLU A C   1 
ATOM   71   O  O   . GLU A 1 24  ? -0.317  0.160   -6.440  1.00 21.32 ? 28  GLU A O   1 
ATOM   72   C  CB  . GLU A 1 24  ? 0.337   0.272   -3.463  1.00 22.01 ? 28  GLU A CB  1 
ATOM   73   C  CG  . GLU A 1 24  ? 1.696   -0.397  -3.543  1.00 17.68 ? 28  GLU A CG  1 
ATOM   74   C  CD  . GLU A 1 24  ? 1.786   -1.643  -2.653  1.00 21.28 ? 28  GLU A CD  1 
ATOM   75   O  OE1 . GLU A 1 24  ? 0.728   -2.237  -2.347  1.00 22.67 ? 28  GLU A OE1 1 
ATOM   76   O  OE2 . GLU A 1 24  ? 2.908   -2.026  -2.276  1.00 22.06 ? 28  GLU A OE2 1 
ATOM   77   N  N   . ILE A 1 25  ? 1.531   1.480   -6.443  1.00 22.27 ? 29  ILE A N   1 
ATOM   78   C  CA  . ILE A 1 25  ? 1.891   1.254   -7.848  1.00 26.89 ? 29  ILE A CA  1 
ATOM   79   C  C   . ILE A 1 25  ? 3.331   0.763   -7.995  1.00 25.85 ? 29  ILE A C   1 
ATOM   80   O  O   . ILE A 1 25  ? 4.277   1.364   -7.462  1.00 28.03 ? 29  ILE A O   1 
ATOM   81   C  CB  . ILE A 1 25  ? 1.657   2.540   -8.690  1.00 27.22 ? 29  ILE A CB  1 
ATOM   82   C  CG1 . ILE A 1 25  ? 0.180   2.950   -8.607  1.00 28.63 ? 29  ILE A CG1 1 
ATOM   83   C  CG2 . ILE A 1 25  ? 2.168   2.349   -10.150 1.00 25.52 ? 29  ILE A CG2 1 
ATOM   84   C  CD1 . ILE A 1 25  ? -0.168  4.250   -9.276  1.00 28.90 ? 29  ILE A CD1 1 
ATOM   85   N  N   . ASN A 1 26  ? 3.495   -0.336  -8.727  1.00 25.75 ? 30  ASN A N   1 
ATOM   86   C  CA  . ASN A 1 26  ? 4.810   -0.902  -9.000  1.00 25.59 ? 30  ASN A CA  1 
ATOM   87   C  C   . ASN A 1 26  ? 5.221   -0.545  -10.416 1.00 30.26 ? 30  ASN A C   1 
ATOM   88   O  O   . ASN A 1 26  ? 4.575   -0.981  -11.380 1.00 29.41 ? 30  ASN A O   1 
ATOM   89   C  CB  . ASN A 1 26  ? 4.804   -2.433  -8.830  1.00 26.02 ? 30  ASN A CB  1 
ATOM   90   C  CG  . ASN A 1 26  ? 6.200   -3.047  -8.903  1.00 17.77 ? 30  ASN A CG  1 
ATOM   91   O  OD1 . ASN A 1 26  ? 7.200   -2.351  -9.096  1.00 25.59 ? 30  ASN A OD1 1 
ATOM   92   N  ND2 . ASN A 1 26  ? 6.280   -4.360  -8.705  1.00 25.22 ? 30  ASN A ND2 1 
ATOM   93   N  N   . ASP A 1 27  ? 6.286   0.248   -10.529 1.00 29.61 ? 31  ASP A N   1 
ATOM   94   C  CA  . ASP A 1 27  ? 6.854   0.628   -11.823 1.00 30.41 ? 31  ASP A CA  1 
ATOM   95   C  C   . ASP A 1 27  ? 8.034   -0.254  -12.243 1.00 31.98 ? 31  ASP A C   1 
ATOM   96   O  O   . ASP A 1 27  ? 8.557   -0.117  -13.350 1.00 31.55 ? 31  ASP A O   1 
ATOM   97   C  CB  . ASP A 1 27  ? 7.235   2.110   -11.828 1.00 30.50 ? 31  ASP A CB  1 
ATOM   98   C  CG  . ASP A 1 27  ? 6.026   3.020   -11.938 1.00 32.19 ? 31  ASP A CG  1 
ATOM   99   O  OD1 . ASP A 1 27  ? 6.075   4.145   -11.412 1.00 31.35 ? 31  ASP A OD1 1 
ATOM   100  O  OD2 . ASP A 1 27  ? 5.015   2.615   -12.550 1.00 33.64 ? 31  ASP A OD2 1 
ATOM   101  N  N   . LEU A 1 28  ? 8.447   -1.162  -11.357 1.00 30.67 ? 32  LEU A N   1 
ATOM   102  C  CA  . LEU A 1 28  ? 9.543   -2.085  -11.635 1.00 30.82 ? 32  LEU A CA  1 
ATOM   103  C  C   . LEU A 1 28  ? 10.847  -1.321  -11.890 1.00 30.23 ? 32  LEU A C   1 
ATOM   104  O  O   . LEU A 1 28  ? 11.639  -1.671  -12.767 1.00 30.01 ? 32  LEU A O   1 
ATOM   105  C  CB  . LEU A 1 28  ? 9.168   -3.033  -12.793 1.00 31.48 ? 32  LEU A CB  1 
ATOM   106  C  CG  . LEU A 1 28  ? 7.859   -3.820  -12.597 1.00 31.74 ? 32  LEU A CG  1 
ATOM   107  C  CD1 . LEU A 1 28  ? 7.362   -4.440  -13.882 1.00 33.49 ? 32  LEU A CD1 1 
ATOM   108  C  CD2 . LEU A 1 28  ? 8.025   -4.895  -11.536 1.00 35.10 ? 32  LEU A CD2 1 
ATOM   109  N  N   . ASP A 1 29  ? 11.054  -0.275  -11.093 1.00 27.21 ? 33  ASP A N   1 
ATOM   110  C  CA  . ASP A 1 29  ? 12.284  0.511   -11.078 1.00 28.14 ? 33  ASP A CA  1 
ATOM   111  C  C   . ASP A 1 29  ? 12.917  0.550   -9.679  1.00 29.77 ? 33  ASP A C   1 
ATOM   112  O  O   . ASP A 1 29  ? 13.827  1.347   -9.415  1.00 28.77 ? 33  ASP A O   1 
ATOM   113  C  CB  . ASP A 1 29  ? 12.014  1.935   -11.589 1.00 28.45 ? 33  ASP A CB  1 
ATOM   114  C  CG  . ASP A 1 29  ? 10.907  2.670   -10.806 1.00 37.70 ? 33  ASP A CG  1 
ATOM   115  O  OD1 . ASP A 1 29  ? 10.227  2.068   -9.935  1.00 32.13 ? 33  ASP A OD1 1 
ATOM   116  O  OD2 . ASP A 1 29  ? 10.703  3.868   -11.089 1.00 33.01 ? 33  ASP A OD2 1 
ATOM   117  N  N   . ARG A 1 30  ? 12.428  -0.317  -8.790  1.00 29.45 ? 34  ARG A N   1 
ATOM   118  C  CA  . ARG A 1 30  ? 12.865  -0.344  -7.381  1.00 31.69 ? 34  ARG A CA  1 
ATOM   119  C  C   . ARG A 1 30  ? 13.387  -1.710  -6.987  1.00 30.67 ? 34  ARG A C   1 
ATOM   120  O  O   . ARG A 1 30  ? 13.462  -2.042  -5.796  1.00 29.82 ? 34  ARG A O   1 
ATOM   121  C  CB  . ARG A 1 30  ? 11.717  0.068   -6.448  1.00 30.20 ? 34  ARG A CB  1 
ATOM   122  C  CG  . ARG A 1 30  ? 11.378  1.534   -6.521  1.00 27.23 ? 34  ARG A CG  1 
ATOM   123  C  CD  . ARG A 1 30  ? 10.275  1.947   -5.565  1.00 31.83 ? 34  ARG A CD  1 
ATOM   124  N  NE  . ARG A 1 30  ? 10.682  1.832   -4.159  1.00 26.80 ? 34  ARG A NE  1 
ATOM   125  C  CZ  . ARG A 1 30  ? 11.516  2.665   -3.539  1.00 33.82 ? 34  ARG A CZ  1 
ATOM   126  N  NH1 . ARG A 1 30  ? 12.051  3.697   -4.190  1.00 24.02 ? 34  ARG A NH1 1 
ATOM   127  N  NH2 . ARG A 1 30  ? 11.819  2.459   -2.261  1.00 26.99 ? 34  ARG A NH2 1 
ATOM   128  N  N   . HIS A 1 31  ? 13.746  -2.504  -7.998  1.00 26.70 ? 35  HIS A N   1 
ATOM   129  C  CA  . HIS A 1 31  ? 14.289  -3.845  -7.790  1.00 26.62 ? 35  HIS A CA  1 
ATOM   130  C  C   . HIS A 1 31  ? 13.295  -4.814  -7.145  1.00 22.52 ? 35  HIS A C   1 
ATOM   131  O  O   . HIS A 1 31  ? 13.683  -5.881  -6.662  1.00 25.19 ? 35  HIS A O   1 
ATOM   132  C  CB  . HIS A 1 31  ? 15.605  -3.776  -7.005  1.00 27.46 ? 35  HIS A CB  1 
ATOM   133  C  CG  . HIS A 1 31  ? 16.687  -3.047  -7.739  1.00 33.44 ? 35  HIS A CG  1 
ATOM   134  N  ND1 . HIS A 1 31  ? 17.588  -3.688  -8.566  1.00 34.19 ? 35  HIS A ND1 1 
ATOM   135  C  CD2 . HIS A 1 31  ? 16.992  -1.728  -7.802  1.00 37.14 ? 35  HIS A CD2 1 
ATOM   136  C  CE1 . HIS A 1 31  ? 18.412  -2.798  -9.089  1.00 39.66 ? 35  HIS A CE1 1 
ATOM   137  N  NE2 . HIS A 1 31  ? 18.073  -1.602  -8.640  1.00 38.63 ? 35  HIS A NE2 1 
ATOM   138  N  N   . SER A 1 32  ? 12.023  -4.432  -7.189  1.00 22.97 ? 36  SER A N   1 
ATOM   139  C  CA  . SER A 1 32  ? 10.958  -5.102  -6.433  1.00 24.07 ? 36  SER A CA  1 
ATOM   140  C  C   . SER A 1 32  ? 9.832   -5.641  -7.316  1.00 24.25 ? 36  SER A C   1 
ATOM   141  O  O   . SER A 1 32  ? 9.466   -5.005  -8.300  1.00 23.60 ? 36  SER A O   1 
ATOM   142  C  CB  . SER A 1 32  ? 10.379  -4.122  -5.400  1.00 23.99 ? 36  SER A CB  1 
ATOM   143  O  OG  . SER A 1 32  ? 9.306   -4.706  -4.670  1.00 23.98 ? 36  SER A OG  1 
ATOM   144  N  N   . PRO A 1 33  ? 9.243   -6.796  -6.940  1.00 27.46 ? 37  PRO A N   1 
ATOM   145  C  CA  . PRO A 1 33  ? 9.555   -7.628  -5.763  1.00 28.18 ? 37  PRO A CA  1 
ATOM   146  C  C   . PRO A 1 33  ? 10.820  -8.460  -5.935  1.00 32.02 ? 37  PRO A C   1 
ATOM   147  O  O   . PRO A 1 33  ? 11.003  -9.099  -6.969  1.00 32.85 ? 37  PRO A O   1 
ATOM   148  C  CB  . PRO A 1 33  ? 8.324   -8.533  -5.649  1.00 28.80 ? 37  PRO A CB  1 
ATOM   149  C  CG  . PRO A 1 33  ? 7.831   -8.660  -7.068  1.00 30.77 ? 37  PRO A CG  1 
ATOM   150  C  CD  . PRO A 1 33  ? 8.137   -7.362  -7.743  1.00 26.12 ? 37  PRO A CD  1 
ATOM   151  N  N   . LYS A 1 34  ? 11.688  -8.448  -4.930  1.00 32.93 ? 38  LYS A N   1 
ATOM   152  C  CA  . LYS A 1 34  ? 12.887  -9.263  -4.972  1.00 34.41 ? 38  LYS A CA  1 
ATOM   153  C  C   . LYS A 1 34  ? 12.580  -10.639 -4.378  1.00 35.14 ? 38  LYS A C   1 
ATOM   154  O  O   . LYS A 1 34  ? 12.624  -10.837 -3.158  1.00 36.13 ? 38  LYS A O   1 
ATOM   155  C  CB  . LYS A 1 34  ? 14.047  -8.565  -4.263  1.00 33.63 ? 38  LYS A CB  1 
ATOM   156  C  CG  . LYS A 1 34  ? 15.354  -9.340  -4.233  1.00 40.87 ? 38  LYS A CG  1 
ATOM   157  C  CD  . LYS A 1 34  ? 15.911  -9.624  -5.624  1.00 44.03 ? 38  LYS A CD  1 
ATOM   158  C  CE  . LYS A 1 34  ? 17.441  -9.700  -5.609  1.00 51.55 ? 38  LYS A CE  1 
ATOM   159  N  NZ  . LYS A 1 34  ? 18.004  -10.444 -4.432  1.00 47.84 ? 38  LYS A NZ  1 
ATOM   160  N  N   . ILE A 1 35  ? 12.242  -11.580 -5.258  1.00 35.86 ? 39  ILE A N   1 
ATOM   161  C  CA  . ILE A 1 35  ? 11.890  -12.944 -4.860  1.00 35.65 ? 39  ILE A CA  1 
ATOM   162  C  C   . ILE A 1 35  ? 13.120  -13.717 -4.343  1.00 37.21 ? 39  ILE A C   1 
ATOM   163  O  O   . ILE A 1 35  ? 14.128  -13.856 -5.052  1.00 37.59 ? 39  ILE A O   1 
ATOM   164  C  CB  . ILE A 1 35  ? 11.201  -13.717 -6.019  1.00 36.18 ? 39  ILE A CB  1 
ATOM   165  C  CG1 . ILE A 1 35  ? 9.905   -13.021 -6.451  1.00 39.24 ? 39  ILE A CG1 1 
ATOM   166  C  CG2 . ILE A 1 35  ? 10.918  -15.169 -5.617  1.00 37.24 ? 39  ILE A CG2 1 
ATOM   167  C  CD1 . ILE A 1 35  ? 9.714   -12.959 -7.959  1.00 38.12 ? 39  ILE A CD1 1 
ATOM   168  N  N   . LEU A 1 36  ? 13.036  -14.201 -3.105  1.00 37.33 ? 40  LEU A N   1 
ATOM   169  C  CA  . LEU A 1 36  ? 14.074  -15.053 -2.521  1.00 38.85 ? 40  LEU A CA  1 
ATOM   170  C  C   . LEU A 1 36  ? 13.559  -16.487 -2.521  1.00 40.98 ? 40  LEU A C   1 
ATOM   171  O  O   . LEU A 1 36  ? 12.783  -16.892 -1.649  1.00 40.53 ? 40  LEU A O   1 
ATOM   172  C  CB  . LEU A 1 36  ? 14.451  -14.602 -1.105  1.00 38.04 ? 40  LEU A CB  1 
ATOM   173  C  CG  . LEU A 1 36  ? 14.804  -13.129 -0.894  1.00 39.40 ? 40  LEU A CG  1 
ATOM   174  C  CD1 . LEU A 1 36  ? 15.217  -12.893 0.560   1.00 30.48 ? 40  LEU A CD1 1 
ATOM   175  C  CD2 . LEU A 1 36  ? 15.903  -12.673 -1.852  1.00 38.60 ? 40  LEU A CD2 1 
ATOM   176  N  N   . LYS A 1 37  ? 13.983  -17.246 -3.529  1.00 42.70 ? 41  LYS A N   1 
ATOM   177  C  CA  . LYS A 1 37  ? 13.396  -18.552 -3.814  1.00 43.29 ? 41  LYS A CA  1 
ATOM   178  C  C   . LYS A 1 37  ? 14.073  -19.646 -3.003  1.00 45.54 ? 41  LYS A C   1 
ATOM   179  O  O   . LYS A 1 37  ? 15.262  -19.946 -3.201  1.00 46.26 ? 41  LYS A O   1 
ATOM   180  C  CB  . LYS A 1 37  ? 13.472  -18.856 -5.317  1.00 43.05 ? 41  LYS A CB  1 
ATOM   181  C  CG  . LYS A 1 37  ? 12.474  -19.896 -5.811  1.00 40.49 ? 41  LYS A CG  1 
ATOM   182  C  CD  . LYS A 1 37  ? 11.081  -19.310 -5.972  1.00 32.19 ? 41  LYS A CD  1 
ATOM   183  C  CE  . LYS A 1 37  ? 10.055  -20.372 -6.351  1.00 32.82 ? 41  LYS A CE  1 
ATOM   184  N  NZ  . LYS A 1 37  ? 9.787   -21.322 -5.226  1.00 26.25 ? 41  LYS A NZ  1 
ATOM   185  N  N   . ASN A 1 38  ? 13.302  -20.234 -2.094  1.00 45.53 ? 42  ASN A N   1 
ATOM   186  C  CA  . ASN A 1 38  ? 13.777  -21.310 -1.236  1.00 46.26 ? 42  ASN A CA  1 
ATOM   187  C  C   . ASN A 1 38  ? 12.837  -22.522 -1.252  1.00 46.65 ? 42  ASN A C   1 
ATOM   188  O  O   . ASN A 1 38  ? 13.200  -23.592 -0.755  1.00 49.15 ? 42  ASN A O   1 
ATOM   189  C  CB  . ASN A 1 38  ? 13.964  -20.814 0.209   1.00 44.57 ? 42  ASN A CB  1 
ATOM   190  C  CG  . ASN A 1 38  ? 14.996  -19.691 0.333   1.00 50.31 ? 42  ASN A CG  1 
ATOM   191  O  OD1 . ASN A 1 38  ? 16.005  -19.670 -0.368  1.00 50.08 ? 42  ASN A OD1 1 
ATOM   192  N  ND2 . ASN A 1 38  ? 14.748  -18.762 1.251   1.00 46.42 ? 42  ASN A ND2 1 
ATOM   193  N  N   . ALA A 1 39  ? 11.642  -22.365 -1.825  1.00 46.31 ? 43  ALA A N   1 
ATOM   194  C  CA  . ALA A 1 39  ? 10.612  -23.425 -1.776  1.00 46.14 ? 43  ALA A CA  1 
ATOM   195  C  C   . ALA A 1 39  ? 10.834  -24.559 -2.781  1.00 46.85 ? 43  ALA A C   1 
ATOM   196  O  O   . ALA A 1 39  ? 10.004  -25.476 -2.891  1.00 45.81 ? 43  ALA A O   1 
ATOM   197  C  CB  . ALA A 1 39  ? 9.230   -22.842 -1.960  1.00 45.82 ? 43  ALA A CB  1 
ATOM   198  N  N   . ARG A 1 43  ? 6.788   -22.602 -8.774  1.00 42.60 ? 47  ARG A N   1 
ATOM   199  C  CA  . ARG A 1 43  ? 5.603   -22.193 -8.027  1.00 44.33 ? 47  ARG A CA  1 
ATOM   200  C  C   . ARG A 1 43  ? 5.963   -21.574 -6.674  1.00 43.92 ? 47  ARG A C   1 
ATOM   201  O  O   . ARG A 1 43  ? 6.968   -21.953 -6.059  1.00 43.56 ? 47  ARG A O   1 
ATOM   202  C  CB  . ARG A 1 43  ? 4.643   -23.374 -7.801  1.00 44.64 ? 47  ARG A CB  1 
ATOM   203  C  CG  . ARG A 1 43  ? 4.121   -24.094 -9.056  1.00 53.91 ? 47  ARG A CG  1 
ATOM   204  C  CD  . ARG A 1 43  ? 3.852   -23.171 -10.251 1.00 65.18 ? 47  ARG A CD  1 
ATOM   205  N  NE  . ARG A 1 43  ? 2.969   -22.047 -9.939  1.00 74.54 ? 47  ARG A NE  1 
ATOM   206  C  CZ  . ARG A 1 43  ? 2.796   -20.983 -10.723 1.00 77.08 ? 47  ARG A CZ  1 
ATOM   207  N  NH1 . ARG A 1 43  ? 3.445   -20.883 -11.879 1.00 77.90 ? 47  ARG A NH1 1 
ATOM   208  N  NH2 . ARG A 1 43  ? 1.972   -20.015 -10.349 1.00 75.32 ? 47  ARG A NH2 1 
ATOM   209  N  N   . PHE A 1 44  ? 5.136   -20.623 -6.231  1.00 44.77 ? 48  PHE A N   1 
ATOM   210  C  CA  . PHE A 1 44  ? 5.247   -20.050 -4.889  1.00 43.28 ? 48  PHE A CA  1 
ATOM   211  C  C   . PHE A 1 44  ? 4.809   -21.073 -3.847  1.00 43.75 ? 48  PHE A C   1 
ATOM   212  O  O   . PHE A 1 44  ? 3.686   -21.591 -3.904  1.00 44.42 ? 48  PHE A O   1 
ATOM   213  C  CB  . PHE A 1 44  ? 4.393   -18.778 -4.738  1.00 43.52 ? 48  PHE A CB  1 
ATOM   214  C  CG  . PHE A 1 44  ? 5.033   -17.516 -5.274  1.00 39.46 ? 48  PHE A CG  1 
ATOM   215  C  CD1 . PHE A 1 44  ? 6.367   -17.211 -5.003  1.00 42.31 ? 48  PHE A CD1 1 
ATOM   216  C  CD2 . PHE A 1 44  ? 4.277   -16.610 -6.018  1.00 35.56 ? 48  PHE A CD2 1 
ATOM   217  C  CE1 . PHE A 1 44  ? 6.946   -16.034 -5.490  1.00 39.98 ? 48  PHE A CE1 1 
ATOM   218  C  CE2 . PHE A 1 44  ? 4.841   -15.434 -6.502  1.00 39.32 ? 48  PHE A CE2 1 
ATOM   219  C  CZ  . PHE A 1 44  ? 6.178   -15.143 -6.240  1.00 40.26 ? 48  PHE A CZ  1 
ATOM   220  N  N   . GLY A 1 45  ? 5.699   -21.364 -2.903  1.00 42.30 ? 49  GLY A N   1 
ATOM   221  C  CA  . GLY A 1 45  ? 5.374   -22.193 -1.743  1.00 41.32 ? 49  GLY A CA  1 
ATOM   222  C  C   . GLY A 1 45  ? 6.049   -21.682 -0.481  1.00 40.12 ? 49  GLY A C   1 
ATOM   223  O  O   . GLY A 1 45  ? 6.877   -20.771 -0.540  1.00 40.51 ? 49  GLY A O   1 
ATOM   224  N  N   . LEU A 1 46  ? 5.698   -22.267 0.661   1.00 38.22 ? 50  LEU A N   1 
ATOM   225  C  CA  . LEU A 1 46  ? 6.351   -21.935 1.938   1.00 36.09 ? 50  LEU A CA  1 
ATOM   226  C  C   . LEU A 1 46  ? 7.875   -22.065 1.826   1.00 36.27 ? 50  LEU A C   1 
ATOM   227  O  O   . LEU A 1 46  ? 8.396   -22.972 1.158   1.00 37.68 ? 50  LEU A O   1 
ATOM   228  C  CB  . LEU A 1 46  ? 5.783   -22.789 3.082   1.00 33.61 ? 50  LEU A CB  1 
ATOM   229  C  CG  . LEU A 1 46  ? 6.066   -22.384 4.535   1.00 36.50 ? 50  LEU A CG  1 
ATOM   230  C  CD1 . LEU A 1 46  ? 5.228   -21.186 4.989   1.00 30.23 ? 50  LEU A CD1 1 
ATOM   231  C  CD2 . LEU A 1 46  ? 5.815   -23.550 5.464   1.00 34.58 ? 50  LEU A CD2 1 
ATOM   232  N  N   . GLY A 1 47  ? 8.583   -21.136 2.462   1.00 33.40 ? 51  GLY A N   1 
ATOM   233  C  CA  . GLY A 1 47  ? 10.014  -20.968 2.267   1.00 29.63 ? 51  GLY A CA  1 
ATOM   234  C  C   . GLY A 1 47  ? 10.317  -19.772 1.390   1.00 26.55 ? 51  GLY A C   1 
ATOM   235  O  O   . GLY A 1 47  ? 11.345  -19.122 1.563   1.00 28.04 ? 51  GLY A O   1 
ATOM   236  N  N   . ASP A 1 48  ? 9.428   -19.476 0.444   1.00 27.37 ? 52  ASP A N   1 
ATOM   237  C  CA  . ASP A 1 48  ? 9.605   -18.316 -0.438  1.00 26.88 ? 52  ASP A CA  1 
ATOM   238  C  C   . ASP A 1 48  ? 9.433   -17.018 0.365   1.00 26.30 ? 52  ASP A C   1 
ATOM   239  O  O   . ASP A 1 48  ? 8.461   -16.873 1.086   1.00 28.51 ? 52  ASP A O   1 
ATOM   240  C  CB  . ASP A 1 48  ? 8.611   -18.346 -1.604  1.00 25.85 ? 52  ASP A CB  1 
ATOM   241  C  CG  . ASP A 1 48  ? 8.907   -19.467 -2.605  1.00 34.96 ? 52  ASP A CG  1 
ATOM   242  O  OD1 . ASP A 1 48  ? 10.090  -19.806 -2.787  1.00 32.74 ? 52  ASP A OD1 1 
ATOM   243  O  OD2 . ASP A 1 48  ? 7.952   -19.997 -3.206  1.00 39.84 ? 52  ASP A OD2 1 
ATOM   244  N  N   . LEU A 1 49  ? 10.393  -16.110 0.242   1.00 26.25 ? 53  LEU A N   1 
ATOM   245  C  CA  . LEU A 1 49  ? 10.327  -14.815 0.926   1.00 26.50 ? 53  LEU A CA  1 
ATOM   246  C  C   . LEU A 1 49  ? 10.393  -13.675 -0.084  1.00 27.03 ? 53  LEU A C   1 
ATOM   247  O  O   . LEU A 1 49  ? 11.243  -13.666 -0.978  1.00 26.96 ? 53  LEU A O   1 
ATOM   248  C  CB  . LEU A 1 49  ? 11.432  -14.697 1.986   1.00 24.90 ? 53  LEU A CB  1 
ATOM   249  C  CG  . LEU A 1 49  ? 11.482  -15.736 3.120   1.00 25.99 ? 53  LEU A CG  1 
ATOM   250  C  CD1 . LEU A 1 49  ? 12.799  -15.631 3.869   1.00 22.79 ? 53  LEU A CD1 1 
ATOM   251  C  CD2 . LEU A 1 49  ? 10.310  -15.573 4.084   1.00 26.50 ? 53  LEU A CD2 1 
ATOM   252  N  N   . VAL A 1 50  ? 9.475   -12.718 0.041   1.00 24.77 ? 54  VAL A N   1 
ATOM   253  C  CA  . VAL A 1 50  ? 9.393   -11.641 -0.936  1.00 24.44 ? 54  VAL A CA  1 
ATOM   254  C  C   . VAL A 1 50  ? 9.480   -10.235 -0.299  1.00 24.12 ? 54  VAL A C   1 
ATOM   255  O  O   . VAL A 1 50  ? 8.441   -9.591  -0.085  1.00 23.73 ? 54  VAL A O   1 
ATOM   256  C  CB  . VAL A 1 50  ? 8.112   -11.760 -1.818  1.00 26.06 ? 54  VAL A CB  1 
ATOM   257  C  CG1 . VAL A 1 50  ? 8.206   -10.819 -3.009  1.00 27.26 ? 54  VAL A CG1 1 
ATOM   258  C  CG2 . VAL A 1 50  ? 7.866   -13.226 -2.294  1.00 28.63 ? 54  VAL A CG2 1 
ATOM   259  N  N   . PRO A 1 51  ? 10.709  -9.755  -0.018  1.00 24.05 ? 55  PRO A N   1 
ATOM   260  C  CA  . PRO A 1 51  ? 10.891  -8.356  0.381   1.00 24.23 ? 55  PRO A CA  1 
ATOM   261  C  C   . PRO A 1 51  ? 10.427  -7.494  -0.780  1.00 23.28 ? 55  PRO A C   1 
ATOM   262  O  O   . PRO A 1 51  ? 10.715  -7.815  -1.938  1.00 25.30 ? 55  PRO A O   1 
ATOM   263  C  CB  . PRO A 1 51  ? 12.406  -8.205  0.522   1.00 23.37 ? 55  PRO A CB  1 
ATOM   264  C  CG  . PRO A 1 51  ? 12.948  -9.593  0.583   1.00 26.41 ? 55  PRO A CG  1 
ATOM   265  C  CD  . PRO A 1 51  ? 11.993  -10.478 -0.106  1.00 24.96 ? 55  PRO A CD  1 
ATOM   266  N  N   . PHE A 1 52  ? 9.720   -6.418  -0.475  1.00 19.38 ? 56  PHE A N   1 
ATOM   267  C  CA  . PHE A 1 52  ? 9.145   -5.566  -1.505  1.00 20.15 ? 56  PHE A CA  1 
ATOM   268  C  C   . PHE A 1 52  ? 9.072   -4.091  -1.099  1.00 22.04 ? 56  PHE A C   1 
ATOM   269  O  O   . PHE A 1 52  ? 9.080   -3.739  0.099   1.00 20.49 ? 56  PHE A O   1 
ATOM   270  C  CB  . PHE A 1 52  ? 7.754   -6.085  -1.918  1.00 17.75 ? 56  PHE A CB  1 
ATOM   271  C  CG  . PHE A 1 52  ? 6.678   -5.777  -0.922  1.00 15.64 ? 56  PHE A CG  1 
ATOM   272  C  CD1 . PHE A 1 52  ? 5.946   -4.601  -1.016  1.00 14.68 ? 56  PHE A CD1 1 
ATOM   273  C  CD2 . PHE A 1 52  ? 6.402   -6.663  0.107   1.00 21.86 ? 56  PHE A CD2 1 
ATOM   274  C  CE1 . PHE A 1 52  ? 4.940   -4.300  -0.078  1.00 21.92 ? 56  PHE A CE1 1 
ATOM   275  C  CE2 . PHE A 1 52  ? 5.418   -6.383  1.052   1.00 21.56 ? 56  PHE A CE2 1 
ATOM   276  C  CZ  . PHE A 1 52  ? 4.679   -5.199  0.953   1.00 22.88 ? 56  PHE A CZ  1 
ATOM   277  N  N   . THR A 1 53  ? 8.981   -3.236  -2.118  1.00 19.73 ? 57  THR A N   1 
ATOM   278  C  CA  . THR A 1 53  ? 8.791   -1.806  -1.948  1.00 18.35 ? 57  THR A CA  1 
ATOM   279  C  C   . THR A 1 53  ? 8.233   -1.191  -3.220  1.00 20.43 ? 57  THR A C   1 
ATOM   280  O  O   . THR A 1 53  ? 8.836   -1.310  -4.289  1.00 21.69 ? 57  THR A O   1 
ATOM   281  C  CB  . THR A 1 53  ? 10.095  -1.051  -1.508  1.00 15.16 ? 57  THR A CB  1 
ATOM   282  O  OG1 . THR A 1 53  ? 9.853   0.353   -1.519  1.00 17.51 ? 57  THR A OG1 1 
ATOM   283  C  CG2 . THR A 1 53  ? 11.314  -1.389  -2.423  1.00 21.39 ? 57  THR A CG2 1 
ATOM   284  N  N   . ASN A 1 54  ? 7.069   -0.569  -3.098  1.00 16.03 ? 58  ASN A N   1 
ATOM   285  C  CA  . ASN A 1 54  ? 6.387   0.037   -4.232  1.00 19.66 ? 58  ASN A CA  1 
ATOM   286  C  C   . ASN A 1 54  ? 6.153   1.522   -4.003  1.00 19.13 ? 58  ASN A C   1 
ATOM   287  O  O   . ASN A 1 54  ? 6.421   2.038   -2.908  1.00 20.29 ? 58  ASN A O   1 
ATOM   288  C  CB  . ASN A 1 54  ? 5.077   -0.689  -4.553  1.00 17.02 ? 58  ASN A CB  1 
ATOM   289  C  CG  . ASN A 1 54  ? 5.287   -2.137  -4.972  1.00 25.50 ? 58  ASN A CG  1 
ATOM   290  O  OD1 . ASN A 1 54  ? 6.146   -2.458  -5.810  1.00 25.18 ? 58  ASN A OD1 1 
ATOM   291  N  ND2 . ASN A 1 54  ? 4.492   -3.023  -4.389  1.00 24.77 ? 58  ASN A ND2 1 
ATOM   292  N  N   . LYS A 1 55  ? 5.695   2.219   -5.037  1.00 18.95 ? 59  LYS A N   1 
ATOM   293  C  CA  . LYS A 1 55  ? 5.337   3.627   -4.917  1.00 19.24 ? 59  LYS A CA  1 
ATOM   294  C  C   . LYS A 1 55  ? 3.944   3.764   -4.342  1.00 20.95 ? 59  LYS A C   1 
ATOM   295  O  O   . LYS A 1 55  ? 3.078   2.887   -4.514  1.00 22.60 ? 59  LYS A O   1 
ATOM   296  C  CB  . LYS A 1 55  ? 5.461   4.360   -6.258  1.00 18.84 ? 59  LYS A CB  1 
ATOM   297  C  CG  . LYS A 1 55  ? 6.822   4.146   -6.898  1.00 17.37 ? 59  LYS A CG  1 
ATOM   298  C  CD  . LYS A 1 55  ? 6.905   4.804   -8.287  1.00 25.52 ? 59  LYS A CD  1 
ATOM   299  C  CE  . LYS A 1 55  ? 8.338   4.752   -8.799  1.00 23.77 ? 59  LYS A CE  1 
ATOM   300  N  NZ  . LYS A 1 55  ? 8.430   5.211   -10.228 1.00 28.70 ? 59  LYS A NZ  1 
ATOM   301  N  N   . LEU A 1 56  ? 3.742   4.864   -3.633  1.00 19.72 ? 60  LEU A N   1 
ATOM   302  C  CA  . LEU A 1 56  ? 2.494   5.114   -2.935  1.00 15.77 ? 60  LEU A CA  1 
ATOM   303  C  C   . LEU A 1 56  ? 2.006   6.508   -3.320  1.00 17.17 ? 60  LEU A C   1 
ATOM   304  O  O   . LEU A 1 56  ? 2.782   7.479   -3.295  1.00 17.52 ? 60  LEU A O   1 
ATOM   305  C  CB  . LEU A 1 56  ? 2.686   5.010   -1.412  1.00 16.44 ? 60  LEU A CB  1 
ATOM   306  C  CG  . LEU A 1 56  ? 1.395   4.836   -0.589  1.00 16.60 ? 60  LEU A CG  1 
ATOM   307  C  CD1 . LEU A 1 56  ? 0.687   3.538   -0.959  1.00 16.95 ? 60  LEU A CD1 1 
ATOM   308  C  CD2 . LEU A 1 56  ? 1.708   4.877   0.902   1.00 14.44 ? 60  LEU A CD2 1 
ATOM   309  N  N   . TYR A 1 57  ? 0.733   6.561   -3.706  1.00 15.62 ? 61  TYR A N   1 
ATOM   310  C  CA  . TYR A 1 57  ? 0.035   7.772   -4.154  1.00 21.16 ? 61  TYR A CA  1 
ATOM   311  C  C   . TYR A 1 57  ? -1.251  8.017   -3.374  1.00 22.47 ? 61  TYR A C   1 
ATOM   312  O  O   . TYR A 1 57  ? -1.857  7.093   -2.824  1.00 22.36 ? 61  TYR A O   1 
ATOM   313  C  CB  . TYR A 1 57  ? -0.301  7.680   -5.666  1.00 21.99 ? 61  TYR A CB  1 
ATOM   314  C  CG  . TYR A 1 57  ? 0.906   7.625   -6.556  1.00 23.27 ? 61  TYR A CG  1 
ATOM   315  C  CD1 . TYR A 1 57  ? 1.527   8.810   -6.997  1.00 27.29 ? 61  TYR A CD1 1 
ATOM   316  C  CD2 . TYR A 1 57  ? 1.437   6.400   -6.968  1.00 23.88 ? 61  TYR A CD2 1 
ATOM   317  C  CE1 . TYR A 1 57  ? 2.649   8.768   -7.809  1.00 17.78 ? 61  TYR A CE1 1 
ATOM   318  C  CE2 . TYR A 1 57  ? 2.555   6.341   -7.775  1.00 24.32 ? 61  TYR A CE2 1 
ATOM   319  C  CZ  . TYR A 1 57  ? 3.155   7.530   -8.204  1.00 25.38 ? 61  TYR A CZ  1 
ATOM   320  O  OH  . TYR A 1 57  ? 4.261   7.466   -9.007  1.00 21.58 ? 61  TYR A OH  1 
ATOM   321  N  N   . THR A 1 58  ? -1.685  9.278   -3.348  1.00 22.91 ? 62  THR A N   1 
ATOM   322  C  CA  . THR A 1 58  ? -2.959  9.641   -2.760  1.00 22.84 ? 62  THR A CA  1 
ATOM   323  C  C   . THR A 1 58  ? -4.120  8.935   -3.472  1.00 22.70 ? 62  THR A C   1 
ATOM   324  O  O   . THR A 1 58  ? -3.964  8.475   -4.612  1.00 21.50 ? 62  THR A O   1 
ATOM   325  C  CB  . THR A 1 58  ? -3.176  11.154  -2.822  1.00 25.51 ? 62  THR A CB  1 
ATOM   326  O  OG1 . THR A 1 58  ? -2.880  11.609  -4.157  1.00 26.75 ? 62  THR A OG1 1 
ATOM   327  C  CG2 . THR A 1 58  ? -2.253  11.847  -1.827  1.00 19.01 ? 62  THR A CG2 1 
ATOM   328  N  N   . GLY A 1 59  ? -5.263  8.838   -2.788  1.00 21.08 ? 63  GLY A N   1 
ATOM   329  C  CA  . GLY A 1 59  ? -6.449  8.158   -3.320  1.00 24.30 ? 63  GLY A CA  1 
ATOM   330  C  C   . GLY A 1 59  ? -7.004  8.785   -4.584  1.00 26.55 ? 63  GLY A C   1 
ATOM   331  O  O   . GLY A 1 59  ? -7.591  8.098   -5.426  1.00 27.74 ? 63  GLY A O   1 
ATOM   332  N  N   . ASP A 1 60  ? -6.823  10.099  -4.701  1.00 27.96 ? 64  ASP A N   1 
ATOM   333  C  CA  . ASP A 1 60  ? -7.263  10.857  -5.861  1.00 28.80 ? 64  ASP A CA  1 
ATOM   334  C  C   . ASP A 1 60  ? -6.201  10.868  -6.967  1.00 29.27 ? 64  ASP A C   1 
ATOM   335  O  O   . ASP A 1 60  ? -6.386  11.516  -8.004  1.00 30.62 ? 64  ASP A O   1 
ATOM   336  C  CB  . ASP A 1 60  ? -7.647  12.284  -5.441  1.00 29.22 ? 64  ASP A CB  1 
ATOM   337  C  CG  . ASP A 1 60  ? -6.505  13.031  -4.739  1.00 30.74 ? 64  ASP A CG  1 
ATOM   338  O  OD1 . ASP A 1 60  ? -5.318  12.660  -4.903  1.00 36.21 ? 64  ASP A OD1 1 
ATOM   339  O  OD2 . ASP A 1 60  ? -6.797  14.010  -4.019  1.00 41.60 ? 64  ASP A OD2 1 
ATOM   340  N  N   . LEU A 1 61  ? -5.098  10.156  -6.730  1.00 28.04 ? 65  LEU A N   1 
ATOM   341  C  CA  . LEU A 1 61  ? -3.979  9.978   -7.686  1.00 29.67 ? 65  LEU A CA  1 
ATOM   342  C  C   . LEU A 1 61  ? -3.172  11.238  -8.074  1.00 30.58 ? 65  LEU A C   1 
ATOM   343  O  O   . LEU A 1 61  ? -2.372  11.217  -9.017  1.00 31.61 ? 65  LEU A O   1 
ATOM   344  C  CB  . LEU A 1 61  ? -4.426  9.169   -8.926  1.00 28.57 ? 65  LEU A CB  1 
ATOM   345  C  CG  . LEU A 1 61  ? -4.624  7.670   -8.658  1.00 30.14 ? 65  LEU A CG  1 
ATOM   346  C  CD1 . LEU A 1 61  ? -5.475  6.986   -9.742  1.00 34.59 ? 65  LEU A CD1 1 
ATOM   347  C  CD2 . LEU A 1 61  ? -3.297  6.958   -8.520  1.00 21.20 ? 65  LEU A CD2 1 
ATOM   348  N  N   . LYS A 1 62  ? -3.348  12.311  -7.314  1.00 31.44 ? 66  LYS A N   1 
ATOM   349  C  CA  . LYS A 1 62  ? -2.709  13.597  -7.628  1.00 31.42 ? 66  LYS A CA  1 
ATOM   350  C  C   . LYS A 1 62  ? -1.273  13.733  -7.130  1.00 30.27 ? 66  LYS A C   1 
ATOM   351  O  O   . LYS A 1 62  ? -0.452  14.411  -7.759  1.00 31.26 ? 66  LYS A O   1 
ATOM   352  C  CB  . LYS A 1 62  ? -3.553  14.747  -7.088  1.00 31.18 ? 66  LYS A CB  1 
ATOM   353  C  CG  . LYS A 1 62  ? -4.899  14.841  -7.757  1.00 35.81 ? 66  LYS A CG  1 
ATOM   354  C  CD  . LYS A 1 62  ? -5.720  15.960  -7.192  1.00 35.21 ? 66  LYS A CD  1 
ATOM   355  C  CE  . LYS A 1 62  ? -6.902  16.265  -8.079  1.00 32.78 ? 66  LYS A CE  1 
ATOM   356  N  NZ  . LYS A 1 62  ? -7.866  17.197  -7.412  1.00 36.43 ? 66  LYS A NZ  1 
ATOM   357  N  N   . LYS A 1 63  ? -0.965  13.100  -6.003  1.00 28.16 ? 67  LYS A N   1 
ATOM   358  C  CA  . LYS A 1 63  ? 0.347   13.264  -5.400  1.00 27.08 ? 67  LYS A CA  1 
ATOM   359  C  C   . LYS A 1 63  ? 1.037   11.964  -5.027  1.00 24.50 ? 67  LYS A C   1 
ATOM   360  O  O   . LYS A 1 63  ? 0.387   10.995  -4.615  1.00 22.29 ? 67  LYS A O   1 
ATOM   361  C  CB  . LYS A 1 63  ? 0.257   14.178  -4.176  1.00 29.39 ? 67  LYS A CB  1 
ATOM   362  C  CG  . LYS A 1 63  ? -0.038  15.647  -4.506  1.00 37.26 ? 67  LYS A CG  1 
ATOM   363  C  CD  . LYS A 1 63  ? 0.482   16.579  -3.413  1.00 38.82 ? 67  LYS A CD  1 
ATOM   364  C  CE  . LYS A 1 63  ? 0.014   18.017  -3.625  1.00 41.83 ? 67  LYS A CE  1 
ATOM   365  N  NZ  . LYS A 1 63  ? -1.431  18.159  -3.284  1.00 46.30 ? 67  LYS A NZ  1 
ATOM   366  N  N   . ARG A 1 64  ? 2.353   11.954  -5.214  1.00 23.93 ? 68  ARG A N   1 
ATOM   367  C  CA  . ARG A 1 64  ? 3.222   10.938  -4.663  1.00 25.36 ? 68  ARG A CA  1 
ATOM   368  C  C   . ARG A 1 64  ? 3.396   11.237  -3.177  1.00 26.21 ? 68  ARG A C   1 
ATOM   369  O  O   . ARG A 1 64  ? 3.807   12.345  -2.817  1.00 27.25 ? 68  ARG A O   1 
ATOM   370  C  CB  . ARG A 1 64  ? 4.579   10.965  -5.355  1.00 25.55 ? 68  ARG A CB  1 
ATOM   371  C  CG  . ARG A 1 64  ? 5.631   10.063  -4.724  1.00 25.23 ? 68  ARG A CG  1 
ATOM   372  C  CD  . ARG A 1 64  ? 5.528   8.605   -5.199  1.00 21.80 ? 68  ARG A CD  1 
ATOM   373  N  NE  . ARG A 1 64  ? 6.596   7.805   -4.615  1.00 20.69 ? 68  ARG A NE  1 
ATOM   374  C  CZ  . ARG A 1 64  ? 7.780   7.575   -5.177  1.00 28.81 ? 68  ARG A CZ  1 
ATOM   375  N  NH1 . ARG A 1 64  ? 8.077   8.064   -6.383  1.00 28.04 ? 68  ARG A NH1 1 
ATOM   376  N  NH2 . ARG A 1 64  ? 8.669   6.831   -4.534  1.00 31.45 ? 68  ARG A NH2 1 
ATOM   377  N  N   . VAL A 1 65  ? 3.076   10.258  -2.332  1.00 24.83 ? 69  VAL A N   1 
ATOM   378  C  CA  . VAL A 1 65  ? 3.210   10.422  -0.871  1.00 25.44 ? 69  VAL A CA  1 
ATOM   379  C  C   . VAL A 1 65  ? 4.466   9.766   -0.335  1.00 26.39 ? 69  VAL A C   1 
ATOM   380  O  O   . VAL A 1 65  ? 5.116   10.285  0.575   1.00 29.09 ? 69  VAL A O   1 
ATOM   381  C  CB  . VAL A 1 65  ? 1.963   9.948   -0.078  1.00 24.75 ? 69  VAL A CB  1 
ATOM   382  C  CG1 . VAL A 1 65  ? 0.729   10.722  -0.507  1.00 24.36 ? 69  VAL A CG1 1 
ATOM   383  C  CG2 . VAL A 1 65  ? 1.737   8.438   -0.184  1.00 25.40 ? 69  VAL A CG2 1 
ATOM   384  N  N   . GLY A 1 66  ? 4.821   8.625   -0.914  1.00 22.99 ? 70  GLY A N   1 
ATOM   385  C  CA  . GLY A 1 66  ? 5.971   7.882   -0.480  1.00 23.64 ? 70  GLY A CA  1 
ATOM   386  C  C   . GLY A 1 66  ? 6.041   6.510   -1.110  1.00 23.28 ? 70  GLY A C   1 
ATOM   387  O  O   . GLY A 1 66  ? 5.933   6.369   -2.337  1.00 20.69 ? 70  GLY A O   1 
ATOM   388  N  N   . ILE A 1 67  ? 6.231   5.507   -0.262  1.00 17.88 ? 71  ILE A N   1 
ATOM   389  C  CA  . ILE A 1 67  ? 6.511   4.135   -0.705  1.00 17.86 ? 71  ILE A CA  1 
ATOM   390  C  C   . ILE A 1 67  ? 5.828   3.180   0.267   1.00 19.38 ? 71  ILE A C   1 
ATOM   391  O  O   . ILE A 1 67  ? 5.380   3.590   1.346   1.00 18.23 ? 71  ILE A O   1 
ATOM   392  C  CB  . ILE A 1 67  ? 8.053   3.804   -0.739  1.00 18.92 ? 71  ILE A CB  1 
ATOM   393  C  CG1 . ILE A 1 67  ? 8.683   3.798   0.682   1.00 16.57 ? 71  ILE A CG1 1 
ATOM   394  C  CG2 . ILE A 1 67  ? 8.809   4.751   -1.715  1.00 15.85 ? 71  ILE A CG2 1 
ATOM   395  C  CD1 . ILE A 1 67  ? 10.141  3.333   0.749   1.00 18.79 ? 71  ILE A CD1 1 
ATOM   396  N  N   . THR A 1 68  ? 5.737   1.916   -0.138  1.00 17.58 ? 72  THR A N   1 
ATOM   397  C  CA  . THR A 1 68  ? 5.468   0.822   0.784   1.00 15.60 ? 72  THR A CA  1 
ATOM   398  C  C   . THR A 1 68  ? 6.795   0.124   0.971   1.00 15.12 ? 72  THR A C   1 
ATOM   399  O  O   . THR A 1 68  ? 7.693   0.201   0.101   1.00 15.40 ? 72  THR A O   1 
ATOM   400  C  CB  . THR A 1 68  ? 4.447   -0.188  0.232   1.00 17.40 ? 72  THR A CB  1 
ATOM   401  O  OG1 . THR A 1 68  ? 4.841   -0.605  -1.098  1.00 15.01 ? 72  THR A OG1 1 
ATOM   402  C  CG2 . THR A 1 68  ? 3.027   0.408   0.229   1.00 15.72 ? 72  THR A CG2 1 
ATOM   403  N  N   . ALA A 1 69  ? 6.948   -0.581  2.087   1.00 11.48 ? 73  ALA A N   1 
ATOM   404  C  CA  . ALA A 1 69  ? 8.193   -1.253  2.353   1.00 13.19 ? 73  ALA A CA  1 
ATOM   405  C  C   . ALA A 1 69  ? 7.969   -2.336  3.387   1.00 14.95 ? 73  ALA A C   1 
ATOM   406  O  O   . ALA A 1 69  ? 7.464   -2.055  4.483   1.00 13.74 ? 73  ALA A O   1 
ATOM   407  C  CB  . ALA A 1 69  ? 9.253   -0.234  2.850   1.00 13.63 ? 73  ALA A CB  1 
ATOM   408  N  N   . GLY A 1 70  ? 8.350   -3.563  3.048   1.00 14.49 ? 74  GLY A N   1 
ATOM   409  C  CA  . GLY A 1 70  ? 8.270   -4.662  3.997   1.00 13.10 ? 74  GLY A CA  1 
ATOM   410  C  C   . GLY A 1 70  ? 8.450   -6.024  3.388   1.00 16.40 ? 74  GLY A C   1 
ATOM   411  O  O   . GLY A 1 70  ? 9.203   -6.203  2.399   1.00 18.43 ? 74  GLY A O   1 
ATOM   412  N  N   . LEU A 1 71  ? 7.781   -7.011  3.972   1.00 17.90 ? 75  LEU A N   1 
ATOM   413  C  CA  . LEU A 1 71  ? 8.068   -8.403  3.587   1.00 19.03 ? 75  LEU A CA  1 
ATOM   414  C  C   . LEU A 1 71  ? 6.788   -9.207  3.420   1.00 19.35 ? 75  LEU A C   1 
ATOM   415  O  O   . LEU A 1 71  ? 5.898   -9.137  4.278   1.00 16.50 ? 75  LEU A O   1 
ATOM   416  C  CB  . LEU A 1 71  ? 8.973   -9.059  4.643   1.00 17.85 ? 75  LEU A CB  1 
ATOM   417  C  CG  . LEU A 1 71  ? 9.361   -10.533 4.554   1.00 16.62 ? 75  LEU A CG  1 
ATOM   418  C  CD1 . LEU A 1 71  ? 10.255  -10.791 3.317   1.00 20.49 ? 75  LEU A CD1 1 
ATOM   419  C  CD2 . LEU A 1 71  ? 10.109  -10.968 5.825   1.00 21.15 ? 75  LEU A CD2 1 
ATOM   420  N  N   . CYS A 1 72  ? 6.698   -9.960  2.316   1.00 18.38 ? 76  CYS A N   1 
ATOM   421  C  CA  . CYS A 1 72  ? 5.650   -10.979 2.138   1.00 17.59 ? 76  CYS A CA  1 
ATOM   422  C  C   . CYS A 1 72  ? 6.246   -12.360 2.339   1.00 21.31 ? 76  CYS A C   1 
ATOM   423  O  O   . CYS A 1 72  ? 7.264   -12.696 1.727   1.00 22.31 ? 76  CYS A O   1 
ATOM   424  C  CB  . CYS A 1 72  ? 5.023   -10.915 0.740   1.00 19.70 ? 76  CYS A CB  1 
ATOM   425  S  SG  . CYS A 1 72  ? 3.713   -9.712  0.580   1.00 25.44 ? 76  CYS A SG  1 
ATOM   426  N  N   . VAL A 1 73  ? 5.615   -13.136 3.208   1.00 18.00 ? 77  VAL A N   1 
ATOM   427  C  CA  . VAL A 1 73  ? 6.035   -14.497 3.490   1.00 20.09 ? 77  VAL A CA  1 
ATOM   428  C  C   . VAL A 1 73  ? 5.048   -15.411 2.777   1.00 19.24 ? 77  VAL A C   1 
ATOM   429  O  O   . VAL A 1 73  ? 3.881   -15.454 3.136   1.00 20.33 ? 77  VAL A O   1 
ATOM   430  C  CB  . VAL A 1 73  ? 6.042   -14.776 5.018   1.00 21.05 ? 77  VAL A CB  1 
ATOM   431  C  CG1 . VAL A 1 73  ? 6.283   -16.282 5.311   1.00 18.90 ? 77  VAL A CG1 1 
ATOM   432  C  CG2 . VAL A 1 73  ? 7.072   -13.913 5.687   1.00 17.87 ? 77  VAL A CG2 1 
ATOM   433  N  N   . VAL A 1 74  ? 5.505   -16.126 1.740   1.00 21.15 ? 78  VAL A N   1 
ATOM   434  C  CA  . VAL A 1 74  ? 4.605   -17.039 1.053   1.00 23.50 ? 78  VAL A CA  1 
ATOM   435  C  C   . VAL A 1 74  ? 4.125   -18.061 2.070   1.00 21.52 ? 78  VAL A C   1 
ATOM   436  O  O   . VAL A 1 74  ? 4.925   -18.596 2.834   1.00 21.93 ? 78  VAL A O   1 
ATOM   437  C  CB  . VAL A 1 74  ? 5.275   -17.731 -0.149  1.00 24.79 ? 78  VAL A CB  1 
ATOM   438  C  CG1 . VAL A 1 74  ? 4.314   -18.732 -0.771  1.00 30.09 ? 78  VAL A CG1 1 
ATOM   439  C  CG2 . VAL A 1 74  ? 5.675   -16.703 -1.193  1.00 26.74 ? 78  VAL A CG2 1 
ATOM   440  N  N   . ILE A 1 75  ? 2.821   -18.297 2.121   1.00 23.75 ? 79  ILE A N   1 
ATOM   441  C  CA  . ILE A 1 75  ? 2.291   -19.306 3.030   1.00 25.09 ? 79  ILE A CA  1 
ATOM   442  C  C   . ILE A 1 75  ? 2.057   -20.598 2.250   1.00 29.83 ? 79  ILE A C   1 
ATOM   443  O  O   . ILE A 1 75  ? 2.372   -21.694 2.735   1.00 28.19 ? 79  ILE A O   1 
ATOM   444  C  CB  . ILE A 1 75  ? 1.017   -18.814 3.784   1.00 26.73 ? 79  ILE A CB  1 
ATOM   445  C  CG1 . ILE A 1 75  ? 1.373   -17.612 4.677   1.00 21.41 ? 79  ILE A CG1 1 
ATOM   446  C  CG2 . ILE A 1 75  ? 0.402   -19.926 4.658   1.00 18.18 ? 79  ILE A CG2 1 
ATOM   447  C  CD1 . ILE A 1 75  ? 2.644   -17.838 5.521   1.00 17.52 ? 79  ILE A CD1 1 
ATOM   448  N  N   . GLU A 1 76  ? 1.528   -20.447 1.037   1.00 31.74 ? 80  GLU A N   1 
ATOM   449  C  CA  . GLU A 1 76  ? 1.262   -21.582 0.154   1.00 35.98 ? 80  GLU A CA  1 
ATOM   450  C  C   . GLU A 1 76  ? 0.832   -21.154 -1.256  1.00 39.30 ? 80  GLU A C   1 
ATOM   451  O  O   . GLU A 1 76  ? 0.343   -20.043 -1.458  1.00 39.09 ? 80  GLU A O   1 
ATOM   452  C  CB  . GLU A 1 76  ? 0.172   -22.472 0.761   1.00 32.95 ? 80  GLU A CB  1 
ATOM   453  C  CG  . GLU A 1 76  ? -1.168  -21.780 0.956   1.00 33.67 ? 80  GLU A CG  1 
ATOM   454  C  CD  . GLU A 1 76  ? -2.129  -22.588 1.806   1.00 38.36 ? 80  GLU A CD  1 
ATOM   455  O  OE1 . GLU A 1 76  ? -2.863  -21.986 2.625   1.00 40.91 ? 80  GLU A OE1 1 
ATOM   456  O  OE2 . GLU A 1 76  ? -2.145  -23.835 1.659   1.00 40.58 ? 80  GLU A OE2 1 
ATOM   457  N  N   . HIS A 1 77  ? 1.005   -22.054 -2.219  1.00 42.88 ? 81  HIS A N   1 
ATOM   458  C  CA  . HIS A 1 77  ? 0.337   -21.922 -3.506  1.00 47.47 ? 81  HIS A CA  1 
ATOM   459  C  C   . HIS A 1 77  ? -1.073  -22.459 -3.338  1.00 49.48 ? 81  HIS A C   1 
ATOM   460  O  O   . HIS A 1 77  ? -1.313  -23.355 -2.524  1.00 50.91 ? 81  HIS A O   1 
ATOM   461  C  CB  . HIS A 1 77  ? 1.074   -22.704 -4.597  1.00 48.99 ? 81  HIS A CB  1 
ATOM   462  C  CG  . HIS A 1 77  ? 0.502   -22.521 -5.970  1.00 54.84 ? 81  HIS A CG  1 
ATOM   463  N  ND1 . HIS A 1 77  ? 0.812   -21.440 -6.770  1.00 55.72 ? 81  HIS A ND1 1 
ATOM   464  C  CD2 . HIS A 1 77  ? -0.357  -23.286 -6.688  1.00 56.95 ? 81  HIS A CD2 1 
ATOM   465  C  CE1 . HIS A 1 77  ? 0.166   -21.546 -7.919  1.00 56.07 ? 81  HIS A CE1 1 
ATOM   466  N  NE2 . HIS A 1 77  ? -0.550  -22.655 -7.894  1.00 56.73 ? 81  HIS A NE2 1 
ATOM   467  N  N   . VAL A 1 78  ? -2.011  -21.887 -4.080  1.00 52.25 ? 82  VAL A N   1 
ATOM   468  C  CA  . VAL A 1 78  ? -3.368  -22.418 -4.137  1.00 54.99 ? 82  VAL A CA  1 
ATOM   469  C  C   . VAL A 1 78  ? -3.618  -22.893 -5.575  1.00 57.45 ? 82  VAL A C   1 
ATOM   470  O  O   . VAL A 1 78  ? -3.946  -22.083 -6.453  1.00 57.85 ? 82  VAL A O   1 
ATOM   471  C  CB  . VAL A 1 78  ? -4.444  -21.389 -3.670  1.00 54.07 ? 82  VAL A CB  1 
ATOM   472  C  CG1 . VAL A 1 78  ? -5.842  -22.001 -3.733  1.00 53.00 ? 82  VAL A CG1 1 
ATOM   473  C  CG2 . VAL A 1 78  ? -4.151  -20.897 -2.257  1.00 55.45 ? 82  VAL A CG2 1 
ATOM   474  N  N   . PRO A 1 79  ? -3.428  -24.208 -5.824  1.00 59.04 ? 83  PRO A N   1 
ATOM   475  C  CA  . PRO A 1 79  ? -3.691  -24.823 -7.133  1.00 60.19 ? 83  PRO A CA  1 
ATOM   476  C  C   . PRO A 1 79  ? -5.109  -24.550 -7.650  1.00 60.30 ? 83  PRO A C   1 
ATOM   477  O  O   . PRO A 1 79  ? -5.316  -24.458 -8.866  1.00 61.34 ? 83  PRO A O   1 
ATOM   478  C  CB  . PRO A 1 79  ? -3.505  -26.328 -6.862  1.00 60.66 ? 83  PRO A CB  1 
ATOM   479  C  CG  . PRO A 1 79  ? -3.551  -26.470 -5.358  1.00 60.19 ? 83  PRO A CG  1 
ATOM   480  C  CD  . PRO A 1 79  ? -2.939  -25.207 -4.857  1.00 59.27 ? 83  PRO A CD  1 
ATOM   481  N  N   . GLU A 1 80  ? -6.057  -24.411 -6.722  1.00 59.31 ? 84  GLU A N   1 
ATOM   482  C  CA  . GLU A 1 80  ? -7.468  -24.206 -7.031  1.00 57.47 ? 84  GLU A CA  1 
ATOM   483  C  C   . GLU A 1 80  ? -7.737  -22.894 -7.766  1.00 56.45 ? 84  GLU A C   1 
ATOM   484  O  O   . GLU A 1 80  ? -8.332  -22.897 -8.849  1.00 55.50 ? 84  GLU A O   1 
ATOM   485  C  CB  . GLU A 1 80  ? -8.289  -24.248 -5.741  1.00 57.62 ? 84  GLU A CB  1 
ATOM   486  C  CG  . GLU A 1 80  ? -9.798  -24.250 -5.957  1.00 62.45 ? 84  GLU A CG  1 
ATOM   487  C  CD  . GLU A 1 80  ? -10.555 -23.578 -4.825  1.00 64.48 ? 84  GLU A CD  1 
ATOM   488  O  OE1 . GLU A 1 80  ? -11.421 -22.726 -5.120  1.00 65.16 ? 84  GLU A OE1 1 
ATOM   489  O  OE2 . GLU A 1 80  ? -10.276 -23.890 -3.647  1.00 64.35 ? 84  GLU A OE2 1 
ATOM   490  N  N   . LYS A 1 81  ? -7.292  -21.780 -7.175  1.00 55.05 ? 85  LYS A N   1 
ATOM   491  C  CA  . LYS A 1 81  ? -7.605  -20.437 -7.679  1.00 52.83 ? 85  LYS A CA  1 
ATOM   492  C  C   . LYS A 1 81  ? -6.429  -19.785 -8.414  1.00 53.09 ? 85  LYS A C   1 
ATOM   493  O  O   . LYS A 1 81  ? -6.338  -18.553 -8.487  1.00 51.62 ? 85  LYS A O   1 
ATOM   494  C  CB  . LYS A 1 81  ? -8.096  -19.541 -6.537  1.00 51.28 ? 85  LYS A CB  1 
ATOM   495  C  CG  . LYS A 1 81  ? -9.146  -20.190 -5.653  1.00 47.83 ? 85  LYS A CG  1 
ATOM   496  C  CD  . LYS A 1 81  ? -9.756  -19.199 -4.692  1.00 39.46 ? 85  LYS A CD  1 
ATOM   497  C  CE  . LYS A 1 81  ? -10.436 -19.916 -3.545  1.00 44.60 ? 85  LYS A CE  1 
ATOM   498  N  NZ  . LYS A 1 81  ? -11.510 -19.092 -2.933  1.00 44.78 ? 85  LYS A NZ  1 
ATOM   499  N  N   . ASN A 1 82  ? -5.537  -20.621 -8.956  1.00 54.15 ? 86  ASN A N   1 
ATOM   500  C  CA  . ASN A 1 82  ? -4.358  -20.174 -9.715  1.00 54.60 ? 86  ASN A CA  1 
ATOM   501  C  C   . ASN A 1 82  ? -3.696  -18.939 -9.095  1.00 53.48 ? 86  ASN A C   1 
ATOM   502  O  O   . ASN A 1 82  ? -3.350  -17.980 -9.791  1.00 53.88 ? 86  ASN A O   1 
ATOM   503  C  CB  . ASN A 1 82  ? -4.716  -19.909 -11.189 1.00 55.53 ? 86  ASN A CB  1 
ATOM   504  C  CG  . ASN A 1 82  ? -5.278  -21.139 -11.899 1.00 59.30 ? 86  ASN A CG  1 
ATOM   505  O  OD1 . ASN A 1 82  ? -5.392  -22.221 -11.317 1.00 57.11 ? 86  ASN A OD1 1 
ATOM   506  N  ND2 . ASN A 1 82  ? -5.639  -20.967 -13.171 1.00 61.43 ? 86  ASN A ND2 1 
ATOM   507  N  N   . GLY A 1 83  ? -3.545  -18.971 -7.776  1.00 51.92 ? 87  GLY A N   1 
ATOM   508  C  CA  . GLY A 1 83  ? -3.016  -17.839 -7.029  1.00 48.80 ? 87  GLY A CA  1 
ATOM   509  C  C   . GLY A 1 83  ? -2.197  -18.286 -5.839  1.00 46.27 ? 87  GLY A C   1 
ATOM   510  O  O   . GLY A 1 83  ? -1.883  -19.474 -5.693  1.00 44.32 ? 87  GLY A O   1 
ATOM   511  N  N   . ASP A 1 84  ? -1.834  -17.326 -4.993  1.00 42.95 ? 88  ASP A N   1 
ATOM   512  C  CA  . ASP A 1 84  ? -1.036  -17.629 -3.810  1.00 39.87 ? 88  ASP A CA  1 
ATOM   513  C  C   . ASP A 1 84  ? -1.506  -16.833 -2.592  1.00 36.99 ? 88  ASP A C   1 
ATOM   514  O  O   . ASP A 1 84  ? -2.114  -15.763 -2.715  1.00 36.11 ? 88  ASP A O   1 
ATOM   515  C  CB  . ASP A 1 84  ? 0.456   -17.398 -4.070  1.00 40.23 ? 88  ASP A CB  1 
ATOM   516  C  CG  . ASP A 1 84  ? 0.917   -17.960 -5.412  1.00 43.63 ? 88  ASP A CG  1 
ATOM   517  O  OD1 . ASP A 1 84  ? 1.506   -19.063 -5.442  1.00 43.18 ? 88  ASP A OD1 1 
ATOM   518  O  OD2 . ASP A 1 84  ? 0.678   -17.295 -6.441  1.00 45.46 ? 88  ASP A OD2 1 
ATOM   519  N  N   . ARG A 1 85  ? -1.236  -17.383 -1.416  1.00 33.95 ? 89  ARG A N   1 
ATOM   520  C  CA  . ARG A 1 85  ? -1.519  -16.705 -0.168  1.00 30.22 ? 89  ARG A CA  1 
ATOM   521  C  C   . ARG A 1 85  ? -0.202  -16.243 0.477   1.00 26.99 ? 89  ARG A C   1 
ATOM   522  O  O   . ARG A 1 85  ? 0.749   -17.017 0.601   1.00 26.32 ? 89  ARG A O   1 
ATOM   523  C  CB  . ARG A 1 85  ? -2.300  -17.623 0.767   1.00 28.59 ? 89  ARG A CB  1 
ATOM   524  C  CG  . ARG A 1 85  ? -2.341  -17.114 2.176   1.00 31.88 ? 89  ARG A CG  1 
ATOM   525  C  CD  . ARG A 1 85  ? -2.948  -18.066 3.139   1.00 33.23 ? 89  ARG A CD  1 
ATOM   526  N  NE  . ARG A 1 85  ? -3.313  -17.281 4.302   1.00 35.84 ? 89  ARG A NE  1 
ATOM   527  C  CZ  . ARG A 1 85  ? -4.549  -16.908 4.608   1.00 38.17 ? 89  ARG A CZ  1 
ATOM   528  N  NH1 . ARG A 1 85  ? -5.586  -17.310 3.866   1.00 33.13 ? 89  ARG A NH1 1 
ATOM   529  N  NH2 . ARG A 1 85  ? -4.740  -16.148 5.680   1.00 22.83 ? 89  ARG A NH2 1 
ATOM   530  N  N   . PHE A 1 86  ? -0.155  -14.971 0.869   1.00 23.53 ? 90  PHE A N   1 
ATOM   531  C  CA  . PHE A 1 86  ? 1.025   -14.406 1.526   1.00 21.64 ? 90  PHE A CA  1 
ATOM   532  C  C   . PHE A 1 86  ? 0.646   -13.938 2.935   1.00 19.42 ? 90  PHE A C   1 
ATOM   533  O  O   . PHE A 1 86  ? -0.511  -13.600 3.193   1.00 20.66 ? 90  PHE A O   1 
ATOM   534  C  CB  . PHE A 1 86  ? 1.550   -13.180 0.763   1.00 23.68 ? 90  PHE A CB  1 
ATOM   535  C  CG  . PHE A 1 86  ? 2.202   -13.498 -0.561  1.00 26.75 ? 90  PHE A CG  1 
ATOM   536  C  CD1 . PHE A 1 86  ? 3.581   -13.642 -0.655  1.00 30.34 ? 90  PHE A CD1 1 
ATOM   537  C  CD2 . PHE A 1 86  ? 1.436   -13.607 -1.721  1.00 35.19 ? 90  PHE A CD2 1 
ATOM   538  C  CE1 . PHE A 1 86  ? 4.189   -13.916 -1.881  1.00 35.80 ? 90  PHE A CE1 1 
ATOM   539  C  CE2 . PHE A 1 86  ? 2.037   -13.883 -2.954  1.00 29.83 ? 90  PHE A CE2 1 
ATOM   540  C  CZ  . PHE A 1 86  ? 3.410   -14.038 -3.029  1.00 30.26 ? 90  PHE A CZ  1 
ATOM   541  N  N   . GLU A 1 87  ? 1.624   -13.922 3.838   1.00 18.92 ? 91  GLU A N   1 
ATOM   542  C  CA  . GLU A 1 87  ? 1.462   -13.208 5.119   1.00 16.29 ? 91  GLU A CA  1 
ATOM   543  C  C   . GLU A 1 87  ? 2.391   -11.994 5.044   1.00 14.84 ? 91  GLU A C   1 
ATOM   544  O  O   . GLU A 1 87  ? 3.586   -12.134 4.830   1.00 14.53 ? 91  GLU A O   1 
ATOM   545  C  CB  . GLU A 1 87  ? 1.851   -14.088 6.312   1.00 14.40 ? 91  GLU A CB  1 
ATOM   546  C  CG  . GLU A 1 87  ? 1.727   -13.395 7.667   1.00 8.70  ? 91  GLU A CG  1 
ATOM   547  C  CD  . GLU A 1 87  ? 0.287   -13.061 8.055   1.00 18.55 ? 91  GLU A CD  1 
ATOM   548  O  OE1 . GLU A 1 87  ? -0.687  -13.737 7.611   1.00 14.65 ? 91  GLU A OE1 1 
ATOM   549  O  OE2 . GLU A 1 87  ? 0.124   -12.099 8.827   1.00 15.29 ? 91  GLU A OE2 1 
ATOM   550  N  N   . ALA A 1 88  ? 1.823   -10.811 5.225   1.00 13.59 ? 92  ALA A N   1 
ATOM   551  C  CA  . ALA A 1 88  ? 2.547   -9.575  4.972   1.00 13.63 ? 92  ALA A CA  1 
ATOM   552  C  C   . ALA A 1 88  ? 2.732   -8.716  6.238   1.00 14.34 ? 92  ALA A C   1 
ATOM   553  O  O   . ALA A 1 88  ? 1.821   -8.583  7.058   1.00 13.35 ? 92  ALA A O   1 
ATOM   554  C  CB  . ALA A 1 88  ? 1.807   -8.766  3.885   1.00 11.07 ? 92  ALA A CB  1 
ATOM   555  N  N   . THR A 1 89  ? 3.910   -8.120  6.342   1.00 12.71 ? 93  THR A N   1 
ATOM   556  C  CA  . THR A 1 89  ? 4.279   -7.188  7.409   1.00 13.37 ? 93  THR A CA  1 
ATOM   557  C  C   . THR A 1 89  ? 4.939   -6.023  6.684   1.00 13.85 ? 93  THR A C   1 
ATOM   558  O  O   . THR A 1 89  ? 6.026   -6.179  6.110   1.00 14.89 ? 93  THR A O   1 
ATOM   559  C  CB  . THR A 1 89  ? 5.318   -7.867  8.334   1.00 17.16 ? 93  THR A CB  1 
ATOM   560  O  OG1 . THR A 1 89  ? 4.772   -9.106  8.823   1.00 17.73 ? 93  THR A OG1 1 
ATOM   561  C  CG2 . THR A 1 89  ? 5.699   -6.963  9.510   1.00 24.86 ? 93  THR A CG2 1 
ATOM   562  N  N   . TYR A 1 90  ? 4.276   -4.875  6.638   1.00 12.29 ? 94  TYR A N   1 
ATOM   563  C  CA  . TYR A 1 90  ? 4.872   -3.738  5.933   1.00 13.40 ? 94  TYR A CA  1 
ATOM   564  C  C   . TYR A 1 90  ? 4.330   -2.411  6.382   1.00 12.35 ? 94  TYR A C   1 
ATOM   565  O  O   . TYR A 1 90  ? 3.361   -2.350  7.153   1.00 12.82 ? 94  TYR A O   1 
ATOM   566  C  CB  . TYR A 1 90  ? 4.751   -3.873  4.410   1.00 14.39 ? 94  TYR A CB  1 
ATOM   567  C  CG  . TYR A 1 90  ? 3.373   -4.006  3.798   1.00 11.59 ? 94  TYR A CG  1 
ATOM   568  C  CD1 . TYR A 1 90  ? 2.940   -3.105  2.828   1.00 16.86 ? 94  TYR A CD1 1 
ATOM   569  C  CD2 . TYR A 1 90  ? 2.542   -5.092  4.094   1.00 12.12 ? 94  TYR A CD2 1 
ATOM   570  C  CE1 . TYR A 1 90  ? 1.681   -3.259  2.188   1.00 12.61 ? 94  TYR A CE1 1 
ATOM   571  C  CE2 . TYR A 1 90  ? 1.294   -5.241  3.482   1.00 8.03  ? 94  TYR A CE2 1 
ATOM   572  C  CZ  . TYR A 1 90  ? 0.877   -4.335  2.527   1.00 14.17 ? 94  TYR A CZ  1 
ATOM   573  O  OH  . TYR A 1 90  ? -0.356  -4.530  1.942   1.00 19.34 ? 94  TYR A OH  1 
ATOM   574  N  N   . SER A 1 91  ? 5.002   -1.360  5.922   1.00 13.54 ? 95  SER A N   1 
ATOM   575  C  CA  . SER A 1 91  ? 4.594   -0.008  6.219   1.00 11.98 ? 95  SER A CA  1 
ATOM   576  C  C   . SER A 1 91  ? 4.299   0.829   4.958   1.00 14.82 ? 95  SER A C   1 
ATOM   577  O  O   . SER A 1 91  ? 4.835   0.563   3.866   1.00 15.46 ? 95  SER A O   1 
ATOM   578  C  CB  . SER A 1 91  ? 5.651   0.652   7.124   1.00 11.35 ? 95  SER A CB  1 
ATOM   579  O  OG  . SER A 1 91  ? 5.756   -0.030  8.371   1.00 11.91 ? 95  SER A OG  1 
ATOM   580  N  N   . PHE A 1 92  ? 3.440   1.834   5.142   1.00 13.80 ? 96  PHE A N   1 
ATOM   581  C  CA  . PHE A 1 92  ? 3.084   2.818   4.118   1.00 15.62 ? 96  PHE A CA  1 
ATOM   582  C  C   . PHE A 1 92  ? 3.623   4.154   4.548   1.00 16.67 ? 96  PHE A C   1 
ATOM   583  O  O   . PHE A 1 92  ? 3.183   4.665   5.582   1.00 14.45 ? 96  PHE A O   1 
ATOM   584  C  CB  . PHE A 1 92  ? 1.560   2.958   4.026   1.00 13.59 ? 96  PHE A CB  1 
ATOM   585  C  CG  . PHE A 1 92  ? 0.841   1.687   3.644   1.00 19.41 ? 96  PHE A CG  1 
ATOM   586  C  CD1 . PHE A 1 92  ? 0.227   1.579   2.391   1.00 18.02 ? 96  PHE A CD1 1 
ATOM   587  C  CD2 . PHE A 1 92  ? 0.748   0.614   4.533   1.00 14.06 ? 96  PHE A CD2 1 
ATOM   588  C  CE1 . PHE A 1 92  ? -0.443  0.411   2.024   1.00 20.83 ? 96  PHE A CE1 1 
ATOM   589  C  CE2 . PHE A 1 92  ? 0.067   -0.559  4.176   1.00 14.90 ? 96  PHE A CE2 1 
ATOM   590  C  CZ  . PHE A 1 92  ? -0.526  -0.662  2.921   1.00 14.59 ? 96  PHE A CZ  1 
ATOM   591  N  N   . TYR A 1 93  ? 4.512   4.732   3.739   1.00 17.68 ? 97  TYR A N   1 
ATOM   592  C  CA  . TYR A 1 93  ? 5.241   5.962   4.089   1.00 16.57 ? 97  TYR A CA  1 
ATOM   593  C  C   . TYR A 1 93  ? 4.696   7.172   3.352   1.00 20.75 ? 97  TYR A C   1 
ATOM   594  O  O   . TYR A 1 93  ? 4.535   7.136   2.129   1.00 20.92 ? 97  TYR A O   1 
ATOM   595  C  CB  . TYR A 1 93  ? 6.747   5.789   3.845   1.00 17.19 ? 97  TYR A CB  1 
ATOM   596  C  CG  . TYR A 1 93  ? 7.350   4.824   4.829   1.00 17.49 ? 97  TYR A CG  1 
ATOM   597  C  CD1 . TYR A 1 93  ? 7.778   5.283   6.090   1.00 17.07 ? 97  TYR A CD1 1 
ATOM   598  C  CD2 . TYR A 1 93  ? 7.453   3.455   4.538   1.00 11.33 ? 97  TYR A CD2 1 
ATOM   599  C  CE1 . TYR A 1 93  ? 8.283   4.433   7.017   1.00 14.88 ? 97  TYR A CE1 1 
ATOM   600  C  CE2 . TYR A 1 93  ? 7.973   2.570   5.488   1.00 11.70 ? 97  TYR A CE2 1 
ATOM   601  C  CZ  . TYR A 1 93  ? 8.380   3.070   6.736   1.00 14.59 ? 97  TYR A CZ  1 
ATOM   602  O  OH  . TYR A 1 93  ? 8.903   2.249   7.720   1.00 18.10 ? 97  TYR A OH  1 
ATOM   603  N  N   . PHE A 1 94  ? 4.428   8.235   4.109   1.00 19.35 ? 98  PHE A N   1 
ATOM   604  C  CA  . PHE A 1 94  ? 3.759   9.428   3.602   1.00 17.90 ? 98  PHE A CA  1 
ATOM   605  C  C   . PHE A 1 94  ? 4.646   10.677  3.766   1.00 20.77 ? 98  PHE A C   1 
ATOM   606  O  O   . PHE A 1 94  ? 4.149   11.742  4.120   1.00 23.96 ? 98  PHE A O   1 
ATOM   607  C  CB  . PHE A 1 94  ? 2.438   9.653   4.354   1.00 15.55 ? 98  PHE A CB  1 
ATOM   608  C  CG  . PHE A 1 94  ? 1.351   8.606   4.092   1.00 15.73 ? 98  PHE A CG  1 
ATOM   609  C  CD1 . PHE A 1 94  ? 0.248   8.921   3.306   1.00 18.55 ? 98  PHE A CD1 1 
ATOM   610  C  CD2 . PHE A 1 94  ? 1.411   7.346   4.690   1.00 17.51 ? 98  PHE A CD2 1 
ATOM   611  C  CE1 . PHE A 1 94  ? -0.765  8.008   3.076   1.00 22.15 ? 98  PHE A CE1 1 
ATOM   612  C  CE2 . PHE A 1 94  ? 0.375   6.401   4.474   1.00 19.50 ? 98  PHE A CE2 1 
ATOM   613  C  CZ  . PHE A 1 94  ? -0.699  6.734   3.647   1.00 15.97 ? 98  PHE A CZ  1 
ATOM   614  N  N   . GLY A 1 95  ? 5.944   10.532  3.530   1.00 20.97 ? 99  GLY A N   1 
ATOM   615  C  CA  . GLY A 1 95  ? 6.904   11.636  3.671   1.00 23.52 ? 99  GLY A CA  1 
ATOM   616  C  C   . GLY A 1 95  ? 6.930   12.240  5.061   1.00 23.96 ? 99  GLY A C   1 
ATOM   617  O  O   . GLY A 1 95  ? 7.033   11.517  6.061   1.00 24.26 ? 99  GLY A O   1 
ATOM   618  N  N   . ASP A 1 96  ? 6.832   13.568  5.127   1.00 25.56 ? 100 ASP A N   1 
ATOM   619  C  CA  . ASP A 1 96  ? 6.829   14.292  6.422   1.00 28.32 ? 100 ASP A CA  1 
ATOM   620  C  C   . ASP A 1 96  ? 5.683   13.904  7.362   1.00 26.96 ? 100 ASP A C   1 
ATOM   621  O  O   . ASP A 1 96  ? 5.794   14.070  8.575   1.00 26.68 ? 100 ASP A O   1 
ATOM   622  C  CB  . ASP A 1 96  ? 6.839   15.824  6.212   1.00 29.43 ? 100 ASP A CB  1 
ATOM   623  C  CG  . ASP A 1 96  ? 8.238   16.379  6.001   1.00 37.15 ? 100 ASP A CG  1 
ATOM   624  O  OD1 . ASP A 1 96  ? 9.225   15.635  6.200   1.00 43.35 ? 100 ASP A OD1 1 
ATOM   625  O  OD2 . ASP A 1 96  ? 8.356   17.571  5.636   1.00 35.61 ? 100 ASP A OD2 1 
ATOM   626  N  N   . TYR A 1 97  ? 4.594   13.370  6.806   1.00 25.65 ? 101 TYR A N   1 
ATOM   627  C  CA  . TYR A 1 97  ? 3.424   13.014  7.599   1.00 24.32 ? 101 TYR A CA  1 
ATOM   628  C  C   . TYR A 1 97  ? 3.635   11.836  8.550   1.00 22.78 ? 101 TYR A C   1 
ATOM   629  O  O   . TYR A 1 97  ? 2.960   11.751  9.567   1.00 23.83 ? 101 TYR A O   1 
ATOM   630  C  CB  . TYR A 1 97  ? 2.206   12.730  6.715   1.00 22.69 ? 101 TYR A CB  1 
ATOM   631  C  CG  . TYR A 1 97  ? 1.580   13.953  6.071   1.00 26.64 ? 101 TYR A CG  1 
ATOM   632  C  CD1 . TYR A 1 97  ? 1.095   15.015  6.851   1.00 28.23 ? 101 TYR A CD1 1 
ATOM   633  C  CD2 . TYR A 1 97  ? 1.468   14.046  4.678   1.00 28.64 ? 101 TYR A CD2 1 
ATOM   634  C  CE1 . TYR A 1 97  ? 0.521   16.137  6.259   1.00 34.10 ? 101 TYR A CE1 1 
ATOM   635  C  CE2 . TYR A 1 97  ? 0.890   15.158  4.078   1.00 31.68 ? 101 TYR A CE2 1 
ATOM   636  C  CZ  . TYR A 1 97  ? 0.417   16.195  4.872   1.00 34.91 ? 101 TYR A CZ  1 
ATOM   637  O  OH  . TYR A 1 97  ? -0.159  17.296  4.287   1.00 35.36 ? 101 TYR A OH  1 
ATOM   638  N  N   . GLY A 1 98  ? 4.553   10.934  8.208   1.00 20.09 ? 102 GLY A N   1 
ATOM   639  C  CA  . GLY A 1 98  ? 4.787   9.738   9.012   1.00 20.13 ? 102 GLY A CA  1 
ATOM   640  C  C   . GLY A 1 98  ? 4.430   8.481   8.242   1.00 19.19 ? 102 GLY A C   1 
ATOM   641  O  O   . GLY A 1 98  ? 4.570   8.430   7.011   1.00 17.70 ? 102 GLY A O   1 
ATOM   642  N  N   . HIS A 1 99  ? 3.978   7.456   8.961   1.00 16.67 ? 103 HIS A N   1 
ATOM   643  C  CA  . HIS A 1 99  ? 3.712   6.173   8.331   1.00 13.65 ? 103 HIS A CA  1 
ATOM   644  C  C   . HIS A 1 99  ? 2.661   5.376   9.092   1.00 14.89 ? 103 HIS A C   1 
ATOM   645  O  O   . HIS A 1 99  ? 2.325   5.676   10.268  1.00 11.23 ? 103 HIS A O   1 
ATOM   646  C  CB  . HIS A 1 99  ? 5.020   5.367   8.160   1.00 9.84  ? 103 HIS A CB  1 
ATOM   647  C  CG  . HIS A 1 99  ? 5.440   4.597   9.383   1.00 16.44 ? 103 HIS A CG  1 
ATOM   648  N  ND1 . HIS A 1 99  ? 6.294   5.113   10.337  1.00 18.20 ? 103 HIS A ND1 1 
ATOM   649  C  CD2 . HIS A 1 99  ? 5.125   3.344   9.798   1.00 12.49 ? 103 HIS A CD2 1 
ATOM   650  C  CE1 . HIS A 1 99  ? 6.478   4.218   11.293  1.00 24.75 ? 103 HIS A CE1 1 
ATOM   651  N  NE2 . HIS A 1 99  ? 5.770   3.139   10.999  1.00 17.87 ? 103 HIS A NE2 1 
ATOM   652  N  N   . LEU A 1 100 ? 2.122   4.378   8.396   1.00 13.85 ? 104 LEU A N   1 
ATOM   653  C  CA  . LEU A 1 100 ? 1.208   3.403   8.974   1.00 10.52 ? 104 LEU A CA  1 
ATOM   654  C  C   . LEU A 1 100 ? 1.818   2.025   8.812   1.00 12.73 ? 104 LEU A C   1 
ATOM   655  O  O   . LEU A 1 100 ? 2.449   1.736   7.793   1.00 13.42 ? 104 LEU A O   1 
ATOM   656  C  CB  . LEU A 1 100 ? -0.102  3.422   8.209   1.00 10.06 ? 104 LEU A CB  1 
ATOM   657  C  CG  . LEU A 1 100 ? -1.003  4.621   8.454   1.00 11.70 ? 104 LEU A CG  1 
ATOM   658  C  CD1 . LEU A 1 100 ? -2.036  4.715   7.340   1.00 15.94 ? 104 LEU A CD1 1 
ATOM   659  C  CD2 . LEU A 1 100 ? -1.656  4.452   9.830   1.00 12.83 ? 104 LEU A CD2 1 
ATOM   660  N  N   . SER A 1 101 ? 1.578   1.159   9.782   1.00 13.75 ? 105 SER A N   1 
ATOM   661  C  CA  . SER A 1 101 ? 2.121   -0.190  9.719   1.00 10.27 ? 105 SER A CA  1 
ATOM   662  C  C   . SER A 1 101 ? 0.979   -1.194  9.735   1.00 13.51 ? 105 SER A C   1 
ATOM   663  O  O   . SER A 1 101 ? -0.085  -0.965  10.348  1.00 11.53 ? 105 SER A O   1 
ATOM   664  C  CB  . SER A 1 101 ? 3.106   -0.434  10.865  1.00 10.84 ? 105 SER A CB  1 
ATOM   665  O  OG  . SER A 1 101 ? 4.310   0.337   10.686  1.00 14.41 ? 105 SER A OG  1 
ATOM   666  N  N   . VAL A 1 102 ? 1.192   -2.312  9.047   1.00 10.60 ? 106 VAL A N   1 
ATOM   667  C  CA  . VAL A 1 102 ? 0.140   -3.342  8.982   1.00 10.32 ? 106 VAL A CA  1 
ATOM   668  C  C   . VAL A 1 102 ? 0.680   -4.771  9.088   1.00 10.57 ? 106 VAL A C   1 
ATOM   669  O  O   . VAL A 1 102 ? 1.883   -5.013  8.864   1.00 8.67  ? 106 VAL A O   1 
ATOM   670  C  CB  . VAL A 1 102 ? -0.703  -3.251  7.675   1.00 10.46 ? 106 VAL A CB  1 
ATOM   671  C  CG1 . VAL A 1 102 ? -1.308  -1.842  7.443   1.00 15.01 ? 106 VAL A CG1 1 
ATOM   672  C  CG2 . VAL A 1 102 ? 0.107   -3.675  6.476   1.00 9.28  ? 106 VAL A CG2 1 
ATOM   673  N  N   . GLN A 1 103 ? -0.230  -5.709  9.354   1.00 11.24 ? 107 GLN A N   1 
ATOM   674  C  CA  . GLN A 1 103 ? 0.095   -7.155  9.447   1.00 12.24 ? 107 GLN A CA  1 
ATOM   675  C  C   . GLN A 1 103 ? -1.155  -7.889  8.991   1.00 12.54 ? 107 GLN A C   1 
ATOM   676  O  O   . GLN A 1 103 ? -2.265  -7.580  9.432   1.00 11.36 ? 107 GLN A O   1 
ATOM   677  C  CB  . GLN A 1 103 ? 0.488   -7.572  10.885  1.00 14.88 ? 107 GLN A CB  1 
ATOM   678  C  CG  A GLN A 1 103 ? 1.215   -8.914  11.104  0.65 15.44 ? 107 GLN A CG  1 
ATOM   679  C  CG  B GLN A 1 103 ? 0.787   -9.111  10.938  0.35 6.39  ? 107 GLN A CG  1 
ATOM   680  C  CD  A GLN A 1 103 ? 1.732   -9.140  12.561  0.65 15.86 ? 107 GLN A CD  1 
ATOM   681  C  CD  B GLN A 1 103 ? 2.096   -9.465  10.253  0.35 4.66  ? 107 GLN A CD  1 
ATOM   682  O  OE1 A GLN A 1 103 ? 1.812   -8.220  13.415  0.65 18.22 ? 107 GLN A OE1 1 
ATOM   683  O  OE1 B GLN A 1 103 ? 3.027   -8.662  10.241  0.35 3.39  ? 107 GLN A OE1 1 
ATOM   684  N  NE2 A GLN A 1 103 ? 2.072   -10.392 12.846  0.65 22.53 ? 107 GLN A NE2 1 
ATOM   685  N  NE2 B GLN A 1 103 ? 2.183   -10.671 9.697   0.35 3.10  ? 107 GLN A NE2 1 
ATOM   686  N  N   . GLY A 1 104 ? -1.007  -8.833  8.071   1.00 12.89 ? 108 GLY A N   1 
ATOM   687  C  CA  . GLY A 1 104 ? -2.184  -9.535  7.607   1.00 10.77 ? 108 GLY A CA  1 
ATOM   688  C  C   . GLY A 1 104 ? -2.003  -10.311 6.333   1.00 12.94 ? 108 GLY A C   1 
ATOM   689  O  O   . GLY A 1 104 ? -0.882  -10.457 5.859   1.00 15.41 ? 108 GLY A O   1 
ATOM   690  N  N   . PRO A 1 105 ? -3.121  -10.787 5.759   1.00 14.99 ? 109 PRO A N   1 
ATOM   691  C  CA  . PRO A 1 105 ? -3.143  -11.575 4.532   1.00 16.50 ? 109 PRO A CA  1 
ATOM   692  C  C   . PRO A 1 105 ? -3.086  -10.744 3.244   1.00 18.78 ? 109 PRO A C   1 
ATOM   693  O  O   . PRO A 1 105 ? -3.835  -9.768  3.109   1.00 20.38 ? 109 PRO A O   1 
ATOM   694  C  CB  . PRO A 1 105 ? -4.499  -12.275 4.630   1.00 15.92 ? 109 PRO A CB  1 
ATOM   695  C  CG  . PRO A 1 105 ? -5.346  -11.312 5.329   1.00 18.03 ? 109 PRO A CG  1 
ATOM   696  C  CD  . PRO A 1 105 ? -4.474  -10.614 6.320   1.00 14.74 ? 109 PRO A CD  1 
ATOM   697  N  N   . TYR A 1 106 ? -2.216  -11.158 2.323   1.00 20.78 ? 110 TYR A N   1 
ATOM   698  C  CA  . TYR A 1 106 ? -2.214  -10.703 0.934   1.00 25.18 ? 110 TYR A CA  1 
ATOM   699  C  C   . TYR A 1 106 ? -2.429  -11.930 0.061   1.00 26.58 ? 110 TYR A C   1 
ATOM   700  O  O   . TYR A 1 106 ? -1.596  -12.832 0.029   1.00 24.67 ? 110 TYR A O   1 
ATOM   701  C  CB  . TYR A 1 106 ? -0.901  -10.005 0.549   1.00 25.91 ? 110 TYR A CB  1 
ATOM   702  C  CG  . TYR A 1 106 ? -0.706  -9.848  -0.957  1.00 30.26 ? 110 TYR A CG  1 
ATOM   703  C  CD1 . TYR A 1 106 ? -1.643  -9.175  -1.742  1.00 38.47 ? 110 TYR A CD1 1 
ATOM   704  C  CD2 . TYR A 1 106 ? 0.409   -10.389 -1.592  1.00 39.18 ? 110 TYR A CD2 1 
ATOM   705  C  CE1 . TYR A 1 106 ? -1.470  -9.039  -3.120  1.00 36.31 ? 110 TYR A CE1 1 
ATOM   706  C  CE2 . TYR A 1 106 ? 0.594   -10.260 -2.968  1.00 39.22 ? 110 TYR A CE2 1 
ATOM   707  C  CZ  . TYR A 1 106 ? -0.351  -9.581  -3.724  1.00 37.42 ? 110 TYR A CZ  1 
ATOM   708  O  OH  . TYR A 1 106 ? -0.177  -9.457  -5.085  1.00 39.94 ? 110 TYR A OH  1 
ATOM   709  N  N   . LEU A 1 107 ? -3.555  -11.934 -0.642  1.00 30.07 ? 111 LEU A N   1 
ATOM   710  C  CA  . LEU A 1 107 ? -3.988  -13.059 -1.454  1.00 30.73 ? 111 LEU A CA  1 
ATOM   711  C  C   . LEU A 1 107 ? -4.111  -12.558 -2.888  1.00 33.37 ? 111 LEU A C   1 
ATOM   712  O  O   . LEU A 1 107 ? -4.816  -11.584 -3.147  1.00 34.51 ? 111 LEU A O   1 
ATOM   713  C  CB  . LEU A 1 107 ? -5.340  -13.569 -0.945  1.00 30.25 ? 111 LEU A CB  1 
ATOM   714  C  CG  . LEU A 1 107 ? -5.555  -13.604 0.578   1.00 30.64 ? 111 LEU A CG  1 
ATOM   715  C  CD1 . LEU A 1 107 ? -7.025  -13.568 0.946   1.00 33.72 ? 111 LEU A CD1 1 
ATOM   716  C  CD2 . LEU A 1 107 ? -4.876  -14.801 1.217   1.00 27.97 ? 111 LEU A CD2 1 
ATOM   717  N  N   . THR A 1 108 ? -3.414  -13.209 -3.810  1.00 35.56 ? 112 THR A N   1 
ATOM   718  C  CA  . THR A 1 108 ? -3.361  -12.743 -5.198  1.00 38.80 ? 112 THR A CA  1 
ATOM   719  C  C   . THR A 1 108 ? -4.698  -12.875 -5.935  1.00 40.65 ? 112 THR A C   1 
ATOM   720  O  O   . THR A 1 108 ? -4.864  -12.333 -7.031  1.00 41.73 ? 112 THR A O   1 
ATOM   721  C  CB  . THR A 1 108 ? -2.229  -13.436 -6.002  1.00 39.07 ? 112 THR A CB  1 
ATOM   722  O  OG1 . THR A 1 108 ? -2.515  -14.831 -6.167  1.00 38.93 ? 112 THR A OG1 1 
ATOM   723  C  CG2 . THR A 1 108 ? -0.879  -13.277 -5.305  1.00 39.90 ? 112 THR A CG2 1 
ATOM   724  N  N   . TYR A 1 109 ? -5.658  -13.545 -5.302  1.00 41.81 ? 113 TYR A N   1 
ATOM   725  C  CA  . TYR A 1 109 ? -6.901  -13.953 -5.958  1.00 42.99 ? 113 TYR A CA  1 
ATOM   726  C  C   . TYR A 1 109 ? -8.193  -13.368 -5.364  1.00 43.22 ? 113 TYR A C   1 
ATOM   727  O  O   . TYR A 1 109 ? -9.286  -13.615 -5.891  1.00 44.06 ? 113 TYR A O   1 
ATOM   728  C  CB  . TYR A 1 109 ? -6.983  -15.482 -5.983  1.00 44.34 ? 113 TYR A CB  1 
ATOM   729  C  CG  . TYR A 1 109 ? -6.835  -16.117 -4.617  1.00 45.17 ? 113 TYR A CG  1 
ATOM   730  C  CD1 . TYR A 1 109 ? -7.939  -16.292 -3.783  1.00 43.97 ? 113 TYR A CD1 1 
ATOM   731  C  CD2 . TYR A 1 109 ? -5.587  -16.532 -4.160  1.00 46.66 ? 113 TYR A CD2 1 
ATOM   732  C  CE1 . TYR A 1 109 ? -7.804  -16.868 -2.532  1.00 47.04 ? 113 TYR A CE1 1 
ATOM   733  C  CE2 . TYR A 1 109 ? -5.442  -17.113 -2.909  1.00 49.80 ? 113 TYR A CE2 1 
ATOM   734  C  CZ  . TYR A 1 109 ? -6.550  -17.278 -2.103  1.00 47.12 ? 113 TYR A CZ  1 
ATOM   735  O  OH  . TYR A 1 109 ? -6.394  -17.856 -0.864  1.00 49.89 ? 113 TYR A OH  1 
ATOM   736  N  N   . GLU A 1 110 ? -8.078  -12.607 -4.275  1.00 40.82 ? 114 GLU A N   1 
ATOM   737  C  CA  . GLU A 1 110 ? -9.229  -11.896 -3.706  1.00 39.36 ? 114 GLU A CA  1 
ATOM   738  C  C   . GLU A 1 110 ? -8.814  -10.711 -2.845  1.00 35.51 ? 114 GLU A C   1 
ATOM   739  O  O   . GLU A 1 110 ? -7.635  -10.555 -2.528  1.00 35.56 ? 114 GLU A O   1 
ATOM   740  C  CB  . GLU A 1 110 ? -10.136 -12.840 -2.905  1.00 38.98 ? 114 GLU A CB  1 
ATOM   741  C  CG  . GLU A 1 110 ? -9.465  -13.544 -1.733  1.00 42.00 ? 114 GLU A CG  1 
ATOM   742  C  CD  . GLU A 1 110 ? -10.420 -14.469 -0.998  1.00 43.50 ? 114 GLU A CD  1 
ATOM   743  O  OE1 . GLU A 1 110 ? -11.194 -15.178 -1.675  1.00 49.20 ? 114 GLU A OE1 1 
ATOM   744  O  OE2 . GLU A 1 110 ? -10.400 -14.489 0.255   1.00 50.18 ? 114 GLU A OE2 1 
ATOM   745  N  N   . ASP A 1 111 ? -9.791  -9.880  -2.489  1.00 33.49 ? 115 ASP A N   1 
ATOM   746  C  CA  . ASP A 1 111 ? -9.581  -8.759  -1.583  1.00 30.84 ? 115 ASP A CA  1 
ATOM   747  C  C   . ASP A 1 111 ? -9.414  -9.293  -0.163  1.00 30.78 ? 115 ASP A C   1 
ATOM   748  O  O   . ASP A 1 111 ? -9.949  -10.351 0.188   1.00 30.00 ? 115 ASP A O   1 
ATOM   749  C  CB  . ASP A 1 111 ? -10.772 -7.795  -1.591  1.00 30.57 ? 115 ASP A CB  1 
ATOM   750  C  CG  . ASP A 1 111 ? -10.983 -7.097  -2.928  1.00 26.90 ? 115 ASP A CG  1 
ATOM   751  O  OD1 . ASP A 1 111 ? -10.119 -7.175  -3.833  1.00 26.89 ? 115 ASP A OD1 1 
ATOM   752  O  OD2 . ASP A 1 111 ? -12.051 -6.458  -3.057  1.00 32.40 ? 115 ASP A OD2 1 
ATOM   753  N  N   . SER A 1 112 ? -8.700  -8.534  0.663   1.00 25.04 ? 116 SER A N   1 
ATOM   754  C  CA  . SER A 1 112 ? -8.431  -8.948  2.015   1.00 23.98 ? 116 SER A CA  1 
ATOM   755  C  C   . SER A 1 112 ? -8.363  -7.729  2.888   1.00 24.23 ? 116 SER A C   1 
ATOM   756  O  O   . SER A 1 112 ? -8.174  -6.613  2.395   1.00 24.33 ? 116 SER A O   1 
ATOM   757  C  CB  . SER A 1 112 ? -7.119  -9.736  2.096   1.00 20.51 ? 116 SER A CB  1 
ATOM   758  O  OG  . SER A 1 112 ? -5.991  -8.966  1.699   1.00 18.84 ? 116 SER A OG  1 
ATOM   759  N  N   . PHE A 1 113 ? -8.535  -7.957  4.179   1.00 22.64 ? 117 PHE A N   1 
ATOM   760  C  CA  . PHE A 1 113 ? -8.401  -6.915  5.177   1.00 22.17 ? 117 PHE A CA  1 
ATOM   761  C  C   . PHE A 1 113 ? -7.156  -7.235  5.995   1.00 21.99 ? 117 PHE A C   1 
ATOM   762  O  O   . PHE A 1 113 ? -6.970  -8.391  6.391   1.00 22.46 ? 117 PHE A O   1 
ATOM   763  C  CB  . PHE A 1 113 ? -9.624  -6.913  6.084   1.00 23.46 ? 117 PHE A CB  1 
ATOM   764  C  CG  . PHE A 1 113 ? -10.792 -6.148  5.525   1.00 29.22 ? 117 PHE A CG  1 
ATOM   765  C  CD1 . PHE A 1 113 ? -11.021 -4.827  5.916   1.00 28.23 ? 117 PHE A CD1 1 
ATOM   766  C  CD2 . PHE A 1 113 ? -11.653 -6.738  4.601   1.00 35.27 ? 117 PHE A CD2 1 
ATOM   767  C  CE1 . PHE A 1 113 ? -12.099 -4.111  5.406   1.00 29.18 ? 117 PHE A CE1 1 
ATOM   768  C  CE2 . PHE A 1 113 ? -12.738 -6.024  4.079   1.00 32.82 ? 117 PHE A CE2 1 
ATOM   769  C  CZ  . PHE A 1 113 ? -12.955 -4.715  4.480   1.00 26.75 ? 117 PHE A CZ  1 
ATOM   770  N  N   . LEU A 1 114 ? -6.299  -6.238  6.219   1.00 15.45 ? 118 LEU A N   1 
ATOM   771  C  CA  . LEU A 1 114 ? -5.150  -6.402  7.114   1.00 15.83 ? 118 LEU A CA  1 
ATOM   772  C  C   . LEU A 1 114 ? -5.345  -5.576  8.389   1.00 14.30 ? 118 LEU A C   1 
ATOM   773  O  O   . LEU A 1 114 ? -6.174  -4.647  8.430   1.00 14.17 ? 118 LEU A O   1 
ATOM   774  C  CB  . LEU A 1 114 ? -3.835  -6.043  6.417   1.00 17.33 ? 118 LEU A CB  1 
ATOM   775  C  CG  . LEU A 1 114 ? -3.458  -6.833  5.152   1.00 15.90 ? 118 LEU A CG  1 
ATOM   776  C  CD1 . LEU A 1 114 ? -4.138  -6.224  3.956   1.00 21.68 ? 118 LEU A CD1 1 
ATOM   777  C  CD2 . LEU A 1 114 ? -1.947  -6.787  4.961   1.00 16.52 ? 118 LEU A CD2 1 
ATOM   778  N  N   . ALA A 1 115 ? -4.628  -5.953  9.436   1.00 13.44 ? 119 ALA A N   1 
ATOM   779  C  CA  . ALA A 1 115 ? -4.704  -5.252  10.693  1.00 12.04 ? 119 ALA A CA  1 
ATOM   780  C  C   . ALA A 1 115 ? -3.802  -4.048  10.645  1.00 12.55 ? 119 ALA A C   1 
ATOM   781  O  O   . ALA A 1 115 ? -2.692  -4.134  10.130  1.00 12.14 ? 119 ALA A O   1 
ATOM   782  C  CB  . ALA A 1 115 ? -4.267  -6.145  11.814  1.00 13.26 ? 119 ALA A CB  1 
ATOM   783  N  N   . ILE A 1 116 ? -4.265  -2.926  11.186  1.00 11.96 ? 120 ILE A N   1 
ATOM   784  C  CA  . ILE A 1 116 ? -3.394  -1.749  11.337  1.00 13.03 ? 120 ILE A CA  1 
ATOM   785  C  C   . ILE A 1 116 ? -2.677  -1.878  12.680  1.00 13.37 ? 120 ILE A C   1 
ATOM   786  O  O   . ILE A 1 116 ? -3.296  -1.766  13.746  1.00 14.68 ? 120 ILE A O   1 
ATOM   787  C  CB  . ILE A 1 116 ? -4.173  -0.402  11.284  1.00 12.17 ? 120 ILE A CB  1 
ATOM   788  C  CG1 . ILE A 1 116 ? -4.949  -0.240  9.967   1.00 13.12 ? 120 ILE A CG1 1 
ATOM   789  C  CG2 . ILE A 1 116 ? -3.195  0.787   11.464  1.00 11.87 ? 120 ILE A CG2 1 
ATOM   790  C  CD1 . ILE A 1 116 ? -5.856  1.009   9.934   1.00 16.66 ? 120 ILE A CD1 1 
ATOM   791  N  N   . THR A 1 117 ? -1.369  -2.128  12.648  1.00 10.96 ? 121 THR A N   1 
ATOM   792  C  CA  . THR A 1 117 ? -0.634  -2.411  13.891  1.00 10.86 ? 121 THR A CA  1 
ATOM   793  C  C   . THR A 1 117 ? -0.194  -1.148  14.655  1.00 13.63 ? 121 THR A C   1 
ATOM   794  O  O   . THR A 1 117 ? 0.171   -1.240  15.844  1.00 12.66 ? 121 THR A O   1 
ATOM   795  C  CB  . THR A 1 117 ? 0.631   -3.252  13.595  1.00 9.86  ? 121 THR A CB  1 
ATOM   796  O  OG1 . THR A 1 117 ? 1.414   -2.532  12.632  1.00 10.36 ? 121 THR A OG1 1 
ATOM   797  C  CG2 . THR A 1 117 ? 0.230   -4.600  13.044  1.00 10.28 ? 121 THR A CG2 1 
ATOM   798  N  N   . GLY A 1 118 ? -0.173  0.000   13.967  1.00 13.89 ? 122 GLY A N   1 
ATOM   799  C  CA  . GLY A 1 118 ? 0.283   1.264   14.545  1.00 16.87 ? 122 GLY A CA  1 
ATOM   800  C  C   . GLY A 1 118 ? 0.702   2.279   13.505  1.00 15.87 ? 122 GLY A C   1 
ATOM   801  O  O   . GLY A 1 118 ? 0.581   2.031   12.304  1.00 16.83 ? 122 GLY A O   1 
ATOM   802  N  N   . GLY A 1 119 ? 1.215   3.426   13.956  1.00 15.04 ? 123 GLY A N   1 
ATOM   803  C  CA  . GLY A 1 119 ? 1.623   4.514   13.047  1.00 14.54 ? 123 GLY A CA  1 
ATOM   804  C  C   . GLY A 1 119 ? 2.622   5.441   13.744  1.00 14.53 ? 123 GLY A C   1 
ATOM   805  O  O   . GLY A 1 119 ? 2.889   5.295   14.952  1.00 14.04 ? 123 GLY A O   1 
ATOM   806  N  N   . ALA A 1 120 ? 3.175   6.372   12.981  1.00 17.35 ? 124 ALA A N   1 
ATOM   807  C  CA  . ALA A 1 120 ? 4.081   7.409   13.496  1.00 15.65 ? 124 ALA A CA  1 
ATOM   808  C  C   . ALA A 1 120 ? 3.739   8.745   12.805  1.00 19.42 ? 124 ALA A C   1 
ATOM   809  O  O   . ALA A 1 120 ? 3.046   8.755   11.774  1.00 18.17 ? 124 ALA A O   1 
ATOM   810  C  CB  . ALA A 1 120 ? 5.542   7.026   13.275  1.00 15.83 ? 124 ALA A CB  1 
ATOM   811  N  N   . GLY A 1 121 ? 4.217   9.864   13.369  1.00 17.97 ? 125 GLY A N   1 
ATOM   812  C  CA  . GLY A 1 121 ? 3.843   11.199  12.864  1.00 18.07 ? 125 GLY A CA  1 
ATOM   813  C  C   . GLY A 1 121 ? 2.384   11.503  13.140  1.00 19.09 ? 125 GLY A C   1 
ATOM   814  O  O   . GLY A 1 121 ? 1.900   11.252  14.245  1.00 20.18 ? 125 GLY A O   1 
ATOM   815  N  N   . ILE A 1 122 ? 1.677   12.030  12.131  1.00 20.09 ? 126 ILE A N   1 
ATOM   816  C  CA  . ILE A 1 122 ? 0.227   12.260  12.227  1.00 18.89 ? 126 ILE A CA  1 
ATOM   817  C  C   . ILE A 1 122 ? -0.528  10.942  12.466  1.00 20.16 ? 126 ILE A C   1 
ATOM   818  O  O   . ILE A 1 122 ? -1.670  10.947  12.898  1.00 21.30 ? 126 ILE A O   1 
ATOM   819  C  CB  . ILE A 1 122 ? -0.381  13.004  10.987  1.00 20.75 ? 126 ILE A CB  1 
ATOM   820  C  CG1 . ILE A 1 122 ? -0.609  12.043  9.805   1.00 21.16 ? 126 ILE A CG1 1 
ATOM   821  C  CG2 . ILE A 1 122 ? 0.444   14.281  10.591  1.00 19.50 ? 126 ILE A CG2 1 
ATOM   822  C  CD1 . ILE A 1 122 ? -1.514  12.603  8.678   1.00 22.26 ? 126 ILE A CD1 1 
ATOM   823  N  N   . PHE A 1 123 ? 0.124   9.810   12.196  1.00 19.93 ? 127 PHE A N   1 
ATOM   824  C  CA  . PHE A 1 123 ? -0.545  8.505   12.372  1.00 18.73 ? 127 PHE A CA  1 
ATOM   825  C  C   . PHE A 1 123 ? -0.332  7.827   13.722  1.00 19.49 ? 127 PHE A C   1 
ATOM   826  O  O   . PHE A 1 123 ? -0.800  6.698   13.939  1.00 19.53 ? 127 PHE A O   1 
ATOM   827  C  CB  . PHE A 1 123 ? -0.117  7.560   11.268  1.00 17.35 ? 127 PHE A CB  1 
ATOM   828  C  CG  . PHE A 1 123 ? -0.329  8.114   9.885   1.00 13.03 ? 127 PHE A CG  1 
ATOM   829  C  CD1 . PHE A 1 123 ? -1.603  8.143   9.326   1.00 22.03 ? 127 PHE A CD1 1 
ATOM   830  C  CD2 . PHE A 1 123 ? 0.742   8.583   9.149   1.00 13.08 ? 127 PHE A CD2 1 
ATOM   831  C  CE1 . PHE A 1 123 ? -1.802  8.630   8.035   1.00 21.20 ? 127 PHE A CE1 1 
ATOM   832  C  CE2 . PHE A 1 123 ? 0.559   9.072   7.863   1.00 19.67 ? 127 PHE A CE2 1 
ATOM   833  C  CZ  . PHE A 1 123 ? -0.723  9.087   7.309   1.00 15.63 ? 127 PHE A CZ  1 
ATOM   834  N  N   . GLU A 1 124 ? 0.400   8.494   14.605  1.00 19.19 ? 128 GLU A N   1 
ATOM   835  C  CA  . GLU A 1 124 ? 0.582   8.028   15.986  1.00 20.14 ? 128 GLU A CA  1 
ATOM   836  C  C   . GLU A 1 124 ? -0.757  7.674   16.607  1.00 19.52 ? 128 GLU A C   1 
ATOM   837  O  O   . GLU A 1 124 ? -1.696  8.484   16.581  1.00 19.66 ? 128 GLU A O   1 
ATOM   838  C  CB  . GLU A 1 124 ? 1.285   9.109   16.817  1.00 18.87 ? 128 GLU A CB  1 
ATOM   839  C  CG  . GLU A 1 124 ? 1.695   8.686   18.227  1.00 21.76 ? 128 GLU A CG  1 
ATOM   840  C  CD  . GLU A 1 124 ? 0.617   8.941   19.276  1.00 28.02 ? 128 GLU A CD  1 
ATOM   841  O  OE1 . GLU A 1 124 ? -0.360  9.681   18.996  1.00 29.83 ? 128 GLU A OE1 1 
ATOM   842  O  OE2 . GLU A 1 124 ? 0.762   8.417   20.399  1.00 21.97 ? 128 GLU A OE2 1 
ATOM   843  N  N   . GLY A 1 125 ? -0.832  6.468   17.172  1.00 19.35 ? 129 GLY A N   1 
ATOM   844  C  CA  . GLY A 1 125 ? -2.055  5.952   17.816  1.00 17.03 ? 129 GLY A CA  1 
ATOM   845  C  C   . GLY A 1 125 ? -3.001  5.236   16.868  1.00 17.10 ? 129 GLY A C   1 
ATOM   846  O  O   . GLY A 1 125 ? -4.057  4.747   17.275  1.00 16.71 ? 129 GLY A O   1 
ATOM   847  N  N   . ALA A 1 126 ? -2.631  5.162   15.592  1.00 15.85 ? 130 ALA A N   1 
ATOM   848  C  CA  . ALA A 1 126 ? -3.476  4.544   14.591  1.00 17.34 ? 130 ALA A CA  1 
ATOM   849  C  C   . ALA A 1 126 ? -3.825  3.112   14.955  1.00 14.42 ? 130 ALA A C   1 
ATOM   850  O  O   . ALA A 1 126 ? -2.970  2.334   15.389  1.00 14.71 ? 130 ALA A O   1 
ATOM   851  C  CB  . ALA A 1 126 ? -2.779  4.566   13.231  1.00 17.00 ? 130 ALA A CB  1 
ATOM   852  N  N   . TYR A 1 127 ? -5.091  2.778   14.780  1.00 15.94 ? 131 TYR A N   1 
ATOM   853  C  CA  . TYR A 1 127 ? -5.542  1.401   14.862  1.00 15.03 ? 131 TYR A CA  1 
ATOM   854  C  C   . TYR A 1 127 ? -6.736  1.203   13.949  1.00 17.20 ? 131 TYR A C   1 
ATOM   855  O  O   . TYR A 1 127 ? -7.247  2.180   13.357  1.00 17.79 ? 131 TYR A O   1 
ATOM   856  C  CB  . TYR A 1 127 ? -5.836  0.967   16.305  1.00 14.74 ? 131 TYR A CB  1 
ATOM   857  C  CG  . TYR A 1 127 ? -7.062  1.588   16.958  1.00 17.99 ? 131 TYR A CG  1 
ATOM   858  C  CD1 . TYR A 1 127 ? -8.281  0.903   16.986  1.00 20.56 ? 131 TYR A CD1 1 
ATOM   859  C  CD2 . TYR A 1 127 ? -6.988  2.830   17.591  1.00 23.76 ? 131 TYR A CD2 1 
ATOM   860  C  CE1 . TYR A 1 127 ? -9.405  1.446   17.622  1.00 21.51 ? 131 TYR A CE1 1 
ATOM   861  C  CE2 . TYR A 1 127 ? -8.109  3.386   18.223  1.00 21.42 ? 131 TYR A CE2 1 
ATOM   862  C  CZ  . TYR A 1 127 ? -9.315  2.679   18.219  1.00 24.78 ? 131 TYR A CZ  1 
ATOM   863  O  OH  . TYR A 1 127 ? -10.438 3.207   18.828  1.00 26.15 ? 131 TYR A OH  1 
ATOM   864  N  N   . GLY A 1 128 ? -7.166  -0.049  13.816  1.00 16.04 ? 132 GLY A N   1 
ATOM   865  C  CA  . GLY A 1 128 ? -8.241  -0.408  12.890  1.00 17.61 ? 132 GLY A CA  1 
ATOM   866  C  C   . GLY A 1 128 ? -7.835  -1.472  11.884  1.00 17.32 ? 132 GLY A C   1 
ATOM   867  O  O   . GLY A 1 128 ? -6.925  -2.279  12.137  1.00 15.85 ? 132 GLY A O   1 
ATOM   868  N  N   . GLN A 1 129 ? -8.526  -1.478  10.753  1.00 16.55 ? 133 GLN A N   1 
ATOM   869  C  CA  . GLN A 1 129 ? -8.229  -2.391  9.666   1.00 15.72 ? 133 GLN A CA  1 
ATOM   870  C  C   . GLN A 1 129 ? -8.169  -1.673  8.332   1.00 17.91 ? 133 GLN A C   1 
ATOM   871  O  O   . GLN A 1 129 ? -8.661  -0.541  8.208   1.00 18.58 ? 133 GLN A O   1 
ATOM   872  C  CB  . GLN A 1 129 ? -9.256  -3.517  9.625   1.00 16.61 ? 133 GLN A CB  1 
ATOM   873  C  CG  . GLN A 1 129 ? -10.705 -3.012  9.527   1.00 20.08 ? 133 GLN A CG  1 
ATOM   874  C  CD  . GLN A 1 129 ? -11.697 -4.135  9.437   1.00 20.54 ? 133 GLN A CD  1 
ATOM   875  O  OE1 . GLN A 1 129 ? -11.342 -5.299  9.587   1.00 19.35 ? 133 GLN A OE1 1 
ATOM   876  N  NE2 . GLN A 1 129 ? -12.958 -3.795  9.177   1.00 20.34 ? 133 GLN A NE2 1 
ATOM   877  N  N   . VAL A 1 130 ? -7.544  -2.331  7.345   1.00 16.50 ? 134 VAL A N   1 
ATOM   878  C  CA  . VAL A 1 130 ? -7.386  -1.784  6.002   1.00 17.55 ? 134 VAL A CA  1 
ATOM   879  C  C   . VAL A 1 130 ? -7.852  -2.786  4.976   1.00 19.10 ? 134 VAL A C   1 
ATOM   880  O  O   . VAL A 1 130 ? -7.493  -3.966  5.062   1.00 16.09 ? 134 VAL A O   1 
ATOM   881  C  CB  . VAL A 1 130 ? -5.924  -1.322  5.703   1.00 16.00 ? 134 VAL A CB  1 
ATOM   882  C  CG1 . VAL A 1 130 ? -4.884  -2.426  6.011   1.00 19.98 ? 134 VAL A CG1 1 
ATOM   883  C  CG2 . VAL A 1 130 ? -5.785  -0.833  4.292   1.00 18.64 ? 134 VAL A CG2 1 
ATOM   884  N  N   . LYS A 1 131 ? -8.665  -2.316  4.029   1.00 17.27 ? 135 LYS A N   1 
ATOM   885  C  CA  . LYS A 1 131 ? -9.078  -3.119  2.886   1.00 19.65 ? 135 LYS A CA  1 
ATOM   886  C  C   . LYS A 1 131 ? -8.070  -3.013  1.756   1.00 20.73 ? 135 LYS A C   1 
ATOM   887  O  O   . LYS A 1 131 ? -7.748  -1.912  1.269   1.00 21.21 ? 135 LYS A O   1 
ATOM   888  C  CB  . LYS A 1 131 ? -10.473 -2.714  2.389   1.00 19.64 ? 135 LYS A CB  1 
ATOM   889  C  CG  . LYS A 1 131 ? -10.958 -3.487  1.173   1.00 22.86 ? 135 LYS A CG  1 
ATOM   890  C  CD  . LYS A 1 131 ? -12.468 -3.399  1.056   1.00 28.39 ? 135 LYS A CD  1 
ATOM   891  C  CE  . LYS A 1 131 ? -13.030 -4.573  0.283   1.00 42.00 ? 135 LYS A CE  1 
ATOM   892  N  NZ  . LYS A 1 131 ? -14.507 -4.711  0.506   1.00 48.64 ? 135 LYS A NZ  1 
ATOM   893  N  N   . LEU A 1 132 ? -7.576  -4.177  1.343   1.00 20.31 ? 136 LEU A N   1 
ATOM   894  C  CA  . LEU A 1 132 ? -6.704  -4.304  0.193   1.00 21.92 ? 136 LEU A CA  1 
ATOM   895  C  C   . LEU A 1 132 ? -7.522  -4.776  -1.015  1.00 24.38 ? 136 LEU A C   1 
ATOM   896  O  O   . LEU A 1 132 ? -8.193  -5.814  -0.960  1.00 22.61 ? 136 LEU A O   1 
ATOM   897  C  CB  . LEU A 1 132 ? -5.572  -5.292  0.507   1.00 22.79 ? 136 LEU A CB  1 
ATOM   898  C  CG  . LEU A 1 132 ? -4.472  -5.539  -0.521  1.00 25.34 ? 136 LEU A CG  1 
ATOM   899  C  CD1 . LEU A 1 132 ? -3.258  -6.137  0.187   1.00 26.31 ? 136 LEU A CD1 1 
ATOM   900  C  CD2 . LEU A 1 132 ? -4.919  -6.446  -1.680  1.00 32.26 ? 136 LEU A CD2 1 
ATOM   901  N  N   . GLN A 1 133 ? -7.462  -4.000  -2.093  1.00 27.65 ? 137 GLN A N   1 
ATOM   902  C  CA  . GLN A 1 133 ? -8.190  -4.301  -3.337  1.00 29.51 ? 137 GLN A CA  1 
ATOM   903  C  C   . GLN A 1 133 ? -7.256  -4.538  -4.514  1.00 31.26 ? 137 GLN A C   1 
ATOM   904  O  O   . GLN A 1 133 ? -6.402  -3.703  -4.840  1.00 26.71 ? 137 GLN A O   1 
ATOM   905  C  CB  . GLN A 1 133 ? -9.215  -3.206  -3.673  1.00 27.44 ? 137 GLN A CB  1 
ATOM   906  C  CG  . GLN A 1 133 ? -10.457 -3.269  -2.825  1.00 30.41 ? 137 GLN A CG  1 
ATOM   907  C  CD  . GLN A 1 133 ? -11.511 -2.265  -3.248  1.00 35.34 ? 137 GLN A CD  1 
ATOM   908  O  OE1 . GLN A 1 133 ? -12.124 -2.395  -4.316  1.00 38.54 ? 137 GLN A OE1 1 
ATOM   909  N  NE2 . GLN A 1 133 ? -11.749 -1.269  -2.401  1.00 26.52 ? 137 GLN A NE2 1 
ATOM   910  N  N   . GLN A 1 134 ? -7.439  -5.704  -5.132  1.00 36.78 ? 138 GLN A N   1 
ATOM   911  C  CA  . GLN A 1 134 ? -6.698  -6.146  -6.318  1.00 41.59 ? 138 GLN A CA  1 
ATOM   912  C  C   . GLN A 1 134 ? -7.182  -5.439  -7.588  1.00 43.03 ? 138 GLN A C   1 
ATOM   913  O  O   . GLN A 1 134 ? -8.388  -5.249  -7.769  1.00 45.75 ? 138 GLN A O   1 
ATOM   914  C  CB  . GLN A 1 134 ? -6.883  -7.662  -6.496  1.00 44.09 ? 138 GLN A CB  1 
ATOM   915  C  CG  . GLN A 1 134 ? -6.480  -8.523  -5.295  1.00 43.53 ? 138 GLN A CG  1 
ATOM   916  C  CD  . GLN A 1 134 ? -4.971  -8.582  -5.070  1.00 50.13 ? 138 GLN A CD  1 
ATOM   917  O  OE1 . GLN A 1 134 ? -4.511  -8.836  -3.952  1.00 48.36 ? 138 GLN A OE1 1 
ATOM   918  N  NE2 . GLN A 1 134 ? -4.195  -8.346  -6.129  1.00 47.67 ? 138 GLN A NE2 1 
ATOM   919  N  N   . LEU A 1 135 ? -6.243  -5.046  -8.451  1.00 44.16 ? 139 LEU A N   1 
ATOM   920  C  CA  . LEU A 1 135 ? -6.538  -4.311  -9.700  1.00 43.76 ? 139 LEU A CA  1 
ATOM   921  C  C   . LEU A 1 135 ? -5.711  -4.880  -10.867 1.00 46.65 ? 139 LEU A C   1 
ATOM   922  O  O   . LEU A 1 135 ? -6.255  -5.548  -11.754 1.00 46.57 ? 139 LEU A O   1 
ATOM   923  C  CB  A LEU A 1 135 ? -6.257  -2.807  -9.541  0.65 43.35 ? 139 LEU A CB  1 
ATOM   924  C  CG  A LEU A 1 135 ? -7.270  -1.836  -8.924  0.65 36.58 ? 139 LEU A CG  1 
ATOM   925  C  CD1 A LEU A 1 135 ? -7.490  -2.094  -7.461  0.65 37.38 ? 139 LEU A CD1 1 
ATOM   926  C  CD2 A LEU A 1 135 ? -6.779  -0.416  -9.110  0.65 41.83 ? 139 LEU A CD2 1 
ATOM   927  N  N   . VAL A 1 136 ? -4.406  -4.593  -10.866 1.00 46.44 ? 140 VAL A N   1 
ATOM   928  C  CA  . VAL A 1 136 ? -3.447  -5.314  -11.704 1.00 47.40 ? 140 VAL A CA  1 
ATOM   929  C  C   . VAL A 1 136 ? -2.543  -6.145  -10.789 1.00 49.71 ? 140 VAL A C   1 
ATOM   930  O  O   . VAL A 1 136 ? -2.318  -5.780  -9.627  1.00 50.68 ? 140 VAL A O   1 
ATOM   931  C  CB  . VAL A 1 136 ? -2.618  -4.385  -12.632 1.00 46.73 ? 140 VAL A CB  1 
ATOM   932  C  CG1 . VAL A 1 136 ? -1.677  -5.205  -13.513 1.00 45.24 ? 140 VAL A CG1 1 
ATOM   933  C  CG2 . VAL A 1 136 ? -3.535  -3.537  -13.509 1.00 41.54 ? 140 VAL A CG2 1 
ATOM   934  N  N   . TYR A 1 137 ? -2.059  -7.273  -11.308 1.00 50.70 ? 141 TYR A N   1 
ATOM   935  C  CA  . TYR A 1 137 ? -1.241  -8.206  -10.534 1.00 51.28 ? 141 TYR A CA  1 
ATOM   936  C  C   . TYR A 1 137 ? 0.180   -8.310  -11.090 1.00 51.05 ? 141 TYR A C   1 
ATOM   937  O  O   . TYR A 1 137 ? 0.366   -8.645  -12.263 1.00 52.18 ? 141 TYR A O   1 
ATOM   938  C  CB  . TYR A 1 137 ? -1.909  -9.589  -10.470 1.00 52.91 ? 141 TYR A CB  1 
ATOM   939  C  CG  . TYR A 1 137 ? -1.041  -10.666 -9.855  1.00 56.52 ? 141 TYR A CG  1 
ATOM   940  C  CD1 . TYR A 1 137 ? -0.769  -10.669 -8.487  1.00 56.10 ? 141 TYR A CD1 1 
ATOM   941  C  CD2 . TYR A 1 137 ? -0.490  -11.680 -10.641 1.00 58.73 ? 141 TYR A CD2 1 
ATOM   942  C  CE1 . TYR A 1 137 ? 0.041   -11.644 -7.920  1.00 59.45 ? 141 TYR A CE1 1 
ATOM   943  C  CE2 . TYR A 1 137 ? 0.317   -12.670 -10.079 1.00 60.81 ? 141 TYR A CE2 1 
ATOM   944  C  CZ  . TYR A 1 137 ? 0.574   -12.645 -8.714  1.00 60.10 ? 141 TYR A CZ  1 
ATOM   945  O  OH  . TYR A 1 137 ? 1.368   -13.616 -8.142  1.00 61.27 ? 141 TYR A OH  1 
ATOM   946  N  N   . PRO A 1 138 ? 1.187   -8.001  -10.252 1.00 50.09 ? 142 PRO A N   1 
ATOM   947  C  CA  . PRO A 1 138 ? 1.003   -7.443  -8.906  1.00 49.21 ? 142 PRO A CA  1 
ATOM   948  C  C   . PRO A 1 138 ? 1.183   -5.917  -8.889  1.00 46.28 ? 142 PRO A C   1 
ATOM   949  O  O   . PRO A 1 138 ? 1.717   -5.370  -7.918  1.00 45.90 ? 142 PRO A O   1 
ATOM   950  C  CB  . PRO A 1 138 ? 2.134   -8.116  -8.121  1.00 50.20 ? 142 PRO A CB  1 
ATOM   951  C  CG  . PRO A 1 138 ? 3.253   -8.315  -9.169  1.00 52.49 ? 142 PRO A CG  1 
ATOM   952  C  CD  . PRO A 1 138 ? 2.616   -8.219  -10.551 1.00 50.29 ? 142 PRO A CD  1 
ATOM   953  N  N   . THR A 1 139 ? 0.705   -5.255  -9.947  1.00 43.96 ? 143 THR A N   1 
ATOM   954  C  CA  . THR A 1 139 ? 1.134   -3.890  -10.330 1.00 39.03 ? 143 THR A CA  1 
ATOM   955  C  C   . THR A 1 139 ? 0.404   -2.716  -9.666  1.00 33.24 ? 143 THR A C   1 
ATOM   956  O  O   . THR A 1 139 ? 1.039   -1.731  -9.314  1.00 31.68 ? 143 THR A O   1 
ATOM   957  C  CB  . THR A 1 139 ? 1.116   -3.733  -11.885 1.00 38.53 ? 143 THR A CB  1 
ATOM   958  O  OG1 . THR A 1 139 ? 2.214   -4.461  -12.434 1.00 42.25 ? 143 THR A OG1 1 
ATOM   959  C  CG2 . THR A 1 139 ? 1.224   -2.274  -12.337 1.00 41.58 ? 143 THR A CG2 1 
ATOM   960  N  N   . LYS A 1 140 ? -0.917  -2.805  -9.543  1.00 32.54 ? 144 LYS A N   1 
ATOM   961  C  CA  . LYS A 1 140 ? -1.712  -1.755  -8.904  1.00 31.69 ? 144 LYS A CA  1 
ATOM   962  C  C   . LYS A 1 140 ? -2.608  -2.319  -7.816  1.00 28.98 ? 144 LYS A C   1 
ATOM   963  O  O   . LYS A 1 140 ? -3.364  -3.276  -8.043  1.00 26.73 ? 144 LYS A O   1 
ATOM   964  C  CB  . LYS A 1 140 ? -2.572  -0.997  -9.920  1.00 32.46 ? 144 LYS A CB  1 
ATOM   965  C  CG  . LYS A 1 140 ? -1.823  0.029   -10.754 1.00 38.64 ? 144 LYS A CG  1 
ATOM   966  C  CD  . LYS A 1 140 ? -2.774  0.816   -11.648 1.00 34.35 ? 144 LYS A CD  1 
ATOM   967  C  CE  . LYS A 1 140 ? -2.888  0.199   -13.041 1.00 41.88 ? 144 LYS A CE  1 
ATOM   968  N  NZ  . LYS A 1 140 ? -3.777  1.012   -13.937 1.00 34.15 ? 144 LYS A NZ  1 
ATOM   969  N  N   . LEU A 1 141 ? -2.505  -1.731  -6.627  1.00 25.85 ? 145 LEU A N   1 
ATOM   970  C  CA  . LEU A 1 141 ? -3.413  -2.039  -5.533  1.00 23.18 ? 145 LEU A CA  1 
ATOM   971  C  C   . LEU A 1 141 ? -4.088  -0.770  -5.019  1.00 22.69 ? 145 LEU A C   1 
ATOM   972  O  O   . LEU A 1 141 ? -3.536  0.328   -5.121  1.00 24.49 ? 145 LEU A O   1 
ATOM   973  C  CB  . LEU A 1 141 ? -2.682  -2.787  -4.401  1.00 24.74 ? 145 LEU A CB  1 
ATOM   974  C  CG  . LEU A 1 141 ? -2.136  -4.193  -4.710  1.00 22.62 ? 145 LEU A CG  1 
ATOM   975  C  CD1 . LEU A 1 141 ? -1.634  -4.832  -3.444  1.00 28.88 ? 145 LEU A CD1 1 
ATOM   976  C  CD2 . LEU A 1 141 ? -3.195  -5.069  -5.347  1.00 25.73 ? 145 LEU A CD2 1 
ATOM   977  N  N   . PHE A 1 142 ? -5.299  -0.926  -4.498  1.00 22.42 ? 146 PHE A N   1 
ATOM   978  C  CA  . PHE A 1 142 ? -6.036  0.174   -3.924  1.00 23.50 ? 146 PHE A CA  1 
ATOM   979  C  C   . PHE A 1 142 ? -6.391  -0.217  -2.499  1.00 22.52 ? 146 PHE A C   1 
ATOM   980  O  O   . PHE A 1 142 ? -7.012  -1.272  -2.255  1.00 22.26 ? 146 PHE A O   1 
ATOM   981  C  CB  . PHE A 1 142 ? -7.286  0.485   -4.765  1.00 22.65 ? 146 PHE A CB  1 
ATOM   982  C  CG  . PHE A 1 142 ? -8.124  1.599   -4.216  1.00 25.10 ? 146 PHE A CG  1 
ATOM   983  C  CD1 . PHE A 1 142 ? -7.693  2.918   -4.317  1.00 19.44 ? 146 PHE A CD1 1 
ATOM   984  C  CD2 . PHE A 1 142 ? -9.336  1.334   -3.589  1.00 23.38 ? 146 PHE A CD2 1 
ATOM   985  C  CE1 . PHE A 1 142 ? -8.458  3.954   -3.813  1.00 23.80 ? 146 PHE A CE1 1 
ATOM   986  C  CE2 . PHE A 1 142 ? -10.116 2.374   -3.061  1.00 30.80 ? 146 PHE A CE2 1 
ATOM   987  C  CZ  . PHE A 1 142 ? -9.670  3.687   -3.176  1.00 24.45 ? 146 PHE A CZ  1 
ATOM   988  N  N   . TYR A 1 143 ? -5.954  0.613   -1.555  1.00 21.31 ? 147 TYR A N   1 
ATOM   989  C  CA  . TYR A 1 143 ? -6.221  0.387   -0.143  1.00 19.75 ? 147 TYR A CA  1 
ATOM   990  C  C   . TYR A 1 143 ? -7.195  1.406   0.390   1.00 21.16 ? 147 TYR A C   1 
ATOM   991  O  O   . TYR A 1 143 ? -7.154  2.583   -0.001  1.00 23.10 ? 147 TYR A O   1 
ATOM   992  C  CB  . TYR A 1 143 ? -4.952  0.515   0.705   1.00 19.05 ? 147 TYR A CB  1 
ATOM   993  C  CG  . TYR A 1 143 ? -3.879  -0.472  0.371   1.00 17.80 ? 147 TYR A CG  1 
ATOM   994  C  CD1 . TYR A 1 143 ? -3.718  -1.624  1.149   1.00 19.85 ? 147 TYR A CD1 1 
ATOM   995  C  CD2 . TYR A 1 143 ? -3.024  -0.270  -0.715  1.00 14.41 ? 147 TYR A CD2 1 
ATOM   996  C  CE1 . TYR A 1 143 ? -2.727  -2.536  0.868   1.00 14.12 ? 147 TYR A CE1 1 
ATOM   997  C  CE2 . TYR A 1 143 ? -2.022  -1.194  -1.016  1.00 19.64 ? 147 TYR A CE2 1 
ATOM   998  C  CZ  . TYR A 1 143 ? -1.896  -2.332  -0.214  1.00 16.70 ? 147 TYR A CZ  1 
ATOM   999  O  OH  . TYR A 1 143 ? -0.927  -3.260  -0.473  1.00 17.42 ? 147 TYR A OH  1 
ATOM   1000 N  N   . THR A 1 144 ? -8.033  0.961   1.306   1.00 19.25 ? 148 THR A N   1 
ATOM   1001 C  CA  . THR A 1 144 ? -8.861  1.876   2.100   1.00 19.06 ? 148 THR A CA  1 
ATOM   1002 C  C   . THR A 1 144 ? -8.689  1.605   3.589   1.00 18.23 ? 148 THR A C   1 
ATOM   1003 O  O   . THR A 1 144 ? -9.177  0.591   4.110   1.00 16.65 ? 148 THR A O   1 
ATOM   1004 C  CB  . THR A 1 144 ? -10.329 1.772   1.705   1.00 19.33 ? 148 THR A CB  1 
ATOM   1005 O  OG1 . THR A 1 144 ? -10.448 1.995   0.292   1.00 23.37 ? 148 THR A OG1 1 
ATOM   1006 C  CG2 . THR A 1 144 ? -11.159 2.798   2.472   1.00 21.64 ? 148 THR A CG2 1 
ATOM   1007 N  N   . PHE A 1 145 ? -7.996  2.514   4.266   1.00 17.38 ? 149 PHE A N   1 
ATOM   1008 C  CA  . PHE A 1 145 ? -7.737  2.418   5.695   1.00 16.00 ? 149 PHE A CA  1 
ATOM   1009 C  C   . PHE A 1 145 ? -8.934  2.944   6.484   1.00 21.37 ? 149 PHE A C   1 
ATOM   1010 O  O   . PHE A 1 145 ? -9.348  4.094   6.291   1.00 22.72 ? 149 PHE A O   1 
ATOM   1011 C  CB  . PHE A 1 145 ? -6.513  3.265   6.074   1.00 17.46 ? 149 PHE A CB  1 
ATOM   1012 C  CG  . PHE A 1 145 ? -5.184  2.700   5.641   1.00 18.00 ? 149 PHE A CG  1 
ATOM   1013 C  CD1 . PHE A 1 145 ? -4.445  1.921   6.516   1.00 14.55 ? 149 PHE A CD1 1 
ATOM   1014 C  CD2 . PHE A 1 145 ? -4.642  2.999   4.380   1.00 15.59 ? 149 PHE A CD2 1 
ATOM   1015 C  CE1 . PHE A 1 145 ? -3.185  1.400   6.132   1.00 16.50 ? 149 PHE A CE1 1 
ATOM   1016 C  CE2 . PHE A 1 145 ? -3.397  2.504   3.993   1.00 18.32 ? 149 PHE A CE2 1 
ATOM   1017 C  CZ  . PHE A 1 145 ? -2.669  1.695   4.874   1.00 11.51 ? 149 PHE A CZ  1 
ATOM   1018 N  N   . TYR A 1 146 ? -9.476  2.129   7.380   1.00 17.88 ? 150 TYR A N   1 
ATOM   1019 C  CA  . TYR A 1 146 ? -10.546 2.600   8.270   1.00 20.59 ? 150 TYR A CA  1 
ATOM   1020 C  C   . TYR A 1 146 ? -9.915  3.023   9.606   1.00 20.42 ? 150 TYR A C   1 
ATOM   1021 O  O   . TYR A 1 146 ? -9.855  2.251   10.570  1.00 19.59 ? 150 TYR A O   1 
ATOM   1022 C  CB  . TYR A 1 146 ? -11.682 1.562   8.353   1.00 20.30 ? 150 TYR A CB  1 
ATOM   1023 C  CG  . TYR A 1 146 ? -12.252 1.229   6.977   1.00 25.83 ? 150 TYR A CG  1 
ATOM   1024 C  CD1 . TYR A 1 146 ? -13.311 1.973   6.424   1.00 22.85 ? 150 TYR A CD1 1 
ATOM   1025 C  CD2 . TYR A 1 146 ? -11.702 0.205   6.206   1.00 28.73 ? 150 TYR A CD2 1 
ATOM   1026 C  CE1 . TYR A 1 146 ? -13.826 1.670   5.145   1.00 25.62 ? 150 TYR A CE1 1 
ATOM   1027 C  CE2 . TYR A 1 146 ? -12.198 -0.098  4.936   1.00 28.50 ? 150 TYR A CE2 1 
ATOM   1028 C  CZ  . TYR A 1 146 ? -13.253 0.634   4.411   1.00 26.98 ? 150 TYR A CZ  1 
ATOM   1029 O  OH  . TYR A 1 146 ? -13.715 0.322   3.155   1.00 27.86 ? 150 TYR A OH  1 
ATOM   1030 N  N   . LEU A 1 147 ? -9.379  4.250   9.612   1.00 19.54 ? 151 LEU A N   1 
ATOM   1031 C  CA  . LEU A 1 147 ? -8.437  4.714   10.645  1.00 21.26 ? 151 LEU A CA  1 
ATOM   1032 C  C   . LEU A 1 147 ? -9.102  5.289   11.868  1.00 24.70 ? 151 LEU A C   1 
ATOM   1033 O  O   . LEU A 1 147 ? -9.884  6.244   11.773  1.00 23.76 ? 151 LEU A O   1 
ATOM   1034 C  CB  . LEU A 1 147 ? -7.495  5.795   10.095  1.00 22.33 ? 151 LEU A CB  1 
ATOM   1035 C  CG  . LEU A 1 147 ? -6.314  5.430   9.211   1.00 27.67 ? 151 LEU A CG  1 
ATOM   1036 C  CD1 . LEU A 1 147 ? -5.733  6.716   8.627   1.00 25.23 ? 151 LEU A CD1 1 
ATOM   1037 C  CD2 . LEU A 1 147 ? -5.246  4.659   10.004  1.00 24.03 ? 151 LEU A CD2 1 
ATOM   1038 N  N   . LYS A 1 148 ? -8.759  4.718   13.017  1.00 24.34 ? 152 LYS A N   1 
ATOM   1039 C  CA  . LYS A 1 148 ? -9.179  5.225   14.320  1.00 23.53 ? 152 LYS A CA  1 
ATOM   1040 C  C   . LYS A 1 148 ? -7.937  5.583   15.132  1.00 24.00 ? 152 LYS A C   1 
ATOM   1041 O  O   . LYS A 1 148 ? -6.832  5.105   14.838  1.00 24.54 ? 152 LYS A O   1 
ATOM   1042 C  CB  . LYS A 1 148 ? -9.978  4.150   15.068  1.00 23.84 ? 152 LYS A CB  1 
ATOM   1043 C  CG  . LYS A 1 148 ? -11.301 3.784   14.451  1.00 24.32 ? 152 LYS A CG  1 
ATOM   1044 C  CD  . LYS A 1 148 ? -11.774 2.464   14.998  1.00 31.96 ? 152 LYS A CD  1 
ATOM   1045 C  CE  . LYS A 1 148 ? -13.172 2.182   14.548  1.00 32.78 ? 152 LYS A CE  1 
ATOM   1046 N  NZ  . LYS A 1 148 ? -13.605 0.867   15.053  1.00 25.74 ? 152 LYS A NZ  1 
ATOM   1047 N  N   . GLY A 1 149 ? -8.113  6.435   16.141  1.00 24.03 ? 153 GLY A N   1 
ATOM   1048 C  CA  . GLY A 1 149 ? -7.076  6.708   17.129  1.00 22.23 ? 153 GLY A CA  1 
ATOM   1049 C  C   . GLY A 1 149 ? -6.160  7.883   16.841  1.00 24.09 ? 153 GLY A C   1 
ATOM   1050 O  O   . GLY A 1 149 ? -5.239  8.157   17.611  1.00 22.78 ? 153 GLY A O   1 
ATOM   1051 N  N   . LEU A 1 150 ? -6.398  8.587   15.735  1.00 26.19 ? 154 LEU A N   1 
ATOM   1052 C  CA  . LEU A 1 150 ? -5.575  9.749   15.406  1.00 25.64 ? 154 LEU A CA  1 
ATOM   1053 C  C   . LEU A 1 150 ? -5.951  10.948  16.263  1.00 26.96 ? 154 LEU A C   1 
ATOM   1054 O  O   . LEU A 1 150 ? -7.125  11.141  16.588  1.00 26.52 ? 154 LEU A O   1 
ATOM   1055 C  CB  . LEU A 1 150 ? -5.691  10.120  13.928  1.00 26.68 ? 154 LEU A CB  1 
ATOM   1056 C  CG  . LEU A 1 150 ? -4.702  9.445   12.969  1.00 26.81 ? 154 LEU A CG  1 
ATOM   1057 C  CD1 . LEU A 1 150 ? -4.631  7.933   13.181  1.00 27.12 ? 154 LEU A CD1 1 
ATOM   1058 C  CD2 . LEU A 1 150 ? -5.047  9.807   11.526  1.00 25.97 ? 154 LEU A CD2 1 
ATOM   1059 N  N   . ALA A 1 151 ? -4.930  11.720  16.612  1.00 26.10 ? 155 ALA A N   1 
ATOM   1060 C  CA  . ALA A 1 151 ? -5.052  12.922  17.427  1.00 28.52 ? 155 ALA A CA  1 
ATOM   1061 C  C   . ALA A 1 151 ? -5.790  14.034  16.686  1.00 29.74 ? 155 ALA A C   1 
ATOM   1062 O  O   . ALA A 1 151 ? -6.476  14.849  17.315  1.00 30.24 ? 155 ALA A O   1 
ATOM   1063 C  CB  . ALA A 1 151 ? -3.681  13.388  17.850  1.00 26.92 ? 155 ALA A CB  1 
ATOM   1064 N  N   . ASN A 1 152 ? -5.664  14.066  15.359  1.00 27.79 ? 156 ASN A N   1 
ATOM   1065 C  CA  . ASN A 1 152 ? -6.296  15.117  14.554  1.00 28.19 ? 156 ASN A CA  1 
ATOM   1066 C  C   . ASN A 1 152 ? -6.925  14.604  13.266  1.00 30.61 ? 156 ASN A C   1 
ATOM   1067 O  O   . ASN A 1 152 ? -6.678  13.460  12.858  1.00 28.98 ? 156 ASN A O   1 
ATOM   1068 C  CB  . ASN A 1 152 ? -5.271  16.203  14.229  1.00 30.49 ? 156 ASN A CB  1 
ATOM   1069 C  CG  . ASN A 1 152 ? -4.801  16.949  15.469  1.00 29.44 ? 156 ASN A CG  1 
ATOM   1070 O  OD1 . ASN A 1 152 ? -3.613  16.990  15.772  1.00 35.12 ? 156 ASN A OD1 1 
ATOM   1071 N  ND2 . ASN A 1 152 ? -5.749  17.530  16.202  1.00 32.49 ? 156 ASN A ND2 1 
ATOM   1072 N  N   . ASP A 1 153 ? -7.733  15.447  12.615  1.00 31.28 ? 157 ASP A N   1 
ATOM   1073 C  CA  . ASP A 1 153 ? -8.285  15.091  11.307  1.00 29.32 ? 157 ASP A CA  1 
ATOM   1074 C  C   . ASP A 1 153 ? -7.147  14.984  10.294  1.00 28.67 ? 157 ASP A C   1 
ATOM   1075 O  O   . ASP A 1 153 ? -6.121  15.658  10.419  1.00 29.33 ? 157 ASP A O   1 
ATOM   1076 C  CB  . ASP A 1 153 ? -9.357  16.094  10.834  1.00 29.43 ? 157 ASP A CB  1 
ATOM   1077 C  CG  . ASP A 1 153 ? -10.620 16.104  11.719  1.00 29.92 ? 157 ASP A CG  1 
ATOM   1078 O  OD1 . ASP A 1 153 ? -11.039 15.063  12.274  1.00 29.09 ? 157 ASP A OD1 1 
ATOM   1079 O  OD2 . ASP A 1 153 ? -11.228 17.180  11.836  1.00 33.67 ? 157 ASP A OD2 1 
ATOM   1080 N  N   . LEU A 1 154 ? -7.315  14.107  9.311   1.00 28.53 ? 158 LEU A N   1 
ATOM   1081 C  CA  . LEU A 1 154 ? -6.319  13.936  8.247   1.00 29.35 ? 158 LEU A CA  1 
ATOM   1082 C  C   . LEU A 1 154 ? -6.190  15.222  7.399   1.00 29.89 ? 158 LEU A C   1 
ATOM   1083 O  O   . LEU A 1 154 ? -7.203  15.877  7.125   1.00 29.74 ? 158 LEU A O   1 
ATOM   1084 C  CB  . LEU A 1 154 ? -6.699  12.746  7.354   1.00 29.06 ? 158 LEU A CB  1 
ATOM   1085 C  CG  . LEU A 1 154 ? -6.620  11.308  7.896   1.00 28.93 ? 158 LEU A CG  1 
ATOM   1086 C  CD1 . LEU A 1 154 ? -7.553  10.388  7.117   1.00 29.53 ? 158 LEU A CD1 1 
ATOM   1087 C  CD2 . LEU A 1 154 ? -5.181  10.776  7.866   1.00 32.66 ? 158 LEU A CD2 1 
ATOM   1088 N  N   . PRO A 1 155 ? -4.948  15.594  7.005   1.00 29.73 ? 159 PRO A N   1 
ATOM   1089 C  CA  . PRO A 1 155 ? -4.718  16.742  6.125   1.00 28.98 ? 159 PRO A CA  1 
ATOM   1090 C  C   . PRO A 1 155 ? -5.487  16.613  4.828   1.00 28.96 ? 159 PRO A C   1 
ATOM   1091 O  O   . PRO A 1 155 ? -5.655  15.502  4.292   1.00 26.25 ? 159 PRO A O   1 
ATOM   1092 C  CB  . PRO A 1 155 ? -3.206  16.696  5.852   1.00 29.66 ? 159 PRO A CB  1 
ATOM   1093 C  CG  . PRO A 1 155 ? -2.784  15.330  6.265   1.00 33.56 ? 159 PRO A CG  1 
ATOM   1094 C  CD  . PRO A 1 155 ? -3.675  14.969  7.393   1.00 29.42 ? 159 PRO A CD  1 
ATOM   1095 N  N   . LEU A 1 156 ? -5.956  17.750  4.332   1.00 28.19 ? 160 LEU A N   1 
ATOM   1096 C  CA  . LEU A 1 156 ? -6.810  17.777  3.149   1.00 29.57 ? 160 LEU A CA  1 
ATOM   1097 C  C   . LEU A 1 156 ? -6.159  17.226  1.881   1.00 27.38 ? 160 LEU A C   1 
ATOM   1098 O  O   . LEU A 1 156 ? -6.840  16.614  1.070   1.00 29.23 ? 160 LEU A O   1 
ATOM   1099 C  CB  . LEU A 1 156 ? -7.401  19.177  2.932   1.00 32.13 ? 160 LEU A CB  1 
ATOM   1100 C  CG  . LEU A 1 156 ? -8.680  19.405  3.755   1.00 34.82 ? 160 LEU A CG  1 
ATOM   1101 C  CD1 . LEU A 1 156 ? -8.814  20.848  4.258   1.00 37.16 ? 160 LEU A CD1 1 
ATOM   1102 C  CD2 . LEU A 1 156 ? -9.925  18.968  2.968   1.00 39.75 ? 160 LEU A CD2 1 
ATOM   1103 N  N   . GLU A 1 157 ? -4.855  17.407  1.718   1.00 28.47 ? 161 GLU A N   1 
ATOM   1104 C  CA  . GLU A 1 157 ? -4.178  16.861  0.541   1.00 28.65 ? 161 GLU A CA  1 
ATOM   1105 C  C   . GLU A 1 157 ? -4.166  15.319  0.503   1.00 29.52 ? 161 GLU A C   1 
ATOM   1106 O  O   . GLU A 1 157 ? -3.930  14.730  -0.552  1.00 27.69 ? 161 GLU A O   1 
ATOM   1107 C  CB  . GLU A 1 157 ? -2.771  17.440  0.361   1.00 29.36 ? 161 GLU A CB  1 
ATOM   1108 C  CG  . GLU A 1 157 ? -1.806  17.195  1.503   1.00 27.05 ? 161 GLU A CG  1 
ATOM   1109 C  CD  . GLU A 1 157 ? -0.370  17.468  1.089   1.00 37.64 ? 161 GLU A CD  1 
ATOM   1110 O  OE1 . GLU A 1 157 ? -0.131  17.805  -0.092  1.00 37.85 ? 161 GLU A OE1 1 
ATOM   1111 O  OE2 . GLU A 1 157 ? 0.525   17.353  1.943   1.00 33.37 ? 161 GLU A OE2 1 
ATOM   1112 N  N   . LEU A 1 158 ? -4.422  14.683  1.649   1.00 29.85 ? 162 LEU A N   1 
ATOM   1113 C  CA  . LEU A 1 158 ? -4.488  13.212  1.714   1.00 28.84 ? 162 LEU A CA  1 
ATOM   1114 C  C   . LEU A 1 158 ? -5.899  12.647  1.576   1.00 28.89 ? 162 LEU A C   1 
ATOM   1115 O  O   . LEU A 1 158 ? -6.061  11.437  1.376   1.00 28.98 ? 162 LEU A O   1 
ATOM   1116 C  CB  . LEU A 1 158 ? -3.838  12.670  2.998   1.00 26.86 ? 162 LEU A CB  1 
ATOM   1117 C  CG  . LEU A 1 158 ? -2.329  12.823  3.214   1.00 26.56 ? 162 LEU A CG  1 
ATOM   1118 C  CD1 . LEU A 1 158 ? -1.944  12.186  4.542   1.00 30.38 ? 162 LEU A CD1 1 
ATOM   1119 C  CD2 . LEU A 1 158 ? -1.475  12.247  2.069   1.00 27.33 ? 162 LEU A CD2 1 
ATOM   1120 N  N   . ILE A 1 159 ? -6.912  13.505  1.671   1.00 28.40 ? 163 ILE A N   1 
ATOM   1121 C  CA  . ILE A 1 159 ? -8.305  13.035  1.660   1.00 30.78 ? 163 ILE A CA  1 
ATOM   1122 C  C   . ILE A 1 159 ? -9.197  13.541  0.505   1.00 31.96 ? 163 ILE A C   1 
ATOM   1123 O  O   . ILE A 1 159 ? -10.423 13.613  0.642   1.00 32.62 ? 163 ILE A O   1 
ATOM   1124 C  CB  . ILE A 1 159 ? -9.022  13.218  3.030   1.00 30.67 ? 163 ILE A CB  1 
ATOM   1125 C  CG1 . ILE A 1 159 ? -8.965  14.678  3.497   1.00 34.32 ? 163 ILE A CG1 1 
ATOM   1126 C  CG2 . ILE A 1 159 ? -8.442  12.272  4.071   1.00 34.55 ? 163 ILE A CG2 1 
ATOM   1127 C  CD1 . ILE A 1 159 ? -10.138 15.069  4.380   1.00 32.49 ? 163 ILE A CD1 1 
ATOM   1128 N  N   . GLY A 1 160 ? -8.584  13.853  -0.635  1.00 33.60 ? 164 GLY A N   1 
ATOM   1129 C  CA  . GLY A 1 160 ? -9.347  14.180  -1.846  1.00 35.40 ? 164 GLY A CA  1 
ATOM   1130 C  C   . GLY A 1 160 ? -10.200 12.999  -2.279  1.00 37.68 ? 164 GLY A C   1 
ATOM   1131 O  O   . GLY A 1 160 ? -9.819  11.848  -2.053  1.00 38.85 ? 164 GLY A O   1 
ATOM   1132 N  N   . THR A 1 161 ? -11.353 13.274  -2.888  1.00 37.43 ? 165 THR A N   1 
ATOM   1133 C  CA  . THR A 1 161 ? -12.266 12.216  -3.340  1.00 36.88 ? 165 THR A CA  1 
ATOM   1134 C  C   . THR A 1 161 ? -11.509 11.167  -4.153  1.00 35.08 ? 165 THR A C   1 
ATOM   1135 O  O   . THR A 1 161 ? -10.955 11.478  -5.206  1.00 32.14 ? 165 THR A O   1 
ATOM   1136 C  CB  . THR A 1 161 ? -13.448 12.762  -4.189  1.00 38.22 ? 165 THR A CB  1 
ATOM   1137 O  OG1 . THR A 1 161 ? -13.999 13.937  -3.574  1.00 37.62 ? 165 THR A OG1 1 
ATOM   1138 C  CG2 . THR A 1 161 ? -14.545 11.693  -4.328  1.00 35.76 ? 165 THR A CG2 1 
ATOM   1139 N  N   . PRO A 1 162 ? -11.466 9.917   -3.654  1.00 35.71 ? 166 PRO A N   1 
ATOM   1140 C  CA  . PRO A 1 162 ? -10.645 8.933   -4.359  1.00 36.64 ? 166 PRO A CA  1 
ATOM   1141 C  C   . PRO A 1 162 ? -11.160 8.620   -5.762  1.00 37.88 ? 166 PRO A C   1 
ATOM   1142 O  O   . PRO A 1 162 ? -12.374 8.573   -5.986  1.00 37.62 ? 166 PRO A O   1 
ATOM   1143 C  CB  . PRO A 1 162 ? -10.725 7.684   -3.460  1.00 36.60 ? 166 PRO A CB  1 
ATOM   1144 C  CG  . PRO A 1 162 ? -11.235 8.178   -2.132  1.00 37.41 ? 166 PRO A CG  1 
ATOM   1145 C  CD  . PRO A 1 162 ? -12.120 9.346   -2.464  1.00 36.10 ? 166 PRO A CD  1 
ATOM   1146 N  N   . VAL A 1 163 ? -10.236 8.439   -6.699  1.00 37.32 ? 167 VAL A N   1 
ATOM   1147 C  CA  . VAL A 1 163 ? -10.578 7.876   -7.992  1.00 40.17 ? 167 VAL A CA  1 
ATOM   1148 C  C   . VAL A 1 163 ? -11.071 6.442   -7.749  1.00 41.46 ? 167 VAL A C   1 
ATOM   1149 O  O   . VAL A 1 163 ? -10.348 5.640   -7.143  1.00 40.90 ? 167 VAL A O   1 
ATOM   1150 C  CB  . VAL A 1 163 ? -9.369  7.839   -8.941  1.00 38.74 ? 167 VAL A CB  1 
ATOM   1151 C  CG1 . VAL A 1 163 ? -9.790  7.326   -10.315 1.00 40.15 ? 167 VAL A CG1 1 
ATOM   1152 C  CG2 . VAL A 1 163 ? -8.725  9.219   -9.062  1.00 42.49 ? 167 VAL A CG2 1 
ATOM   1153 N  N   . PRO A 1 164 ? -12.305 6.122   -8.200  1.00 42.31 ? 168 PRO A N   1 
ATOM   1154 C  CA  . PRO A 1 164 ? -12.806 4.747   -8.068  1.00 43.06 ? 168 PRO A CA  1 
ATOM   1155 C  C   . PRO A 1 164 ? -11.880 3.761   -8.777  1.00 42.87 ? 168 PRO A C   1 
ATOM   1156 O  O   . PRO A 1 164 ? -11.493 4.001   -9.924  1.00 43.14 ? 168 PRO A O   1 
ATOM   1157 C  CB  . PRO A 1 164 ? -14.188 4.798   -8.739  1.00 44.04 ? 168 PRO A CB  1 
ATOM   1158 C  CG  . PRO A 1 164 ? -14.181 6.039   -9.571  1.00 43.77 ? 168 PRO A CG  1 
ATOM   1159 C  CD  . PRO A 1 164 ? -13.282 7.004   -8.864  1.00 42.85 ? 168 PRO A CD  1 
ATOM   1160 N  N   . PRO A 1 165 ? -11.496 2.670   -8.091  1.00 43.27 ? 169 PRO A N   1 
ATOM   1161 C  CA  . PRO A 1 165 ? -10.484 1.747   -8.615  1.00 44.24 ? 169 PRO A CA  1 
ATOM   1162 C  C   . PRO A 1 165 ? -10.868 1.029   -9.918  1.00 46.26 ? 169 PRO A C   1 
ATOM   1163 O  O   . PRO A 1 165 ? -11.983 0.528   -10.044 1.00 47.20 ? 169 PRO A O   1 
ATOM   1164 C  CB  . PRO A 1 165 ? -10.298 0.740   -7.470  1.00 43.85 ? 169 PRO A CB  1 
ATOM   1165 C  CG  . PRO A 1 165 ? -11.532 0.834   -6.667  1.00 42.99 ? 169 PRO A CG  1 
ATOM   1166 C  CD  . PRO A 1 165 ? -11.988 2.254   -6.768  1.00 43.15 ? 169 PRO A CD  1 
ATOM   1167 N  N   . SER A 1 166 ? -9.948  1.026   -10.879 1.00 48.74 ? 170 SER A N   1 
ATOM   1168 C  CA  . SER A 1 166 ? -10.042 0.188   -12.084 1.00 51.63 ? 170 SER A CA  1 
ATOM   1169 C  C   . SER A 1 166 ? -8.639  -0.140  -12.611 1.00 52.16 ? 170 SER A C   1 
ATOM   1170 O  O   . SER A 1 166 ? -7.642  0.382   -12.105 1.00 53.65 ? 170 SER A O   1 
ATOM   1171 C  CB  . SER A 1 166 ? -10.917 0.839   -13.168 1.00 52.60 ? 170 SER A CB  1 
ATOM   1172 O  OG  . SER A 1 166 ? -10.397 2.089   -13.593 1.00 55.25 ? 170 SER A OG  1 
ATOM   1173 N  N   . LYS A 1 167 ? -8.558  -1.004  -13.620 1.00 52.51 ? 171 LYS A N   1 
ATOM   1174 C  CA  . LYS A 1 167 ? -7.264  -1.464  -14.140 1.00 51.82 ? 171 LYS A CA  1 
ATOM   1175 C  C   . LYS A 1 167 ? -6.511  -0.403  -14.951 1.00 51.60 ? 171 LYS A C   1 
ATOM   1176 O  O   . LYS A 1 167 ? -5.343  -0.607  -15.298 1.00 52.87 ? 171 LYS A O   1 
ATOM   1177 C  CB  . LYS A 1 167 ? -7.419  -2.754  -14.965 1.00 52.40 ? 171 LYS A CB  1 
ATOM   1178 C  CG  . LYS A 1 167 ? -8.001  -2.572  -16.372 1.00 47.92 ? 171 LYS A CG  1 
ATOM   1179 C  CD  . LYS A 1 167 ? -7.650  -3.761  -17.269 1.00 48.81 ? 171 LYS A CD  1 
ATOM   1180 C  CE  . LYS A 1 167 ? -8.218  -3.607  -18.683 1.00 47.97 ? 171 LYS A CE  1 
ATOM   1181 N  NZ  . LYS A 1 167 ? -7.514  -2.570  -19.500 1.00 44.02 ? 171 LYS A NZ  1 
ATOM   1182 N  N   . ASP A 1 168 ? -7.179  0.715   -15.238 1.00 50.65 ? 172 ASP A N   1 
ATOM   1183 C  CA  . ASP A 1 168 ? -6.628  1.771   -16.101 1.00 50.02 ? 172 ASP A CA  1 
ATOM   1184 C  C   . ASP A 1 168 ? -6.252  3.073   -15.383 1.00 47.82 ? 172 ASP A C   1 
ATOM   1185 O  O   . ASP A 1 168 ? -5.484  3.873   -15.925 1.00 47.83 ? 172 ASP A O   1 
ATOM   1186 C  CB  . ASP A 1 168 ? -7.599  2.082   -17.256 1.00 51.71 ? 172 ASP A CB  1 
ATOM   1187 C  CG  . ASP A 1 168 ? -7.556  1.035   -18.374 1.00 53.03 ? 172 ASP A CG  1 
ATOM   1188 O  OD1 . ASP A 1 168 ? -6.900  -0.017  -18.206 1.00 53.14 ? 172 ASP A OD1 1 
ATOM   1189 O  OD2 . ASP A 1 168 ? -8.187  1.273   -19.430 1.00 50.53 ? 172 ASP A OD2 1 
ATOM   1190 N  N   . VAL A 1 169 ? -6.798  3.294   -14.186 1.00 45.84 ? 173 VAL A N   1 
ATOM   1191 C  CA  . VAL A 1 169 ? -6.517  4.525   -13.426 1.00 43.24 ? 173 VAL A CA  1 
ATOM   1192 C  C   . VAL A 1 169 ? -5.018  4.701   -13.157 1.00 42.23 ? 173 VAL A C   1 
ATOM   1193 O  O   . VAL A 1 169 ? -4.313  3.728   -12.872 1.00 42.81 ? 173 VAL A O   1 
ATOM   1194 C  CB  . VAL A 1 169 ? -7.328  4.618   -12.101 1.00 43.52 ? 173 VAL A CB  1 
ATOM   1195 C  CG1 . VAL A 1 169 ? -8.820  4.687   -12.385 1.00 38.56 ? 173 VAL A CG1 1 
ATOM   1196 C  CG2 . VAL A 1 169 ? -6.996  3.463   -11.146 1.00 37.34 ? 173 VAL A CG2 1 
ATOM   1197 N  N   . GLU A 1 170 ? -4.543  5.942   -13.256 1.00 41.38 ? 174 GLU A N   1 
ATOM   1198 C  CA  . GLU A 1 170 ? -3.108  6.218   -13.236 1.00 41.85 ? 174 GLU A CA  1 
ATOM   1199 C  C   . GLU A 1 170 ? -2.755  7.481   -12.421 1.00 40.35 ? 174 GLU A C   1 
ATOM   1200 O  O   . GLU A 1 170 ? -3.586  8.381   -12.289 1.00 38.44 ? 174 GLU A O   1 
ATOM   1201 C  CB  . GLU A 1 170 ? -2.595  6.334   -14.669 1.00 43.45 ? 174 GLU A CB  1 
ATOM   1202 C  CG  . GLU A 1 170 ? -1.272  5.624   -14.900 1.00 51.94 ? 174 GLU A CG  1 
ATOM   1203 C  CD  . GLU A 1 170 ? -1.118  5.120   -16.322 1.00 63.64 ? 174 GLU A CD  1 
ATOM   1204 O  OE1 . GLU A 1 170 ? -0.973  3.890   -16.498 1.00 67.66 ? 174 GLU A OE1 1 
ATOM   1205 O  OE2 . GLU A 1 170 ? -1.148  5.947   -17.260 1.00 63.77 ? 174 GLU A OE2 1 
ATOM   1206 N  N   . PRO A 1 171 ? -1.534  7.538   -11.843 1.00 40.00 ? 175 PRO A N   1 
ATOM   1207 C  CA  . PRO A 1 171 ? -1.148  8.763   -11.152 1.00 40.06 ? 175 PRO A CA  1 
ATOM   1208 C  C   . PRO A 1 171 ? -0.963  9.927   -12.122 1.00 39.79 ? 175 PRO A C   1 
ATOM   1209 O  O   . PRO A 1 171 ? -0.507  9.720   -13.252 1.00 39.22 ? 175 PRO A O   1 
ATOM   1210 C  CB  . PRO A 1 171 ? 0.185   8.391   -10.487 1.00 39.63 ? 175 PRO A CB  1 
ATOM   1211 C  CG  . PRO A 1 171 ? 0.705   7.259   -11.256 1.00 41.69 ? 175 PRO A CG  1 
ATOM   1212 C  CD  . PRO A 1 171 ? -0.486  6.506   -11.749 1.00 40.42 ? 175 PRO A CD  1 
ATOM   1213 N  N   . ALA A 1 172 ? -1.329  11.132  -11.677 1.00 39.47 ? 176 ALA A N   1 
ATOM   1214 C  CA  . ALA A 1 172 ? -1.127  12.364  -12.451 1.00 39.34 ? 176 ALA A CA  1 
ATOM   1215 C  C   . ALA A 1 172 ? 0.322   12.499  -12.933 1.00 40.46 ? 176 ALA A C   1 
ATOM   1216 O  O   . ALA A 1 172 ? 1.243   12.057  -12.235 1.00 40.16 ? 176 ALA A O   1 
ATOM   1217 C  CB  . ALA A 1 172 ? -1.521  13.570  -11.624 1.00 38.73 ? 176 ALA A CB  1 
ATOM   1218 N  N   . PRO A 1 173 ? 0.534   13.121  -14.119 1.00 40.97 ? 177 PRO A N   1 
ATOM   1219 C  CA  . PRO A 1 173 ? 1.867   13.185  -14.731 1.00 40.57 ? 177 PRO A CA  1 
ATOM   1220 C  C   . PRO A 1 173 ? 2.901   13.818  -13.815 1.00 38.67 ? 177 PRO A C   1 
ATOM   1221 O  O   . PRO A 1 173 ? 4.041   13.357  -13.761 1.00 37.93 ? 177 PRO A O   1 
ATOM   1222 C  CB  . PRO A 1 173 ? 1.650   14.082  -15.962 1.00 41.05 ? 177 PRO A CB  1 
ATOM   1223 C  CG  . PRO A 1 173 ? 0.219   13.984  -16.261 1.00 40.43 ? 177 PRO A CG  1 
ATOM   1224 C  CD  . PRO A 1 173 ? -0.470  13.822  -14.942 1.00 41.65 ? 177 PRO A CD  1 
ATOM   1225 N  N   . GLU A 1 174 ? 2.490   14.867  -13.112 1.00 37.90 ? 178 GLU A N   1 
ATOM   1226 C  CA  . GLU A 1 174 ? 3.342   15.593  -12.168 1.00 38.74 ? 178 GLU A CA  1 
ATOM   1227 C  C   . GLU A 1 174 ? 3.806   14.710  -11.002 1.00 37.38 ? 178 GLU A C   1 
ATOM   1228 O  O   . GLU A 1 174 ? 4.855   14.966  -10.409 1.00 36.30 ? 178 GLU A O   1 
ATOM   1229 C  CB  . GLU A 1 174 ? 2.593   16.811  -11.611 1.00 38.12 ? 178 GLU A CB  1 
ATOM   1230 C  CG  . GLU A 1 174 ? 2.188   17.843  -12.660 1.00 47.15 ? 178 GLU A CG  1 
ATOM   1231 C  CD  . GLU A 1 174 ? 1.026   17.389  -13.538 1.00 54.55 ? 178 GLU A CD  1 
ATOM   1232 O  OE1 . GLU A 1 174 ? 0.221   16.534  -13.095 1.00 56.65 ? 178 GLU A OE1 1 
ATOM   1233 O  OE2 . GLU A 1 174 ? 0.921   17.894  -14.678 1.00 57.67 ? 178 GLU A OE2 1 
ATOM   1234 N  N   . ALA A 1 175 ? 3.011   13.690  -10.673 1.00 35.06 ? 179 ALA A N   1 
ATOM   1235 C  CA  . ALA A 1 175 ? 3.336   12.774  -9.584  1.00 34.45 ? 179 ALA A CA  1 
ATOM   1236 C  C   . ALA A 1 175 ? 4.380   11.756  -10.029 1.00 36.89 ? 179 ALA A C   1 
ATOM   1237 O  O   . ALA A 1 175 ? 5.328   11.468  -9.293  1.00 35.72 ? 179 ALA A O   1 
ATOM   1238 C  CB  . ALA A 1 175 ? 2.079   12.076  -9.080  1.00 33.88 ? 179 ALA A CB  1 
ATOM   1239 N  N   . LYS A 1 176 ? 4.196   11.214  -11.235 1.00 36.67 ? 180 LYS A N   1 
ATOM   1240 C  CA  . LYS A 1 176 ? 5.181   10.320  -11.849 1.00 41.67 ? 180 LYS A CA  1 
ATOM   1241 C  C   . LYS A 1 176 ? 6.519   11.048  -12.010 1.00 41.47 ? 180 LYS A C   1 
ATOM   1242 O  O   . LYS A 1 176 ? 7.578   10.518  -11.658 1.00 41.91 ? 180 LYS A O   1 
ATOM   1243 C  CB  . LYS A 1 176 ? 4.691   9.819   -13.217 1.00 41.35 ? 180 LYS A CB  1 
ATOM   1244 C  CG  . LYS A 1 176 ? 3.498   8.862   -13.180 1.00 45.37 ? 180 LYS A CG  1 
ATOM   1245 C  CD  . LYS A 1 176 ? 3.139   8.319   -14.583 1.00 45.10 ? 180 LYS A CD  1 
ATOM   1246 C  CE  . LYS A 1 176 ? 2.356   9.345   -15.431 1.00 51.38 ? 180 LYS A CE  1 
ATOM   1247 N  NZ  . LYS A 1 176 ? 1.877   8.811   -16.750 1.00 43.28 ? 180 LYS A NZ  1 
ATOM   1248 N  N   . ALA A 1 177 ? 6.446   12.272  -12.526 1.00 42.39 ? 181 ALA A N   1 
ATOM   1249 C  CA  . ALA A 1 177 ? 7.622   13.073  -12.848 1.00 44.18 ? 181 ALA A CA  1 
ATOM   1250 C  C   . ALA A 1 177 ? 8.297   13.662  -11.618 1.00 44.43 ? 181 ALA A C   1 
ATOM   1251 O  O   . ALA A 1 177 ? 9.475   14.014  -11.674 1.00 44.70 ? 181 ALA A O   1 
ATOM   1252 C  CB  . ALA A 1 177 ? 7.252   14.180  -13.825 1.00 44.97 ? 181 ALA A CB  1 
ATOM   1253 N  N   . LEU A 1 178 ? 7.544   13.765  -10.520 1.00 44.79 ? 182 LEU A N   1 
ATOM   1254 C  CA  . LEU A 1 178 ? 8.015   14.302  -9.225  1.00 44.30 ? 182 LEU A CA  1 
ATOM   1255 C  C   . LEU A 1 178 ? 8.101   15.834  -9.184  1.00 45.22 ? 182 LEU A C   1 
ATOM   1256 O  O   . LEU A 1 178 ? 9.008   16.413  -8.564  1.00 44.07 ? 182 LEU A O   1 
ATOM   1257 C  CB  . LEU A 1 178 ? 9.334   13.649  -8.770  1.00 43.50 ? 182 LEU A CB  1 
ATOM   1258 C  CG  . LEU A 1 178 ? 9.376   12.124  -8.638  1.00 41.62 ? 182 LEU A CG  1 
ATOM   1259 C  CD1 . LEU A 1 178 ? 10.783  11.660  -8.286  1.00 41.84 ? 182 LEU A CD1 1 
ATOM   1260 C  CD2 . LEU A 1 178 ? 8.344   11.613  -7.629  1.00 36.61 ? 182 LEU A CD2 1 
ATOM   1261 N  N   . LYS A 1 179 ? 7.142   16.486  -9.838  1.00 46.87 ? 183 LYS A N   1 
ATOM   1262 C  CA  . LYS A 1 179 ? 7.009   17.942  -9.766  1.00 48.75 ? 183 LYS A CA  1 
ATOM   1263 C  C   . LYS A 1 179 ? 6.511   18.351  -8.380  1.00 48.52 ? 183 LYS A C   1 
ATOM   1264 O  O   . LYS A 1 179 ? 5.676   17.659  -7.802  1.00 48.63 ? 183 LYS A O   1 
ATOM   1265 C  CB  . LYS A 1 179 ? 6.028   18.458  -10.823 1.00 49.63 ? 183 LYS A CB  1 
ATOM   1266 C  CG  . LYS A 1 179 ? 6.500   18.345  -12.266 1.00 52.45 ? 183 LYS A CG  1 
ATOM   1267 C  CD  . LYS A 1 179 ? 5.666   19.253  -13.172 1.00 57.11 ? 183 LYS A CD  1 
ATOM   1268 C  CE  . LYS A 1 179 ? 5.993   19.062  -14.650 1.00 54.82 ? 183 LYS A CE  1 
ATOM   1269 N  NZ  . LYS A 1 179 ? 7.453   19.163  -14.956 1.00 58.59 ? 183 LYS A NZ  1 
ATOM   1270 N  N   . PRO A 1 180 ? 7.030   19.471  -7.833  1.00 48.00 ? 184 PRO A N   1 
ATOM   1271 C  CA  . PRO A 1 180 ? 6.515   20.073  -6.597  1.00 46.54 ? 184 PRO A CA  1 
ATOM   1272 C  C   . PRO A 1 180 ? 4.993   20.043  -6.420  1.00 45.71 ? 184 PRO A C   1 
ATOM   1273 O  O   . PRO A 1 180 ? 4.517   19.874  -5.300  1.00 46.19 ? 184 PRO A O   1 
ATOM   1274 C  CB  . PRO A 1 180 ? 7.012   21.514  -6.696  1.00 46.49 ? 184 PRO A CB  1 
ATOM   1275 C  CG  . PRO A 1 180 ? 8.338   21.369  -7.361  1.00 47.59 ? 184 PRO A CG  1 
ATOM   1276 C  CD  . PRO A 1 180 ? 8.197   20.218  -8.344  1.00 48.10 ? 184 PRO A CD  1 
ATOM   1277 N  N   . SER A 1 181 ? 4.236   20.192  -7.504  1.00 43.70 ? 185 SER A N   1 
ATOM   1278 C  CA  . SER A 1 181 ? 2.768   20.170  -7.416  1.00 41.96 ? 185 SER A CA  1 
ATOM   1279 C  C   . SER A 1 181 ? 2.200   18.748  -7.283  1.00 39.16 ? 185 SER A C   1 
ATOM   1280 O  O   . SER A 1 181 ? 1.039   18.573  -6.914  1.00 40.03 ? 185 SER A O   1 
ATOM   1281 C  CB  . SER A 1 181 ? 2.150   20.870  -8.629  1.00 41.91 ? 185 SER A CB  1 
ATOM   1282 O  OG  . SER A 1 181 ? 2.533   20.216  -9.822  1.00 43.14 ? 185 SER A OG  1 
ATOM   1283 N  N   . GLY A 1 182 ? 3.020   17.745  -7.595  1.00 38.56 ? 186 GLY A N   1 
ATOM   1284 C  CA  . GLY A 1 182 ? 2.597   16.338  -7.562  1.00 36.56 ? 186 GLY A CA  1 
ATOM   1285 C  C   . GLY A 1 182 ? 3.306   15.476  -6.528  1.00 34.32 ? 186 GLY A C   1 
ATOM   1286 O  O   . GLY A 1 182 ? 3.339   14.243  -6.655  1.00 30.87 ? 186 GLY A O   1 
ATOM   1287 N  N   . VAL A 1 183 ? 3.877   16.114  -5.504  1.00 34.86 ? 187 VAL A N   1 
ATOM   1288 C  CA  . VAL A 1 183 ? 4.486   15.383  -4.373  1.00 33.69 ? 187 VAL A CA  1 
ATOM   1289 C  C   . VAL A 1 183 ? 4.144   16.026  -3.009  1.00 35.76 ? 187 VAL A C   1 
ATOM   1290 O  O   . VAL A 1 183 ? 4.005   17.251  -2.917  1.00 37.67 ? 187 VAL A O   1 
ATOM   1291 C  CB  . VAL A 1 183 ? 6.031   15.220  -4.541  1.00 32.57 ? 187 VAL A CB  1 
ATOM   1292 C  CG1 . VAL A 1 183 ? 6.388   14.446  -5.832  1.00 30.70 ? 187 VAL A CG1 1 
ATOM   1293 C  CG2 . VAL A 1 183 ? 6.766   16.574  -4.498  1.00 35.95 ? 187 VAL A CG2 1 
ATOM   1294 N  N   . VAL A 1 184 ? 3.989   15.214  -1.954  1.00 33.27 ? 188 VAL A N   1 
ATOM   1295 C  CA  . VAL A 1 184 ? 3.867   15.778  -0.593  1.00 33.21 ? 188 VAL A CA  1 
ATOM   1296 C  C   . VAL A 1 184 ? 5.241   16.164  -0.045  1.00 33.34 ? 188 VAL A C   1 
ATOM   1297 O  O   . VAL A 1 184 ? 6.271   15.713  -0.556  1.00 34.96 ? 188 VAL A O   1 
ATOM   1298 C  CB  . VAL A 1 184 ? 3.157   14.832  0.439   1.00 32.07 ? 188 VAL A CB  1 
ATOM   1299 C  CG1 . VAL A 1 184 ? 1.746   14.496  -0.003  1.00 30.00 ? 188 VAL A CG1 1 
ATOM   1300 C  CG2 . VAL A 1 184 ? 4.004   13.572  0.718   1.00 30.64 ? 188 VAL A CG2 1 
ATOM   1301 N  N   . SER A 1 185 ? 5.240   16.978  1.012   1.00 35.78 ? 189 SER A N   1 
ATOM   1302 C  CA  . SER A 1 185 ? 6.466   17.464  1.647   1.00 35.91 ? 189 SER A CA  1 
ATOM   1303 C  C   . SER A 1 185 ? 7.404   16.324  2.065   1.00 35.85 ? 189 SER A C   1 
ATOM   1304 O  O   . SER A 1 185 ? 7.036   15.459  2.873   1.00 36.21 ? 189 SER A O   1 
ATOM   1305 C  CB  . SER A 1 185 ? 6.123   18.354  2.854   1.00 36.33 ? 189 SER A CB  1 
ATOM   1306 O  OG  . SER A 1 185 ? 7.284   18.972  3.383   1.00 36.88 ? 189 SER A OG  1 
ATOM   1307 N  N   . ASN A 1 186 ? 8.613   16.349  1.503   1.00 32.87 ? 190 ASN A N   1 
ATOM   1308 C  CA  . ASN A 1 186 ? 9.657   15.336  1.729   1.00 33.04 ? 190 ASN A CA  1 
ATOM   1309 C  C   . ASN A 1 186 ? 9.161   13.917  1.478   1.00 32.21 ? 190 ASN A C   1 
ATOM   1310 O  O   . ASN A 1 186 ? 9.431   12.999  2.265   1.00 30.91 ? 190 ASN A O   1 
ATOM   1311 C  CB  . ASN A 1 186 ? 10.295  15.478  3.120   1.00 34.21 ? 190 ASN A CB  1 
ATOM   1312 C  CG  . ASN A 1 186 ? 11.057  16.795  3.288   1.00 40.05 ? 190 ASN A CG  1 
ATOM   1313 O  OD1 . ASN A 1 186 ? 11.843  17.197  2.422   1.00 43.39 ? 190 ASN A OD1 1 
ATOM   1314 N  ND2 . ASN A 1 186 ? 10.832  17.464  4.413   1.00 41.80 ? 190 ASN A ND2 1 
ATOM   1315 N  N   . PHE A 1 187 ? 8.424   13.759  0.376   1.00 30.50 ? 191 PHE A N   1 
ATOM   1316 C  CA  . PHE A 1 187 ? 7.858   12.467  -0.014  1.00 30.99 ? 191 PHE A CA  1 
ATOM   1317 C  C   . PHE A 1 187 ? 8.910   11.368  0.049   1.00 29.43 ? 191 PHE A C   1 
ATOM   1318 O  O   . PHE A 1 187 ? 10.068  11.583  -0.322  1.00 27.97 ? 191 PHE A O   1 
ATOM   1319 C  CB  . PHE A 1 187 ? 7.229   12.561  -1.415  1.00 31.07 ? 191 PHE A CB  1 
ATOM   1320 C  CG  . PHE A 1 187 ? 8.233   12.652  -2.537  1.00 34.04 ? 191 PHE A CG  1 
ATOM   1321 C  CD1 . PHE A 1 187 ? 8.676   11.504  -3.189  1.00 31.27 ? 191 PHE A CD1 1 
ATOM   1322 C  CD2 . PHE A 1 187 ? 8.721   13.889  -2.955  1.00 36.80 ? 191 PHE A CD2 1 
ATOM   1323 C  CE1 . PHE A 1 187 ? 9.596   11.579  -4.230  1.00 38.28 ? 191 PHE A CE1 1 
ATOM   1324 C  CE2 . PHE A 1 187 ? 9.647   13.983  -4.006  1.00 34.41 ? 191 PHE A CE2 1 
ATOM   1325 C  CZ  . PHE A 1 187 ? 10.088  12.826  -4.640  1.00 40.84 ? 191 PHE A CZ  1 
ATOM   1326 N  N   . THR A 1 188 ? 8.510   10.197  0.537   1.00 28.15 ? 192 THR A N   1 
ATOM   1327 C  CA  . THR A 1 188 ? 9.423   9.075   0.701   1.00 26.65 ? 192 THR A CA  1 
ATOM   1328 C  C   . THR A 1 188 ? 9.808   8.479   -0.660  1.00 29.38 ? 192 THR A C   1 
ATOM   1329 O  O   . THR A 1 188 ? 8.948   8.053   -1.437  1.00 27.42 ? 192 THR A O   1 
ATOM   1330 C  CB  . THR A 1 188 ? 8.820   7.981   1.636   1.00 24.45 ? 192 THR A CB  1 
ATOM   1331 O  OG1 . THR A 1 188 ? 8.186   8.614   2.758   1.00 23.22 ? 192 THR A OG1 1 
ATOM   1332 C  CG2 . THR A 1 188 ? 9.897   7.031   2.130   1.00 19.63 ? 192 THR A CG2 1 
ATOM   1333 N  N   . ASN A 1 189 ? 11.100  8.458   -0.954  1.00 32.08 ? 193 ASN A N   1 
ATOM   1334 C  CA  . ASN A 1 189 ? 11.529  7.916   -2.240  1.00 37.16 ? 193 ASN A CA  1 
ATOM   1335 C  C   . ASN A 1 189 ? 12.559  6.800   -2.141  1.00 39.10 ? 193 ASN A C   1 
ATOM   1336 O  O   . ASN A 1 189 ? 13.233  6.469   -3.116  1.00 40.10 ? 193 ASN A O   1 
ATOM   1337 C  CB  . ASN A 1 189 ? 11.972  9.032   -3.198  1.00 38.43 ? 193 ASN A CB  1 
ATOM   1338 C  CG  . ASN A 1 189 ? 11.738  8.673   -4.669  1.00 45.19 ? 193 ASN A CG  1 
ATOM   1339 O  OD1 . ASN A 1 189 ? 11.017  7.713   -4.984  1.00 42.62 ? 193 ASN A OD1 1 
ATOM   1340 N  ND2 . ASN A 1 189 ? 12.349  9.440   -5.576  1.00 45.96 ? 193 ASN A ND2 1 
ATOM   1341 O  OXT . ASN A 1 189 ? 12.739  6.175   -1.089  1.00 41.56 ? 193 ASN A OXT 1 
HETATM 1342 MG MG  . MG  B 2 .   ? -1.110  -2.298  17.678  0.33 15.27 ? 201 MG  A MG  1 
HETATM 1343 O  O   . HOH C 3 .   ? -5.434  -9.679  -0.817  1.00 20.71 ? 202 HOH A O   1 
HETATM 1344 O  O   . HOH C 3 .   ? -1.480  -15.104 5.230   1.00 17.91 ? 203 HOH A O   1 
HETATM 1345 O  O   . HOH C 3 .   ? 7.558   -18.522 3.187   1.00 28.58 ? 204 HOH A O   1 
HETATM 1346 O  O   . HOH C 3 .   ? 8.570   -1.036  -6.956  1.00 21.50 ? 205 HOH A O   1 
HETATM 1347 O  O   . HOH C 3 .   ? -4.405  9.569   0.031   1.00 20.89 ? 206 HOH A O   1 
HETATM 1348 O  O   . HOH C 3 .   ? 3.179   8.457   21.310  1.00 26.23 ? 207 HOH A O   1 
HETATM 1349 O  O   . HOH C 3 .   ? -1.843  11.041  15.678  1.00 23.29 ? 208 HOH A O   1 
HETATM 1350 O  O   . HOH C 3 .   ? -2.919  -1.192  16.495  1.00 17.91 ? 209 HOH A O   1 
HETATM 1351 O  O   . HOH C 3 .   ? 10.051  -2.326  -8.500  1.00 21.21 ? 210 HOH A O   1 
HETATM 1352 O  O   . HOH C 3 .   ? 6.306   8.999   -8.616  1.00 25.13 ? 211 HOH A O   1 
HETATM 1353 O  O   . HOH C 3 .   ? -3.333  9.722   18.761  1.00 24.43 ? 212 HOH A O   1 
HETATM 1354 O  O   . HOH C 3 .   ? -3.304  13.069  13.518  1.00 28.04 ? 213 HOH A O   1 
HETATM 1355 O  O   . HOH C 3 .   ? 15.270  6.074   -4.094  1.00 25.65 ? 214 HOH A O   1 
HETATM 1356 O  O   . HOH C 3 .   ? 8.419   -6.044  7.108   1.00 27.66 ? 215 HOH A O   1 
HETATM 1357 O  O   . HOH C 3 .   ? -8.224  9.255   0.905   1.00 23.31 ? 216 HOH A O   1 
HETATM 1358 O  O   . HOH C 3 .   ? -8.481  8.731   13.082  1.00 29.66 ? 217 HOH A O   1 
HETATM 1359 O  O   . HOH C 3 .   ? 7.640   7.409   10.661  1.00 35.35 ? 218 HOH A O   1 
HETATM 1360 O  O   . HOH C 3 .   ? -5.086  4.251   19.971  1.00 30.21 ? 219 HOH A O   1 
HETATM 1361 O  O   . HOH C 3 .   ? -7.242  -3.766  14.523  1.00 24.61 ? 220 HOH A O   1 
HETATM 1362 O  O   . HOH C 3 .   ? 3.572   -6.763  11.953  1.00 30.41 ? 221 HOH A O   1 
HETATM 1363 O  O   . HOH C 3 .   ? -3.880  14.296  11.152  1.00 24.20 ? 222 HOH A O   1 
HETATM 1364 O  O   . HOH C 3 .   ? -12.710 -10.078 -3.568  1.00 38.12 ? 223 HOH A O   1 
HETATM 1365 O  O   . HOH C 3 .   ? 7.083   -4.948  -5.536  1.00 21.61 ? 224 HOH A O   1 
HETATM 1366 O  O   . HOH C 3 .   ? -8.710  17.864  13.951  1.00 33.00 ? 225 HOH A O   1 
HETATM 1367 O  O   . HOH C 3 .   ? 11.765  4.951   -6.774  1.00 35.37 ? 226 HOH A O   1 
HETATM 1368 O  O   . HOH C 3 .   ? -9.597  -0.620  -0.830  1.00 35.67 ? 227 HOH A O   1 
HETATM 1369 O  O   . HOH C 3 .   ? -1.867  2.164   17.784  1.00 26.60 ? 228 HOH A O   1 
HETATM 1370 O  O   . HOH C 3 .   ? 15.363  -7.593  -8.040  1.00 34.24 ? 229 HOH A O   1 
HETATM 1371 O  O   . HOH C 3 .   ? -5.962  13.145  -1.632  1.00 36.29 ? 230 HOH A O   1 
HETATM 1372 O  O   . HOH C 3 .   ? -7.523  10.464  -1.421  1.00 28.69 ? 231 HOH A O   1 
HETATM 1373 O  O   . HOH C 3 .   ? -13.413 -0.702  10.505  1.00 25.36 ? 232 HOH A O   1 
HETATM 1374 O  O   . HOH C 3 .   ? 2.704   4.990   -12.828 1.00 33.53 ? 233 HOH A O   1 
HETATM 1375 O  O   . HOH C 3 .   ? 7.561   8.780   6.361   1.00 28.94 ? 234 HOH A O   1 
HETATM 1376 O  O   . HOH C 3 .   ? 4.882   -11.124 7.301   1.00 25.34 ? 235 HOH A O   1 
HETATM 1377 O  O   . HOH C 3 .   ? -9.507  -2.170  -21.449 1.00 45.25 ? 236 HOH A O   1 
HETATM 1378 O  O   . HOH C 3 .   ? -9.297  -10.843 4.774   1.00 23.69 ? 237 HOH A O   1 
HETATM 1379 O  O   . HOH C 3 .   ? 8.171   1.275   -8.517  1.00 32.53 ? 238 HOH A O   1 
HETATM 1380 O  O   . HOH C 3 .   ? -5.485  -2.078  15.087  1.00 19.75 ? 239 HOH A O   1 
HETATM 1381 O  O   . HOH C 3 .   ? -8.550  13.063  -9.008  1.00 36.22 ? 240 HOH A O   1 
HETATM 1382 O  O   . HOH C 3 .   ? 9.645   9.232   4.768   1.00 35.72 ? 241 HOH A O   1 
HETATM 1383 O  O   . HOH C 3 .   ? 4.074   5.509   -10.576 1.00 36.38 ? 242 HOH A O   1 
HETATM 1384 O  O   . HOH C 3 .   ? 15.017  -1.180  -3.784  1.00 28.00 ? 243 HOH A O   1 
HETATM 1385 O  O   . HOH C 3 .   ? -11.561 6.790   1.210   1.00 40.51 ? 244 HOH A O   1 
HETATM 1386 O  O   . HOH C 3 .   ? -4.080  1.909   19.648  1.00 26.37 ? 245 HOH A O   1 
HETATM 1387 O  O   . HOH C 3 .   ? 5.915   11.820  -15.882 1.00 34.70 ? 246 HOH A O   1 
HETATM 1388 O  O   . HOH C 3 .   ? 0.280   -18.552 -9.069  1.00 47.15 ? 247 HOH A O   1 
HETATM 1389 O  O   . HOH C 3 .   ? 16.308  -17.097 -4.897  1.00 40.43 ? 248 HOH A O   1 
HETATM 1390 O  O   . HOH C 3 .   ? -10.590 9.427   1.708   1.00 35.11 ? 249 HOH A O   1 
HETATM 1391 O  O   . HOH C 3 .   ? -16.792 7.422   12.735  1.00 44.21 ? 250 HOH A O   1 
HETATM 1392 O  O   . HOH C 3 .   ? -9.018  15.295  -5.744  1.00 51.72 ? 251 HOH A O   1 
HETATM 1393 O  O   . HOH C 3 .   ? 2.933   18.167  1.663   1.00 48.37 ? 252 HOH A O   1 
HETATM 1394 O  O   . HOH C 3 .   ? -1.149  16.326  -9.501  1.00 45.87 ? 253 HOH A O   1 
HETATM 1395 O  O   . HOH C 3 .   ? -14.122 11.303  9.455   1.00 43.59 ? 254 HOH A O   1 
HETATM 1396 O  O   . HOH C 3 .   ? 6.784   16.609  -16.238 1.00 47.67 ? 255 HOH A O   1 
HETATM 1397 O  O   . HOH C 3 .   ? -14.024 9.354   6.491   1.00 30.90 ? 256 HOH A O   1 
HETATM 1398 O  O   . HOH C 3 .   ? 16.282  -16.151 1.534   1.00 39.78 ? 257 HOH A O   1 
HETATM 1399 O  O   . HOH C 3 .   ? -11.074 12.405  7.795   1.00 40.47 ? 258 HOH A O   1 
HETATM 1400 O  O   . HOH C 3 .   ? 4.137   16.268  -16.054 1.00 58.03 ? 259 HOH A O   1 
HETATM 1401 O  O   . HOH C 3 .   ? -7.902  8.239   -13.372 1.00 50.96 ? 260 HOH A O   1 
HETATM 1402 O  O   . HOH C 3 .   ? -7.869  -24.647 -2.485  1.00 37.12 ? 261 HOH A O   1 
HETATM 1403 O  O   . HOH C 3 .   ? -15.080 -6.415  8.856   1.00 39.65 ? 262 HOH A O   1 
HETATM 1404 O  O   . HOH C 3 .   ? 7.152   -25.508 0.367   1.00 37.88 ? 263 HOH A O   1 
HETATM 1405 O  O   . HOH C 3 .   ? 7.217   -25.108 -9.586  1.00 58.83 ? 264 HOH A O   1 
HETATM 1406 O  O   . HOH C 3 .   ? -10.797 -12.237 2.527   1.00 42.43 ? 265 HOH A O   1 
HETATM 1407 O  O   . HOH C 3 .   ? -7.938  -12.834 4.108   1.00 33.67 ? 266 HOH A O   1 
HETATM 1408 O  O   . HOH C 3 .   ? 12.389  -10.612 -8.416  1.00 41.94 ? 267 HOH A O   1 
HETATM 1409 O  O   . HOH C 3 .   ? 4.889   -1.743  -14.059 1.00 28.17 ? 268 HOH A O   1 
HETATM 1410 O  O   . HOH C 3 .   ? -1.999  15.013  14.683  1.00 35.56 ? 269 HOH A O   1 
HETATM 1411 O  O   . HOH C 3 .   ? 11.693  13.492  -0.705  1.00 38.20 ? 270 HOH A O   1 
HETATM 1412 O  O   . HOH C 3 .   ? -12.479 1.509   18.896  1.00 35.97 ? 271 HOH A O   1 
HETATM 1413 O  O   . HOH C 3 .   ? -11.959 6.630   18.020  1.00 51.43 ? 272 HOH A O   1 
HETATM 1414 O  O   . HOH C 3 .   ? 8.300   8.352   -9.962  1.00 40.25 ? 273 HOH A O   1 
HETATM 1415 O  O   . HOH C 3 .   ? 13.304  6.971   1.518   1.00 48.25 ? 274 HOH A O   1 
HETATM 1416 O  O   . HOH C 3 .   ? -13.175 -7.173  7.311   1.00 46.37 ? 275 HOH A O   1 
HETATM 1417 O  O   . HOH C 3 .   ? 12.859  10.104  0.956   1.00 36.93 ? 276 HOH A O   1 
HETATM 1418 O  O   . HOH C 3 .   ? -5.356  -6.474  -14.293 1.00 41.82 ? 277 HOH A O   1 
HETATM 1419 O  O   . HOH C 3 .   ? 7.196   9.925   11.278  1.00 38.54 ? 278 HOH A O   1 
HETATM 1420 O  O   . HOH C 3 .   ? 12.053  -24.745 -13.215 1.00 46.81 ? 279 HOH A O   1 
HETATM 1421 O  O   . HOH C 3 .   ? 8.469   7.960   8.446   1.00 38.23 ? 280 HOH A O   1 
HETATM 1422 O  O   . HOH C 3 .   ? 5.727   21.642  3.084   1.00 40.77 ? 281 HOH A O   1 
HETATM 1423 O  O   . HOH C 3 .   ? -9.769  18.279  6.769   0.50 62.85 ? 282 HOH A O   1 
HETATM 1424 O  O   . HOH C 3 .   ? -2.318  16.519  10.960  1.00 42.85 ? 283 HOH A O   1 
HETATM 1425 O  O   . HOH C 3 .   ? -0.396  12.193  17.474  1.00 36.86 ? 284 HOH A O   1 
HETATM 1426 O  O   . HOH C 3 .   ? -14.597 8.108   -4.476  1.00 52.35 ? 285 HOH A O   1 
HETATM 1427 O  O   . HOH C 3 .   ? -11.398 16.394  -3.442  1.00 48.07 ? 286 HOH A O   1 
HETATM 1428 O  O   . HOH C 3 .   ? -14.362 15.107  -6.454  1.00 38.42 ? 287 HOH A O   1 
HETATM 1429 O  O   . HOH C 3 .   ? -4.400  10.729  -13.233 1.00 53.70 ? 288 HOH A O   1 
HETATM 1430 O  O   . HOH C 3 .   ? 4.903   -25.089 -3.823  1.00 42.69 ? 289 HOH A O   1 
HETATM 1431 O  O   . HOH C 3 .   ? -7.349  18.360  9.082   0.50 36.43 ? 290 HOH A O   1 
HETATM 1432 O  O   . HOH C 3 .   ? 11.592  15.915  -1.967  1.00 41.64 ? 291 HOH A O   1 
HETATM 1433 O  O   . HOH C 3 .   ? -0.227  17.506  9.651   1.00 35.94 ? 292 HOH A O   1 
HETATM 1434 O  O   . HOH C 3 .   ? 10.355  7.453   -8.198  1.00 34.80 ? 293 HOH A O   1 
HETATM 1435 O  O   . HOH C 3 .   ? -5.761  7.115   20.382  1.00 38.17 ? 294 HOH A O   1 
HETATM 1436 O  O   . HOH C 3 .   ? 13.860  4.233   -8.076  1.00 45.66 ? 295 HOH A O   1 
HETATM 1437 O  O   . HOH C 3 .   ? -4.089  19.135  12.989  0.50 37.22 ? 296 HOH A O   1 
HETATM 1438 O  O   . HOH C 3 .   ? -3.351  -25.509 -0.274  1.00 36.47 ? 297 HOH A O   1 
HETATM 1439 O  O   . HOH C 3 .   ? 14.680  -24.204 -10.015 1.00 47.65 ? 298 HOH A O   1 
HETATM 1440 O  O   . HOH C 3 .   ? -13.775 -4.758  -6.678  1.00 43.29 ? 299 HOH A O   1 
HETATM 1441 O  O   . HOH C 3 .   ? 3.091   19.369  -1.640  1.00 47.19 ? 300 HOH A O   1 
HETATM 1442 O  O   . HOH C 3 .   ? 5.342   22.101  -10.300 1.00 42.94 ? 301 HOH A O   1 
HETATM 1443 O  O   . HOH C 3 .   ? -10.610 7.991   16.190  1.00 46.63 ? 302 HOH A O   1 
HETATM 1444 O  O   . HOH C 3 .   ? -16.639 7.095   8.402   1.00 48.76 ? 303 HOH A O   1 
HETATM 1445 O  O   . HOH C 3 .   ? 16.960  1.112   -9.719  1.00 42.12 ? 304 HOH A O   1 
HETATM 1446 O  O   . HOH C 3 .   ? 17.650  -16.379 -0.818  1.00 50.49 ? 305 HOH A O   1 
HETATM 1447 O  O   . HOH C 3 .   ? 3.752   16.536  10.008  1.00 38.94 ? 306 HOH A O   1 
HETATM 1448 O  O   . HOH C 3 .   ? -14.799 -7.667  -5.569  1.00 42.06 ? 307 HOH A O   1 
HETATM 1449 O  O   . HOH C 3 .   ? -13.284 -8.847  1.372   1.00 53.65 ? 308 HOH A O   1 
HETATM 1450 O  O   . HOH C 3 .   ? -11.324 -16.186 -4.577  1.00 46.21 ? 309 HOH A O   1 
HETATM 1451 O  O   . HOH C 3 .   ? 2.918   13.147  16.035  1.00 41.20 ? 310 HOH A O   1 
HETATM 1452 O  O   . HOH C 3 .   ? -8.617  8.829   20.235  1.00 46.82 ? 311 HOH A O   1 
HETATM 1453 O  O   . HOH C 3 .   ? -9.134  6.044   21.281  1.00 42.93 ? 312 HOH A O   1 
HETATM 1454 O  O   . HOH C 3 .   ? -15.426 -2.534  6.744   1.00 43.09 ? 313 HOH A O   1 
HETATM 1455 O  O   . HOH C 3 .   ? -15.728 -2.044  2.798   1.00 47.29 ? 314 HOH A O   1 
HETATM 1456 O  O   . HOH C 3 .   ? -16.405 -5.064  2.914   1.00 56.24 ? 315 HOH A O   1 
HETATM 1457 O  O   . HOH C 3 .   ? 2.536   -5.201  -5.337  1.00 42.98 ? 316 HOH A O   1 
HETATM 1458 O  O   . HOH C 3 .   ? 1.800   1.357   -14.467 1.00 46.80 ? 317 HOH A O   1 
HETATM 1459 O  O   . HOH C 3 .   ? -16.600 2.860   7.245   1.00 34.30 ? 318 HOH A O   1 
HETATM 1460 O  O   . HOH C 3 .   ? -17.119 2.856   15.110  1.00 50.60 ? 319 HOH A O   1 
HETATM 1461 O  O   . HOH C 3 .   ? -12.929 10.461  18.225  1.00 49.11 ? 320 HOH A O   1 
HETATM 1462 O  O   . HOH C 3 .   ? -7.385  19.124  12.587  1.00 40.67 ? 321 HOH A O   1 
HETATM 1463 O  O   . HOH C 3 .   ? -15.144 18.117  2.810   1.00 43.98 ? 322 HOH A O   1 
HETATM 1464 O  O   . HOH C 3 .   ? -13.264 4.708   -3.430  1.00 42.50 ? 323 HOH A O   1 
HETATM 1465 O  O   . HOH C 3 .   ? -14.189 1.340   -12.199 1.00 44.68 ? 324 HOH A O   1 
HETATM 1466 O  O   . HOH C 3 .   ? -8.455  0.691   -22.142 1.00 51.57 ? 325 HOH A O   1 
HETATM 1467 O  O   . HOH C 3 .   ? 10.769  10.509  -12.104 1.00 44.14 ? 326 HOH A O   1 
HETATM 1468 O  O   . HOH C 3 .   ? 14.127  15.659  -2.790  1.00 57.08 ? 327 HOH A O   1 
HETATM 1469 O  O   . HOH C 3 .   ? -6.309  -25.108 -11.836 0.50 42.27 ? 328 HOH A O   1 
HETATM 1470 O  O   . HOH C 3 .   ? 13.078  8.157   -8.751  1.00 40.39 ? 329 HOH A O   1 
HETATM 1471 O  O   . HOH C 3 .   ? -16.468 12.361  8.535   1.00 45.44 ? 330 HOH A O   1 
HETATM 1472 O  O   . HOH C 3 .   ? -9.716  10.286  14.934  1.00 37.32 ? 331 HOH A O   1 
HETATM 1473 O  O   . HOH C 3 .   ? -12.506 -17.434 -0.922  1.00 43.26 ? 332 HOH A O   1 
HETATM 1474 O  O   . HOH C 3 .   ? 8.102   12.145  10.026  1.00 48.32 ? 333 HOH A O   1 
HETATM 1475 O  O   . HOH C 3 .   ? 2.641   19.836  3.783   1.00 43.61 ? 334 HOH A O   1 
HETATM 1476 O  O   . HOH C 3 .   ? -1.082  19.389  7.223   1.00 39.55 ? 335 HOH A O   1 
HETATM 1477 O  O   . HOH C 3 .   ? -15.015 0.440   -7.853  1.00 50.74 ? 336 HOH A O   1 
HETATM 1478 O  O   . HOH C 3 .   ? -3.713  13.341  -14.374 1.00 49.93 ? 337 HOH A O   1 
# 
loop_
_pdbx_poly_seq_scheme.asym_id 
_pdbx_poly_seq_scheme.entity_id 
_pdbx_poly_seq_scheme.seq_id 
_pdbx_poly_seq_scheme.mon_id 
_pdbx_poly_seq_scheme.ndb_seq_num 
_pdbx_poly_seq_scheme.pdb_seq_num 
_pdbx_poly_seq_scheme.auth_seq_num 
_pdbx_poly_seq_scheme.pdb_mon_id 
_pdbx_poly_seq_scheme.auth_mon_id 
_pdbx_poly_seq_scheme.pdb_strand_id 
_pdbx_poly_seq_scheme.pdb_ins_code 
_pdbx_poly_seq_scheme.hetero 
A 1 1   SER 1   5   ?   ?   ?   A . n 
A 1 2   LEU 2   6   ?   ?   ?   A . n 
A 1 3   SER 3   7   ?   ?   ?   A . n 
A 1 4   GLN 4   8   ?   ?   ?   A . n 
A 1 5   ASN 5   9   ?   ?   ?   A . n 
A 1 6   LEU 6   10  ?   ?   ?   A . n 
A 1 7   GLY 7   11  ?   ?   ?   A . n 
A 1 8   ASN 8   12  ?   ?   ?   A . n 
A 1 9   THR 9   13  ?   ?   ?   A . n 
A 1 10  GLU 10  14  ?   ?   ?   A . n 
A 1 11  ASN 11  15  ?   ?   ?   A . n 
A 1 12  PRO 12  16  ?   ?   ?   A . n 
A 1 13  ARG 13  17  ?   ?   ?   A . n 
A 1 14  PRO 14  18  ?   ?   ?   A . n 
A 1 15  SER 15  19  ?   ?   ?   A . n 
A 1 16  LYS 16  20  20  LYS LYS A . n 
A 1 17  VAL 17  21  21  VAL VAL A . n 
A 1 18  GLN 18  22  22  GLN GLN A . n 
A 1 19  GLU 19  23  23  GLU GLU A . n 
A 1 20  LEU 20  24  24  LEU LEU A . n 
A 1 21  SER 21  25  25  SER SER A . n 
A 1 22  VAL 22  26  26  VAL VAL A . n 
A 1 23  TYR 23  27  27  TYR TYR A . n 
A 1 24  GLU 24  28  28  GLU GLU A . n 
A 1 25  ILE 25  29  29  ILE ILE A . n 
A 1 26  ASN 26  30  30  ASN ASN A . n 
A 1 27  ASP 27  31  31  ASP ASP A . n 
A 1 28  LEU 28  32  32  LEU LEU A . n 
A 1 29  ASP 29  33  33  ASP ASP A . n 
A 1 30  ARG 30  34  34  ARG ARG A . n 
A 1 31  HIS 31  35  35  HIS HIS A . n 
A 1 32  SER 32  36  36  SER SER A . n 
A 1 33  PRO 33  37  37  PRO PRO A . n 
A 1 34  LYS 34  38  38  LYS LYS A . n 
A 1 35  ILE 35  39  39  ILE ILE A . n 
A 1 36  LEU 36  40  40  LEU LEU A . n 
A 1 37  LYS 37  41  41  LYS LYS A . n 
A 1 38  ASN 38  42  42  ASN ASN A . n 
A 1 39  ALA 39  43  43  ALA ALA A . n 
A 1 40  PHE 40  44  ?   ?   ?   A . n 
A 1 41  SER 41  45  ?   ?   ?   A . n 
A 1 42  PHE 42  46  ?   ?   ?   A . n 
A 1 43  ARG 43  47  47  ARG ARG A . n 
A 1 44  PHE 44  48  48  PHE PHE A . n 
A 1 45  GLY 45  49  49  GLY GLY A . n 
A 1 46  LEU 46  50  50  LEU LEU A . n 
A 1 47  GLY 47  51  51  GLY GLY A . n 
A 1 48  ASP 48  52  52  ASP ASP A . n 
A 1 49  LEU 49  53  53  LEU LEU A . n 
A 1 50  VAL 50  54  54  VAL VAL A . n 
A 1 51  PRO 51  55  55  PRO PRO A . n 
A 1 52  PHE 52  56  56  PHE PHE A . n 
A 1 53  THR 53  57  57  THR THR A . n 
A 1 54  ASN 54  58  58  ASN ASN A . n 
A 1 55  LYS 55  59  59  LYS LYS A . n 
A 1 56  LEU 56  60  60  LEU LEU A . n 
A 1 57  TYR 57  61  61  TYR TYR A . n 
A 1 58  THR 58  62  62  THR THR A . n 
A 1 59  GLY 59  63  63  GLY GLY A . n 
A 1 60  ASP 60  64  64  ASP ASP A . n 
A 1 61  LEU 61  65  65  LEU LEU A . n 
A 1 62  LYS 62  66  66  LYS LYS A . n 
A 1 63  LYS 63  67  67  LYS LYS A . n 
A 1 64  ARG 64  68  68  ARG ARG A . n 
A 1 65  VAL 65  69  69  VAL VAL A . n 
A 1 66  GLY 66  70  70  GLY GLY A . n 
A 1 67  ILE 67  71  71  ILE ILE A . n 
A 1 68  THR 68  72  72  THR THR A . n 
A 1 69  ALA 69  73  73  ALA ALA A . n 
A 1 70  GLY 70  74  74  GLY GLY A . n 
A 1 71  LEU 71  75  75  LEU LEU A . n 
A 1 72  CYS 72  76  76  CYS CYS A . n 
A 1 73  VAL 73  77  77  VAL VAL A . n 
A 1 74  VAL 74  78  78  VAL VAL A . n 
A 1 75  ILE 75  79  79  ILE ILE A . n 
A 1 76  GLU 76  80  80  GLU GLU A . n 
A 1 77  HIS 77  81  81  HIS HIS A . n 
A 1 78  VAL 78  82  82  VAL VAL A . n 
A 1 79  PRO 79  83  83  PRO PRO A . n 
A 1 80  GLU 80  84  84  GLU GLU A . n 
A 1 81  LYS 81  85  85  LYS LYS A . n 
A 1 82  ASN 82  86  86  ASN ASN A . n 
A 1 83  GLY 83  87  87  GLY GLY A . n 
A 1 84  ASP 84  88  88  ASP ASP A . n 
A 1 85  ARG 85  89  89  ARG ARG A . n 
A 1 86  PHE 86  90  90  PHE PHE A . n 
A 1 87  GLU 87  91  91  GLU GLU A . n 
A 1 88  ALA 88  92  92  ALA ALA A . n 
A 1 89  THR 89  93  93  THR THR A . n 
A 1 90  TYR 90  94  94  TYR TYR A . n 
A 1 91  SER 91  95  95  SER SER A . n 
A 1 92  PHE 92  96  96  PHE PHE A . n 
A 1 93  TYR 93  97  97  TYR TYR A . n 
A 1 94  PHE 94  98  98  PHE PHE A . n 
A 1 95  GLY 95  99  99  GLY GLY A . n 
A 1 96  ASP 96  100 100 ASP ASP A . n 
A 1 97  TYR 97  101 101 TYR TYR A . n 
A 1 98  GLY 98  102 102 GLY GLY A . n 
A 1 99  HIS 99  103 103 HIS HIS A . n 
A 1 100 LEU 100 104 104 LEU LEU A . n 
A 1 101 SER 101 105 105 SER SER A . n 
A 1 102 VAL 102 106 106 VAL VAL A . n 
A 1 103 GLN 103 107 107 GLN GLN A . n 
A 1 104 GLY 104 108 108 GLY GLY A . n 
A 1 105 PRO 105 109 109 PRO PRO A . n 
A 1 106 TYR 106 110 110 TYR TYR A . n 
A 1 107 LEU 107 111 111 LEU LEU A . n 
A 1 108 THR 108 112 112 THR THR A . n 
A 1 109 TYR 109 113 113 TYR TYR A . n 
A 1 110 GLU 110 114 114 GLU GLU A . n 
A 1 111 ASP 111 115 115 ASP ASP A . n 
A 1 112 SER 112 116 116 SER SER A . n 
A 1 113 PHE 113 117 117 PHE PHE A . n 
A 1 114 LEU 114 118 118 LEU LEU A . n 
A 1 115 ALA 115 119 119 ALA ALA A . n 
A 1 116 ILE 116 120 120 ILE ILE A . n 
A 1 117 THR 117 121 121 THR THR A . n 
A 1 118 GLY 118 122 122 GLY GLY A . n 
A 1 119 GLY 119 123 123 GLY GLY A . n 
A 1 120 ALA 120 124 124 ALA ALA A . n 
A 1 121 GLY 121 125 125 GLY GLY A . n 
A 1 122 ILE 122 126 126 ILE ILE A . n 
A 1 123 PHE 123 127 127 PHE PHE A . n 
A 1 124 GLU 124 128 128 GLU GLU A . n 
A 1 125 GLY 125 129 129 GLY GLY A . n 
A 1 126 ALA 126 130 130 ALA ALA A . n 
A 1 127 TYR 127 131 131 TYR TYR A . n 
A 1 128 GLY 128 132 132 GLY GLY A . n 
A 1 129 GLN 129 133 133 GLN GLN A . n 
A 1 130 VAL 130 134 134 VAL VAL A . n 
A 1 131 LYS 131 135 135 LYS LYS A . n 
A 1 132 LEU 132 136 136 LEU LEU A . n 
A 1 133 GLN 133 137 137 GLN GLN A . n 
A 1 134 GLN 134 138 138 GLN GLN A . n 
A 1 135 LEU 135 139 139 LEU LEU A . n 
A 1 136 VAL 136 140 140 VAL VAL A . n 
A 1 137 TYR 137 141 141 TYR TYR A . n 
A 1 138 PRO 138 142 142 PRO PRO A . n 
A 1 139 THR 139 143 143 THR THR A . n 
A 1 140 LYS 140 144 144 LYS LYS A . n 
A 1 141 LEU 141 145 145 LEU LEU A . n 
A 1 142 PHE 142 146 146 PHE PHE A . n 
A 1 143 TYR 143 147 147 TYR TYR A . n 
A 1 144 THR 144 148 148 THR THR A . n 
A 1 145 PHE 145 149 149 PHE PHE A . n 
A 1 146 TYR 146 150 150 TYR TYR A . n 
A 1 147 LEU 147 151 151 LEU LEU A . n 
A 1 148 LYS 148 152 152 LYS LYS A . n 
A 1 149 GLY 149 153 153 GLY GLY A . n 
A 1 150 LEU 150 154 154 LEU LEU A . n 
A 1 151 ALA 151 155 155 ALA ALA A . n 
A 1 152 ASN 152 156 156 ASN ASN A . n 
A 1 153 ASP 153 157 157 ASP ASP A . n 
A 1 154 LEU 154 158 158 LEU LEU A . n 
A 1 155 PRO 155 159 159 PRO PRO A . n 
A 1 156 LEU 156 160 160 LEU LEU A . n 
A 1 157 GLU 157 161 161 GLU GLU A . n 
A 1 158 LEU 158 162 162 LEU LEU A . n 
A 1 159 ILE 159 163 163 ILE ILE A . n 
A 1 160 GLY 160 164 164 GLY GLY A . n 
A 1 161 THR 161 165 165 THR THR A . n 
A 1 162 PRO 162 166 166 PRO PRO A . n 
A 1 163 VAL 163 167 167 VAL VAL A . n 
A 1 164 PRO 164 168 168 PRO PRO A . n 
A 1 165 PRO 165 169 169 PRO PRO A . n 
A 1 166 SER 166 170 170 SER SER A . n 
A 1 167 LYS 167 171 171 LYS LYS A . n 
A 1 168 ASP 168 172 172 ASP ASP A . n 
A 1 169 VAL 169 173 173 VAL VAL A . n 
A 1 170 GLU 170 174 174 GLU GLU A . n 
A 1 171 PRO 171 175 175 PRO PRO A . n 
A 1 172 ALA 172 176 176 ALA ALA A . n 
A 1 173 PRO 173 177 177 PRO PRO A . n 
A 1 174 GLU 174 178 178 GLU GLU A . n 
A 1 175 ALA 175 179 179 ALA ALA A . n 
A 1 176 LYS 176 180 180 LYS LYS A . n 
A 1 177 ALA 177 181 181 ALA ALA A . n 
A 1 178 LEU 178 182 182 LEU LEU A . n 
A 1 179 LYS 179 183 183 LYS LYS A . n 
A 1 180 PRO 180 184 184 PRO PRO A . n 
A 1 181 SER 181 185 185 SER SER A . n 
A 1 182 GLY 182 186 186 GLY GLY A . n 
A 1 183 VAL 183 187 187 VAL VAL A . n 
A 1 184 VAL 184 188 188 VAL VAL A . n 
A 1 185 SER 185 189 189 SER SER A . n 
A 1 186 ASN 186 190 190 ASN ASN A . n 
A 1 187 PHE 187 191 191 PHE PHE A . n 
A 1 188 THR 188 192 192 THR THR A . n 
A 1 189 ASN 189 193 193 ASN ASN A . n 
# 
_pdbx_SG_project.id                    1 
_pdbx_SG_project.project_name          'PSI, Protein Structure Initiative' 
_pdbx_SG_project.full_name_of_center   'Center for Eukaryotic Structural Genomics' 
_pdbx_SG_project.initial_of_center     CESG 
# 
loop_
_pdbx_nonpoly_scheme.asym_id 
_pdbx_nonpoly_scheme.entity_id 
_pdbx_nonpoly_scheme.mon_id 
_pdbx_nonpoly_scheme.ndb_seq_num 
_pdbx_nonpoly_scheme.pdb_seq_num 
_pdbx_nonpoly_scheme.auth_seq_num 
_pdbx_nonpoly_scheme.pdb_mon_id 
_pdbx_nonpoly_scheme.auth_mon_id 
_pdbx_nonpoly_scheme.pdb_strand_id 
_pdbx_nonpoly_scheme.pdb_ins_code 
B 2 MG  1   201 201 MG  MG  A . 
C 3 HOH 1   202 1   HOH HOH A . 
C 3 HOH 2   203 2   HOH HOH A . 
C 3 HOH 3   204 3   HOH HOH A . 
C 3 HOH 4   205 4   HOH HOH A . 
C 3 HOH 5   206 5   HOH HOH A . 
C 3 HOH 6   207 6   HOH HOH A . 
C 3 HOH 7   208 7   HOH HOH A . 
C 3 HOH 8   209 8   HOH HOH A . 
C 3 HOH 9   210 9   HOH HOH A . 
C 3 HOH 10  211 10  HOH HOH A . 
C 3 HOH 11  212 11  HOH HOH A . 
C 3 HOH 12  213 12  HOH HOH A . 
C 3 HOH 13  214 13  HOH HOH A . 
C 3 HOH 14  215 14  HOH HOH A . 
C 3 HOH 15  216 15  HOH HOH A . 
C 3 HOH 16  217 16  HOH HOH A . 
C 3 HOH 17  218 17  HOH HOH A . 
C 3 HOH 18  219 18  HOH HOH A . 
C 3 HOH 19  220 19  HOH HOH A . 
C 3 HOH 20  221 20  HOH HOH A . 
C 3 HOH 21  222 21  HOH HOH A . 
C 3 HOH 22  223 22  HOH HOH A . 
C 3 HOH 23  224 23  HOH HOH A . 
C 3 HOH 24  225 24  HOH HOH A . 
C 3 HOH 25  226 25  HOH HOH A . 
C 3 HOH 26  227 26  HOH HOH A . 
C 3 HOH 27  228 27  HOH HOH A . 
C 3 HOH 28  229 28  HOH HOH A . 
C 3 HOH 29  230 29  HOH HOH A . 
C 3 HOH 30  231 30  HOH HOH A . 
C 3 HOH 31  232 31  HOH HOH A . 
C 3 HOH 32  233 32  HOH HOH A . 
C 3 HOH 33  234 33  HOH HOH A . 
C 3 HOH 34  235 34  HOH HOH A . 
C 3 HOH 35  236 35  HOH HOH A . 
C 3 HOH 36  237 36  HOH HOH A . 
C 3 HOH 37  238 37  HOH HOH A . 
C 3 HOH 38  239 38  HOH HOH A . 
C 3 HOH 39  240 39  HOH HOH A . 
C 3 HOH 40  241 40  HOH HOH A . 
C 3 HOH 41  242 41  HOH HOH A . 
C 3 HOH 42  243 42  HOH HOH A . 
C 3 HOH 43  244 43  HOH HOH A . 
C 3 HOH 44  245 44  HOH HOH A . 
C 3 HOH 45  246 45  HOH HOH A . 
C 3 HOH 46  247 46  HOH HOH A . 
C 3 HOH 47  248 47  HOH HOH A . 
C 3 HOH 48  249 48  HOH HOH A . 
C 3 HOH 49  250 49  HOH HOH A . 
C 3 HOH 50  251 50  HOH HOH A . 
C 3 HOH 51  252 51  HOH HOH A . 
C 3 HOH 52  253 52  HOH HOH A . 
C 3 HOH 53  254 53  HOH HOH A . 
C 3 HOH 54  255 54  HOH HOH A . 
C 3 HOH 55  256 55  HOH HOH A . 
C 3 HOH 56  257 56  HOH HOH A . 
C 3 HOH 57  258 57  HOH HOH A . 
C 3 HOH 58  259 58  HOH HOH A . 
C 3 HOH 59  260 59  HOH HOH A . 
C 3 HOH 60  261 60  HOH HOH A . 
C 3 HOH 61  262 61  HOH HOH A . 
C 3 HOH 62  263 62  HOH HOH A . 
C 3 HOH 63  264 63  HOH HOH A . 
C 3 HOH 64  265 64  HOH HOH A . 
C 3 HOH 65  266 65  HOH HOH A . 
C 3 HOH 66  267 66  HOH HOH A . 
C 3 HOH 67  268 67  HOH HOH A . 
C 3 HOH 68  269 68  HOH HOH A . 
C 3 HOH 69  270 69  HOH HOH A . 
C 3 HOH 70  271 70  HOH HOH A . 
C 3 HOH 71  272 71  HOH HOH A . 
C 3 HOH 72  273 72  HOH HOH A . 
C 3 HOH 73  274 73  HOH HOH A . 
C 3 HOH 74  275 74  HOH HOH A . 
C 3 HOH 75  276 75  HOH HOH A . 
C 3 HOH 76  277 76  HOH HOH A . 
C 3 HOH 77  278 77  HOH HOH A . 
C 3 HOH 78  279 78  HOH HOH A . 
C 3 HOH 79  280 79  HOH HOH A . 
C 3 HOH 80  281 80  HOH HOH A . 
C 3 HOH 81  282 81  HOH HOH A . 
C 3 HOH 82  283 82  HOH HOH A . 
C 3 HOH 83  284 83  HOH HOH A . 
C 3 HOH 84  285 84  HOH HOH A . 
C 3 HOH 85  286 85  HOH HOH A . 
C 3 HOH 86  287 86  HOH HOH A . 
C 3 HOH 87  288 87  HOH HOH A . 
C 3 HOH 88  289 88  HOH HOH A . 
C 3 HOH 89  290 89  HOH HOH A . 
C 3 HOH 90  291 90  HOH HOH A . 
C 3 HOH 91  292 91  HOH HOH A . 
C 3 HOH 92  293 92  HOH HOH A . 
C 3 HOH 93  294 93  HOH HOH A . 
C 3 HOH 94  295 94  HOH HOH A . 
C 3 HOH 95  296 95  HOH HOH A . 
C 3 HOH 96  297 96  HOH HOH A . 
C 3 HOH 97  298 97  HOH HOH A . 
C 3 HOH 98  299 98  HOH HOH A . 
C 3 HOH 99  300 99  HOH HOH A . 
C 3 HOH 100 301 100 HOH HOH A . 
C 3 HOH 101 302 101 HOH HOH A . 
C 3 HOH 102 303 102 HOH HOH A . 
C 3 HOH 103 304 103 HOH HOH A . 
C 3 HOH 104 305 104 HOH HOH A . 
C 3 HOH 105 306 105 HOH HOH A . 
C 3 HOH 106 307 106 HOH HOH A . 
C 3 HOH 107 308 107 HOH HOH A . 
C 3 HOH 108 309 108 HOH HOH A . 
C 3 HOH 109 310 109 HOH HOH A . 
C 3 HOH 110 311 110 HOH HOH A . 
C 3 HOH 111 312 111 HOH HOH A . 
C 3 HOH 112 313 112 HOH HOH A . 
C 3 HOH 113 314 113 HOH HOH A . 
C 3 HOH 114 315 114 HOH HOH A . 
C 3 HOH 115 316 115 HOH HOH A . 
C 3 HOH 116 317 116 HOH HOH A . 
C 3 HOH 117 318 117 HOH HOH A . 
C 3 HOH 118 319 118 HOH HOH A . 
C 3 HOH 119 320 119 HOH HOH A . 
C 3 HOH 120 321 120 HOH HOH A . 
C 3 HOH 121 322 121 HOH HOH A . 
C 3 HOH 122 323 122 HOH HOH A . 
C 3 HOH 123 324 123 HOH HOH A . 
C 3 HOH 124 325 124 HOH HOH A . 
C 3 HOH 125 326 125 HOH HOH A . 
C 3 HOH 126 327 126 HOH HOH A . 
C 3 HOH 127 328 127 HOH HOH A . 
C 3 HOH 128 329 128 HOH HOH A . 
C 3 HOH 129 330 129 HOH HOH A . 
C 3 HOH 130 331 130 HOH HOH A . 
C 3 HOH 131 332 131 HOH HOH A . 
C 3 HOH 132 333 132 HOH HOH A . 
C 3 HOH 133 334 133 HOH HOH A . 
C 3 HOH 134 335 134 HOH HOH A . 
C 3 HOH 135 336 135 HOH HOH A . 
C 3 HOH 136 337 136 HOH HOH A . 
# 
_pdbx_struct_assembly.id                   1 
_pdbx_struct_assembly.details              author_and_software_defined_assembly 
_pdbx_struct_assembly.method_details       PISA,PQS 
_pdbx_struct_assembly.oligomeric_details   trimeric 
_pdbx_struct_assembly.oligomeric_count     3 
# 
_pdbx_struct_assembly_gen.assembly_id       1 
_pdbx_struct_assembly_gen.oper_expression   1,2,3 
_pdbx_struct_assembly_gen.asym_id_list      A,B,C 
# 
loop_
_pdbx_struct_assembly_prop.biol_id 
_pdbx_struct_assembly_prop.type 
_pdbx_struct_assembly_prop.value 
_pdbx_struct_assembly_prop.details 
1 'ABSA (A^2)' 5850  ? 
1 MORE         -61   ? 
1 'SSA (A^2)'  19740 ? 
# 
loop_
_pdbx_struct_oper_list.id 
_pdbx_struct_oper_list.type 
_pdbx_struct_oper_list.name 
_pdbx_struct_oper_list.symmetry_operation 
_pdbx_struct_oper_list.matrix[1][1] 
_pdbx_struct_oper_list.matrix[1][2] 
_pdbx_struct_oper_list.matrix[1][3] 
_pdbx_struct_oper_list.vector[1] 
_pdbx_struct_oper_list.matrix[2][1] 
_pdbx_struct_oper_list.matrix[2][2] 
_pdbx_struct_oper_list.matrix[2][3] 
_pdbx_struct_oper_list.vector[2] 
_pdbx_struct_oper_list.matrix[3][1] 
_pdbx_struct_oper_list.matrix[3][2] 
_pdbx_struct_oper_list.matrix[3][3] 
_pdbx_struct_oper_list.vector[3] 
1 'identity operation'         1_555 x,y,z         1.0000000000 0.0000000000  0.0000000000  0.0000000000  0.0000000000  1.0000000000  0.0000000000  0.0000000000   0.0000000000  0.0000000000  1.0000000000  0.0000000000  
2 'crystal symmetry operation' 2_455 -y-1,x-y,z    0.1607862477 -0.9831404730 -0.0870780858 -1.6188500951 -0.0499409694 -0.0962169044 0.9941067382  -20.0370314993 -0.9857249526 -0.1554899282 -0.0645693433 17.3008995849 
3 'crystal symmetry operation' 3_445 -x+y-1,-x-1,z 0.1607862477 -0.0499409694 -0.9857249526 16.3135484788 -0.9831404730 -0.0962169044 -0.1554899282 -0.8293425587  -0.0870780858 0.9941067382  -0.0645693433 20.8950893834 
# 
loop_
_pdbx_struct_special_symmetry.id 
_pdbx_struct_special_symmetry.PDB_model_num 
_pdbx_struct_special_symmetry.auth_asym_id 
_pdbx_struct_special_symmetry.auth_comp_id 
_pdbx_struct_special_symmetry.auth_seq_id 
_pdbx_struct_special_symmetry.PDB_ins_code 
_pdbx_struct_special_symmetry.label_asym_id 
_pdbx_struct_special_symmetry.label_comp_id 
_pdbx_struct_special_symmetry.label_seq_id 
1 1 A MG  201 ? B MG  . 
2 1 A HOH 282 ? C HOH . 
3 1 A HOH 296 ? C HOH . 
# 
loop_
_pdbx_struct_conn_angle.id 
_pdbx_struct_conn_angle.ptnr1_label_atom_id 
_pdbx_struct_conn_angle.ptnr1_label_alt_id 
_pdbx_struct_conn_angle.ptnr1_label_asym_id 
_pdbx_struct_conn_angle.ptnr1_label_comp_id 
_pdbx_struct_conn_angle.ptnr1_label_seq_id 
_pdbx_struct_conn_angle.ptnr1_auth_atom_id 
_pdbx_struct_conn_angle.ptnr1_auth_asym_id 
_pdbx_struct_conn_angle.ptnr1_auth_comp_id 
_pdbx_struct_conn_angle.ptnr1_auth_seq_id 
_pdbx_struct_conn_angle.ptnr1_PDB_ins_code 
_pdbx_struct_conn_angle.ptnr1_symmetry 
_pdbx_struct_conn_angle.ptnr2_label_atom_id 
_pdbx_struct_conn_angle.ptnr2_label_alt_id 
_pdbx_struct_conn_angle.ptnr2_label_asym_id 
_pdbx_struct_conn_angle.ptnr2_label_comp_id 
_pdbx_struct_conn_angle.ptnr2_label_seq_id 
_pdbx_struct_conn_angle.ptnr2_auth_atom_id 
_pdbx_struct_conn_angle.ptnr2_auth_asym_id 
_pdbx_struct_conn_angle.ptnr2_auth_comp_id 
_pdbx_struct_conn_angle.ptnr2_auth_seq_id 
_pdbx_struct_conn_angle.ptnr2_PDB_ins_code 
_pdbx_struct_conn_angle.ptnr2_symmetry 
_pdbx_struct_conn_angle.ptnr3_label_atom_id 
_pdbx_struct_conn_angle.ptnr3_label_alt_id 
_pdbx_struct_conn_angle.ptnr3_label_asym_id 
_pdbx_struct_conn_angle.ptnr3_label_comp_id 
_pdbx_struct_conn_angle.ptnr3_label_seq_id 
_pdbx_struct_conn_angle.ptnr3_auth_atom_id 
_pdbx_struct_conn_angle.ptnr3_auth_asym_id 
_pdbx_struct_conn_angle.ptnr3_auth_comp_id 
_pdbx_struct_conn_angle.ptnr3_auth_seq_id 
_pdbx_struct_conn_angle.ptnr3_PDB_ins_code 
_pdbx_struct_conn_angle.ptnr3_symmetry 
_pdbx_struct_conn_angle.value 
_pdbx_struct_conn_angle.value_esd 
1  O ? A THR 117 ? A THR 121 ? 1_555 MG ? B MG . ? A MG 201 ? 1_555 O ? A THR 117 ? A THR 121 ? 3_445 94.1  ? 
2  O ? A THR 117 ? A THR 121 ? 1_555 MG ? B MG . ? A MG 201 ? 1_555 O ? A THR 117 ? A THR 121 ? 2_455 92.8  ? 
3  O ? A THR 117 ? A THR 121 ? 3_445 MG ? B MG . ? A MG 201 ? 1_555 O ? A THR 117 ? A THR 121 ? 2_455 95.6  ? 
4  O ? A THR 117 ? A THR 121 ? 1_555 MG ? B MG . ? A MG 201 ? 1_555 O ? C HOH .   ? A HOH 209 ? 1_555 80.2  ? 
5  O ? A THR 117 ? A THR 121 ? 3_445 MG ? B MG . ? A MG 201 ? 1_555 O ? C HOH .   ? A HOH 209 ? 1_555 174.0 ? 
6  O ? A THR 117 ? A THR 121 ? 2_455 MG ? B MG . ? A MG 201 ? 1_555 O ? C HOH .   ? A HOH 209 ? 1_555 83.0  ? 
7  O ? A THR 117 ? A THR 121 ? 1_555 MG ? B MG . ? A MG 201 ? 1_555 O ? C HOH .   ? A HOH 209 ? 2_455 176.6 ? 
8  O ? A THR 117 ? A THR 121 ? 3_445 MG ? B MG . ? A MG 201 ? 1_555 O ? C HOH .   ? A HOH 209 ? 2_455 86.7  ? 
9  O ? A THR 117 ? A THR 121 ? 2_455 MG ? B MG . ? A MG 201 ? 1_555 O ? C HOH .   ? A HOH 209 ? 2_455 83.9  ? 
10 O ? C HOH .   ? A HOH 209 ? 1_555 MG ? B MG . ? A MG 201 ? 1_555 O ? C HOH .   ? A HOH 209 ? 2_455 98.9  ? 
11 O ? A THR 117 ? A THR 121 ? 1_555 MG ? B MG . ? A MG 201 ? 1_555 O ? C HOH .   ? A HOH 209 ? 3_445 82.9  ? 
12 O ? A THR 117 ? A THR 121 ? 3_445 MG ? B MG . ? A MG 201 ? 1_555 O ? C HOH .   ? A HOH 209 ? 3_445 83.7  ? 
13 O ? A THR 117 ? A THR 121 ? 2_455 MG ? B MG . ? A MG 201 ? 1_555 O ? C HOH .   ? A HOH 209 ? 3_445 175.5 ? 
14 O ? C HOH .   ? A HOH 209 ? 1_555 MG ? B MG . ? A MG 201 ? 1_555 O ? C HOH .   ? A HOH 209 ? 3_445 97.2  ? 
15 O ? C HOH .   ? A HOH 209 ? 2_455 MG ? B MG . ? A MG 201 ? 1_555 O ? C HOH .   ? A HOH 209 ? 3_445 100.5 ? 
# 
loop_
_pdbx_audit_revision_history.ordinal 
_pdbx_audit_revision_history.data_content_type 
_pdbx_audit_revision_history.major_revision 
_pdbx_audit_revision_history.minor_revision 
_pdbx_audit_revision_history.revision_date 
1 'Structure model' 1 0 2005-06-14 
2 'Structure model' 1 1 2008-02-01 
3 'Structure model' 1 2 2011-07-13 
4 'Structure model' 1 3 2017-10-11 
5 'Structure model' 1 4 2018-01-24 
6 'Structure model' 1 5 2023-08-23 
# 
_pdbx_audit_revision_details.ordinal             1 
_pdbx_audit_revision_details.revision_ordinal    1 
_pdbx_audit_revision_details.data_content_type   'Structure model' 
_pdbx_audit_revision_details.provider            repository 
_pdbx_audit_revision_details.type                'Initial release' 
_pdbx_audit_revision_details.description         ? 
_pdbx_audit_revision_details.details             ? 
# 
loop_
_pdbx_audit_revision_group.ordinal 
_pdbx_audit_revision_group.revision_ordinal 
_pdbx_audit_revision_group.data_content_type 
_pdbx_audit_revision_group.group 
1 2 'Structure model' 'Version format compliance' 
2 3 'Structure model' 'Derived calculations'      
3 3 'Structure model' 'Version format compliance' 
4 4 'Structure model' 'Refinement description'    
5 5 'Structure model' 'Database references'       
6 6 'Structure model' 'Data collection'           
7 6 'Structure model' 'Database references'       
8 6 'Structure model' 'Derived calculations'      
9 6 'Structure model' 'Refinement description'    
# 
loop_
_pdbx_audit_revision_category.ordinal 
_pdbx_audit_revision_category.revision_ordinal 
_pdbx_audit_revision_category.data_content_type 
_pdbx_audit_revision_category.category 
1  4 'Structure model' software                      
2  5 'Structure model' citation_author               
3  6 'Structure model' chem_comp_atom                
4  6 'Structure model' chem_comp_bond                
5  6 'Structure model' database_2                    
6  6 'Structure model' pdbx_initial_refinement_model 
7  6 'Structure model' pdbx_struct_conn_angle        
8  6 'Structure model' struct_conn                   
9  6 'Structure model' struct_ref_seq_dif            
10 6 'Structure model' struct_site                   
# 
loop_
_pdbx_audit_revision_item.ordinal 
_pdbx_audit_revision_item.revision_ordinal 
_pdbx_audit_revision_item.data_content_type 
_pdbx_audit_revision_item.item 
1  5 'Structure model' '_citation_author.name'                       
2  6 'Structure model' '_database_2.pdbx_DOI'                        
3  6 'Structure model' '_database_2.pdbx_database_accession'         
4  6 'Structure model' '_pdbx_struct_conn_angle.ptnr1_auth_comp_id'  
5  6 'Structure model' '_pdbx_struct_conn_angle.ptnr1_auth_seq_id'   
6  6 'Structure model' '_pdbx_struct_conn_angle.ptnr1_label_asym_id' 
7  6 'Structure model' '_pdbx_struct_conn_angle.ptnr1_label_comp_id' 
8  6 'Structure model' '_pdbx_struct_conn_angle.ptnr1_label_seq_id'  
9  6 'Structure model' '_pdbx_struct_conn_angle.ptnr1_symmetry'      
10 6 'Structure model' '_pdbx_struct_conn_angle.ptnr3_auth_comp_id'  
11 6 'Structure model' '_pdbx_struct_conn_angle.ptnr3_auth_seq_id'   
12 6 'Structure model' '_pdbx_struct_conn_angle.ptnr3_label_asym_id' 
13 6 'Structure model' '_pdbx_struct_conn_angle.ptnr3_label_comp_id' 
14 6 'Structure model' '_pdbx_struct_conn_angle.ptnr3_label_seq_id'  
15 6 'Structure model' '_pdbx_struct_conn_angle.ptnr3_symmetry'      
16 6 'Structure model' '_pdbx_struct_conn_angle.value'               
17 6 'Structure model' '_struct_conn.pdbx_dist_value'                
18 6 'Structure model' '_struct_conn.ptnr1_auth_comp_id'             
19 6 'Structure model' '_struct_conn.ptnr1_auth_seq_id'              
20 6 'Structure model' '_struct_conn.ptnr1_label_asym_id'            
21 6 'Structure model' '_struct_conn.ptnr1_label_atom_id'            
22 6 'Structure model' '_struct_conn.ptnr1_label_comp_id'            
23 6 'Structure model' '_struct_conn.ptnr1_label_seq_id'             
24 6 'Structure model' '_struct_conn.ptnr1_symmetry'                 
25 6 'Structure model' '_struct_conn.ptnr2_auth_comp_id'             
26 6 'Structure model' '_struct_conn.ptnr2_auth_seq_id'              
27 6 'Structure model' '_struct_conn.ptnr2_label_asym_id'            
28 6 'Structure model' '_struct_conn.ptnr2_label_atom_id'            
29 6 'Structure model' '_struct_conn.ptnr2_label_comp_id'            
30 6 'Structure model' '_struct_conn.ptnr2_label_seq_id'             
31 6 'Structure model' '_struct_conn.ptnr2_symmetry'                 
32 6 'Structure model' '_struct_ref_seq_dif.details'                 
33 6 'Structure model' '_struct_site.pdbx_auth_asym_id'              
34 6 'Structure model' '_struct_site.pdbx_auth_comp_id'              
35 6 'Structure model' '_struct_site.pdbx_auth_seq_id'               
# 
_diffrn_reflns.diffrn_id                   1 
_diffrn_reflns.pdbx_d_res_low              50.00 
_diffrn_reflns.pdbx_d_res_high             1.79 
_diffrn_reflns.number                      17352 
_diffrn_reflns.pdbx_percent_possible_obs   99.500 
_diffrn_reflns.pdbx_Rmerge_I_obs           0.080 
_diffrn_reflns.pdbx_chi_squared            1.398 
_diffrn_reflns.pdbx_redundancy             9.700 
_diffrn_reflns.pdbx_rejects                ? 
_diffrn_reflns.pdbx_number_obs             ? 
_diffrn_reflns.av_sigmaI_over_netI         ? 
_diffrn_reflns.pdbx_Rsym_value             ? 
# 
loop_
_pdbx_diffrn_reflns_shell.diffrn_id 
_pdbx_diffrn_reflns_shell.d_res_low 
_pdbx_diffrn_reflns_shell.d_res_high 
_pdbx_diffrn_reflns_shell.percent_possible_obs 
_pdbx_diffrn_reflns_shell.Rmerge_I_obs 
_pdbx_diffrn_reflns_shell.chi_squared 
_pdbx_diffrn_reflns_shell.redundancy 
_pdbx_diffrn_reflns_shell.rejects 
_pdbx_diffrn_reflns_shell.number_obs 
_pdbx_diffrn_reflns_shell.Rsym_value 
1 50.00 4.41 98.700  0.036 0.828 9.300  ? ? ? 
1 4.41  3.50 99.800  0.064 1.268 9.700  ? ? ? 
1 3.50  3.06 99.800  0.086 1.677 9.800  ? ? ? 
1 3.06  2.78 99.600  0.096 1.615 9.700  ? ? ? 
1 2.78  2.58 99.500  0.104 1.529 9.500  ? ? ? 
1 2.58  2.43 99.700  0.121 1.635 9.500  ? ? ? 
1 2.43  2.31 99.800  0.128 1.542 9.800  ? ? ? 
1 2.31  2.21 99.800  0.136 1.685 9.500  ? ? ? 
1 2.21  2.12 99.600  0.151 1.638 9.800  ? ? ? 
1 2.12  2.05 99.700  0.165 1.588 9.700  ? ? ? 
1 2.05  1.98 99.800  0.185 1.547 9.900  ? ? ? 
1 1.98  1.93 99.700  0.210 1.355 10.000 ? ? ? 
1 1.93  1.88 100.000 0.249 1.159 10.300 ? ? ? 
1 1.88  1.83 100.000 0.278 1.034 10.300 ? ? ? 
1 1.83  1.79 96.700  0.310 0.836 8.600  ? ? ? 
# 
_pdbx_phasing_MR.entry_id                     1ZVC 
_pdbx_phasing_MR.method_rotation              ? 
_pdbx_phasing_MR.method_translation           ? 
_pdbx_phasing_MR.model_details                ? 
_pdbx_phasing_MR.R_factor                     0.424 
_pdbx_phasing_MR.R_rigid_body                 ? 
_pdbx_phasing_MR.correlation_coeff_Fo_to_Fc   0.617 
_pdbx_phasing_MR.correlation_coeff_Io_to_Ic   ? 
_pdbx_phasing_MR.d_res_high_rotation          4.000 
_pdbx_phasing_MR.d_res_low_rotation           35.450 
_pdbx_phasing_MR.d_res_high_translation       4.000 
_pdbx_phasing_MR.d_res_low_translation        35.450 
_pdbx_phasing_MR.packing                      ? 
_pdbx_phasing_MR.reflns_percent_rotation      ? 
_pdbx_phasing_MR.reflns_percent_translation   ? 
_pdbx_phasing_MR.sigma_F_rotation             ? 
_pdbx_phasing_MR.sigma_F_translation          ? 
_pdbx_phasing_MR.sigma_I_rotation             ? 
_pdbx_phasing_MR.sigma_I_translation          ? 
# 
_phasing.method   MR 
# 
loop_
_software.name 
_software.version 
_software.date 
_software.type 
_software.contact_author 
_software.contact_author_email 
_software.classification 
_software.location 
_software.language 
_software.citation_id 
_software.pdbx_ordinal 
DENZO       .               ?               package 'Zbyszek Otwinowski' zbyszek@mix.swmed.edu    'data reduction'  
http://www.lnls.br/infra/linhasluz/denzo-hkl.htm ?       ? 1 
SCALEPACK   .               ?               package 'Zbyszek Otwinowski' zbyszek@mix.swmed.edu    'data scaling'    
http://www.lnls.br/infra/linhasluz/denzo-hkl.htm ?       ? 2 
MOLREP      .               ?               program 'A. Vagin'           alexei@ysbl.york.ac.uk   phasing           
http://www.ccp4.ac.uk/dist/html/molrep.html      Fortran ? 3 
REFMAC      refmac_5.2.0005 24/04/2001      program 'Murshudov, G.N.'    ccp4@dl.ac.uk            refinement        
http://www.ccp4.ac.uk/main.html                  Fortran ? 4 
PDB_EXTRACT 1.600           'Jan. 30, 2005' package PDB                  sw-help@rcsb.rutgers.edu 'data extraction' 
http://pdb.rutgers.edu/software/                 C++     ? 5 
# 
_pdbx_validate_symm_contact.id                1 
_pdbx_validate_symm_contact.PDB_model_num     1 
_pdbx_validate_symm_contact.auth_atom_id_1    O 
_pdbx_validate_symm_contact.auth_asym_id_1    A 
_pdbx_validate_symm_contact.auth_comp_id_1    HOH 
_pdbx_validate_symm_contact.auth_seq_id_1     225 
_pdbx_validate_symm_contact.PDB_ins_code_1    ? 
_pdbx_validate_symm_contact.label_alt_id_1    ? 
_pdbx_validate_symm_contact.site_symmetry_1   1_555 
_pdbx_validate_symm_contact.auth_atom_id_2    O 
_pdbx_validate_symm_contact.auth_asym_id_2    A 
_pdbx_validate_symm_contact.auth_comp_id_2    HOH 
_pdbx_validate_symm_contact.auth_seq_id_2     335 
_pdbx_validate_symm_contact.PDB_ins_code_2    ? 
_pdbx_validate_symm_contact.label_alt_id_2    ? 
_pdbx_validate_symm_contact.site_symmetry_2   4_555 
_pdbx_validate_symm_contact.dist              2.14 
# 
loop_
_pdbx_validate_torsion.id 
_pdbx_validate_torsion.PDB_model_num 
_pdbx_validate_torsion.auth_comp_id 
_pdbx_validate_torsion.auth_asym_id 
_pdbx_validate_torsion.auth_seq_id 
_pdbx_validate_torsion.PDB_ins_code 
_pdbx_validate_torsion.label_alt_id 
_pdbx_validate_torsion.phi 
_pdbx_validate_torsion.psi 
1 1 ASN A 86  ? ? 39.74   44.65  
2 1 LEU A 139 ? ? -136.50 -73.06 
3 1 PRO A 142 ? ? -98.44  37.86  
4 1 LEU A 182 ? ? 77.61   37.04  
5 1 PRO A 184 ? ? -38.39  -35.64 
# 
loop_
_pdbx_unobs_or_zero_occ_residues.id 
_pdbx_unobs_or_zero_occ_residues.PDB_model_num 
_pdbx_unobs_or_zero_occ_residues.polymer_flag 
_pdbx_unobs_or_zero_occ_residues.occupancy_flag 
_pdbx_unobs_or_zero_occ_residues.auth_asym_id 
_pdbx_unobs_or_zero_occ_residues.auth_comp_id 
_pdbx_unobs_or_zero_occ_residues.auth_seq_id 
_pdbx_unobs_or_zero_occ_residues.PDB_ins_code 
_pdbx_unobs_or_zero_occ_residues.label_asym_id 
_pdbx_unobs_or_zero_occ_residues.label_comp_id 
_pdbx_unobs_or_zero_occ_residues.label_seq_id 
1  1 Y 1 A SER 5  ? A SER 1  
2  1 Y 1 A LEU 6  ? A LEU 2  
3  1 Y 1 A SER 7  ? A SER 3  
4  1 Y 1 A GLN 8  ? A GLN 4  
5  1 Y 1 A ASN 9  ? A ASN 5  
6  1 Y 1 A LEU 10 ? A LEU 6  
7  1 Y 1 A GLY 11 ? A GLY 7  
8  1 Y 1 A ASN 12 ? A ASN 8  
9  1 Y 1 A THR 13 ? A THR 9  
10 1 Y 1 A GLU 14 ? A GLU 10 
11 1 Y 1 A ASN 15 ? A ASN 11 
12 1 Y 1 A PRO 16 ? A PRO 12 
13 1 Y 1 A ARG 17 ? A ARG 13 
14 1 Y 1 A PRO 18 ? A PRO 14 
15 1 Y 1 A SER 19 ? A SER 15 
16 1 Y 1 A PHE 44 ? A PHE 40 
17 1 Y 1 A SER 45 ? A SER 41 
18 1 Y 1 A PHE 46 ? A PHE 42 
# 
loop_
_chem_comp_atom.comp_id 
_chem_comp_atom.atom_id 
_chem_comp_atom.type_symbol 
_chem_comp_atom.pdbx_aromatic_flag 
_chem_comp_atom.pdbx_stereo_config 
_chem_comp_atom.pdbx_ordinal 
ALA N    N  N N 1   
ALA CA   C  N S 2   
ALA C    C  N N 3   
ALA O    O  N N 4   
ALA CB   C  N N 5   
ALA OXT  O  N N 6   
ALA H    H  N N 7   
ALA H2   H  N N 8   
ALA HA   H  N N 9   
ALA HB1  H  N N 10  
ALA HB2  H  N N 11  
ALA HB3  H  N N 12  
ALA HXT  H  N N 13  
ARG N    N  N N 14  
ARG CA   C  N S 15  
ARG C    C  N N 16  
ARG O    O  N N 17  
ARG CB   C  N N 18  
ARG CG   C  N N 19  
ARG CD   C  N N 20  
ARG NE   N  N N 21  
ARG CZ   C  N N 22  
ARG NH1  N  N N 23  
ARG NH2  N  N N 24  
ARG OXT  O  N N 25  
ARG H    H  N N 26  
ARG H2   H  N N 27  
ARG HA   H  N N 28  
ARG HB2  H  N N 29  
ARG HB3  H  N N 30  
ARG HG2  H  N N 31  
ARG HG3  H  N N 32  
ARG HD2  H  N N 33  
ARG HD3  H  N N 34  
ARG HE   H  N N 35  
ARG HH11 H  N N 36  
ARG HH12 H  N N 37  
ARG HH21 H  N N 38  
ARG HH22 H  N N 39  
ARG HXT  H  N N 40  
ASN N    N  N N 41  
ASN CA   C  N S 42  
ASN C    C  N N 43  
ASN O    O  N N 44  
ASN CB   C  N N 45  
ASN CG   C  N N 46  
ASN OD1  O  N N 47  
ASN ND2  N  N N 48  
ASN OXT  O  N N 49  
ASN H    H  N N 50  
ASN H2   H  N N 51  
ASN HA   H  N N 52  
ASN HB2  H  N N 53  
ASN HB3  H  N N 54  
ASN HD21 H  N N 55  
ASN HD22 H  N N 56  
ASN HXT  H  N N 57  
ASP N    N  N N 58  
ASP CA   C  N S 59  
ASP C    C  N N 60  
ASP O    O  N N 61  
ASP CB   C  N N 62  
ASP CG   C  N N 63  
ASP OD1  O  N N 64  
ASP OD2  O  N N 65  
ASP OXT  O  N N 66  
ASP H    H  N N 67  
ASP H2   H  N N 68  
ASP HA   H  N N 69  
ASP HB2  H  N N 70  
ASP HB3  H  N N 71  
ASP HD2  H  N N 72  
ASP HXT  H  N N 73  
CYS N    N  N N 74  
CYS CA   C  N R 75  
CYS C    C  N N 76  
CYS O    O  N N 77  
CYS CB   C  N N 78  
CYS SG   S  N N 79  
CYS OXT  O  N N 80  
CYS H    H  N N 81  
CYS H2   H  N N 82  
CYS HA   H  N N 83  
CYS HB2  H  N N 84  
CYS HB3  H  N N 85  
CYS HG   H  N N 86  
CYS HXT  H  N N 87  
GLN N    N  N N 88  
GLN CA   C  N S 89  
GLN C    C  N N 90  
GLN O    O  N N 91  
GLN CB   C  N N 92  
GLN CG   C  N N 93  
GLN CD   C  N N 94  
GLN OE1  O  N N 95  
GLN NE2  N  N N 96  
GLN OXT  O  N N 97  
GLN H    H  N N 98  
GLN H2   H  N N 99  
GLN HA   H  N N 100 
GLN HB2  H  N N 101 
GLN HB3  H  N N 102 
GLN HG2  H  N N 103 
GLN HG3  H  N N 104 
GLN HE21 H  N N 105 
GLN HE22 H  N N 106 
GLN HXT  H  N N 107 
GLU N    N  N N 108 
GLU CA   C  N S 109 
GLU C    C  N N 110 
GLU O    O  N N 111 
GLU CB   C  N N 112 
GLU CG   C  N N 113 
GLU CD   C  N N 114 
GLU OE1  O  N N 115 
GLU OE2  O  N N 116 
GLU OXT  O  N N 117 
GLU H    H  N N 118 
GLU H2   H  N N 119 
GLU HA   H  N N 120 
GLU HB2  H  N N 121 
GLU HB3  H  N N 122 
GLU HG2  H  N N 123 
GLU HG3  H  N N 124 
GLU HE2  H  N N 125 
GLU HXT  H  N N 126 
GLY N    N  N N 127 
GLY CA   C  N N 128 
GLY C    C  N N 129 
GLY O    O  N N 130 
GLY OXT  O  N N 131 
GLY H    H  N N 132 
GLY H2   H  N N 133 
GLY HA2  H  N N 134 
GLY HA3  H  N N 135 
GLY HXT  H  N N 136 
HIS N    N  N N 137 
HIS CA   C  N S 138 
HIS C    C  N N 139 
HIS O    O  N N 140 
HIS CB   C  N N 141 
HIS CG   C  Y N 142 
HIS ND1  N  Y N 143 
HIS CD2  C  Y N 144 
HIS CE1  C  Y N 145 
HIS NE2  N  Y N 146 
HIS OXT  O  N N 147 
HIS H    H  N N 148 
HIS H2   H  N N 149 
HIS HA   H  N N 150 
HIS HB2  H  N N 151 
HIS HB3  H  N N 152 
HIS HD1  H  N N 153 
HIS HD2  H  N N 154 
HIS HE1  H  N N 155 
HIS HE2  H  N N 156 
HIS HXT  H  N N 157 
HOH O    O  N N 158 
HOH H1   H  N N 159 
HOH H2   H  N N 160 
ILE N    N  N N 161 
ILE CA   C  N S 162 
ILE C    C  N N 163 
ILE O    O  N N 164 
ILE CB   C  N S 165 
ILE CG1  C  N N 166 
ILE CG2  C  N N 167 
ILE CD1  C  N N 168 
ILE OXT  O  N N 169 
ILE H    H  N N 170 
ILE H2   H  N N 171 
ILE HA   H  N N 172 
ILE HB   H  N N 173 
ILE HG12 H  N N 174 
ILE HG13 H  N N 175 
ILE HG21 H  N N 176 
ILE HG22 H  N N 177 
ILE HG23 H  N N 178 
ILE HD11 H  N N 179 
ILE HD12 H  N N 180 
ILE HD13 H  N N 181 
ILE HXT  H  N N 182 
LEU N    N  N N 183 
LEU CA   C  N S 184 
LEU C    C  N N 185 
LEU O    O  N N 186 
LEU CB   C  N N 187 
LEU CG   C  N N 188 
LEU CD1  C  N N 189 
LEU CD2  C  N N 190 
LEU OXT  O  N N 191 
LEU H    H  N N 192 
LEU H2   H  N N 193 
LEU HA   H  N N 194 
LEU HB2  H  N N 195 
LEU HB3  H  N N 196 
LEU HG   H  N N 197 
LEU HD11 H  N N 198 
LEU HD12 H  N N 199 
LEU HD13 H  N N 200 
LEU HD21 H  N N 201 
LEU HD22 H  N N 202 
LEU HD23 H  N N 203 
LEU HXT  H  N N 204 
LYS N    N  N N 205 
LYS CA   C  N S 206 
LYS C    C  N N 207 
LYS O    O  N N 208 
LYS CB   C  N N 209 
LYS CG   C  N N 210 
LYS CD   C  N N 211 
LYS CE   C  N N 212 
LYS NZ   N  N N 213 
LYS OXT  O  N N 214 
LYS H    H  N N 215 
LYS H2   H  N N 216 
LYS HA   H  N N 217 
LYS HB2  H  N N 218 
LYS HB3  H  N N 219 
LYS HG2  H  N N 220 
LYS HG3  H  N N 221 
LYS HD2  H  N N 222 
LYS HD3  H  N N 223 
LYS HE2  H  N N 224 
LYS HE3  H  N N 225 
LYS HZ1  H  N N 226 
LYS HZ2  H  N N 227 
LYS HZ3  H  N N 228 
LYS HXT  H  N N 229 
MG  MG   MG N N 230 
PHE N    N  N N 231 
PHE CA   C  N S 232 
PHE C    C  N N 233 
PHE O    O  N N 234 
PHE CB   C  N N 235 
PHE CG   C  Y N 236 
PHE CD1  C  Y N 237 
PHE CD2  C  Y N 238 
PHE CE1  C  Y N 239 
PHE CE2  C  Y N 240 
PHE CZ   C  Y N 241 
PHE OXT  O  N N 242 
PHE H    H  N N 243 
PHE H2   H  N N 244 
PHE HA   H  N N 245 
PHE HB2  H  N N 246 
PHE HB3  H  N N 247 
PHE HD1  H  N N 248 
PHE HD2  H  N N 249 
PHE HE1  H  N N 250 
PHE HE2  H  N N 251 
PHE HZ   H  N N 252 
PHE HXT  H  N N 253 
PRO N    N  N N 254 
PRO CA   C  N S 255 
PRO C    C  N N 256 
PRO O    O  N N 257 
PRO CB   C  N N 258 
PRO CG   C  N N 259 
PRO CD   C  N N 260 
PRO OXT  O  N N 261 
PRO H    H  N N 262 
PRO HA   H  N N 263 
PRO HB2  H  N N 264 
PRO HB3  H  N N 265 
PRO HG2  H  N N 266 
PRO HG3  H  N N 267 
PRO HD2  H  N N 268 
PRO HD3  H  N N 269 
PRO HXT  H  N N 270 
SER N    N  N N 271 
SER CA   C  N S 272 
SER C    C  N N 273 
SER O    O  N N 274 
SER CB   C  N N 275 
SER OG   O  N N 276 
SER OXT  O  N N 277 
SER H    H  N N 278 
SER H2   H  N N 279 
SER HA   H  N N 280 
SER HB2  H  N N 281 
SER HB3  H  N N 282 
SER HG   H  N N 283 
SER HXT  H  N N 284 
THR N    N  N N 285 
THR CA   C  N S 286 
THR C    C  N N 287 
THR O    O  N N 288 
THR CB   C  N R 289 
THR OG1  O  N N 290 
THR CG2  C  N N 291 
THR OXT  O  N N 292 
THR H    H  N N 293 
THR H2   H  N N 294 
THR HA   H  N N 295 
THR HB   H  N N 296 
THR HG1  H  N N 297 
THR HG21 H  N N 298 
THR HG22 H  N N 299 
THR HG23 H  N N 300 
THR HXT  H  N N 301 
TYR N    N  N N 302 
TYR CA   C  N S 303 
TYR C    C  N N 304 
TYR O    O  N N 305 
TYR CB   C  N N 306 
TYR CG   C  Y N 307 
TYR CD1  C  Y N 308 
TYR CD2  C  Y N 309 
TYR CE1  C  Y N 310 
TYR CE2  C  Y N 311 
TYR CZ   C  Y N 312 
TYR OH   O  N N 313 
TYR OXT  O  N N 314 
TYR H    H  N N 315 
TYR H2   H  N N 316 
TYR HA   H  N N 317 
TYR HB2  H  N N 318 
TYR HB3  H  N N 319 
TYR HD1  H  N N 320 
TYR HD2  H  N N 321 
TYR HE1  H  N N 322 
TYR HE2  H  N N 323 
TYR HH   H  N N 324 
TYR HXT  H  N N 325 
VAL N    N  N N 326 
VAL CA   C  N S 327 
VAL C    C  N N 328 
VAL O    O  N N 329 
VAL CB   C  N N 330 
VAL CG1  C  N N 331 
VAL CG2  C  N N 332 
VAL OXT  O  N N 333 
VAL H    H  N N 334 
VAL H2   H  N N 335 
VAL HA   H  N N 336 
VAL HB   H  N N 337 
VAL HG11 H  N N 338 
VAL HG12 H  N N 339 
VAL HG13 H  N N 340 
VAL HG21 H  N N 341 
VAL HG22 H  N N 342 
VAL HG23 H  N N 343 
VAL HXT  H  N N 344 
# 
loop_
_chem_comp_bond.comp_id 
_chem_comp_bond.atom_id_1 
_chem_comp_bond.atom_id_2 
_chem_comp_bond.value_order 
_chem_comp_bond.pdbx_aromatic_flag 
_chem_comp_bond.pdbx_stereo_config 
_chem_comp_bond.pdbx_ordinal 
ALA N   CA   sing N N 1   
ALA N   H    sing N N 2   
ALA N   H2   sing N N 3   
ALA CA  C    sing N N 4   
ALA CA  CB   sing N N 5   
ALA CA  HA   sing N N 6   
ALA C   O    doub N N 7   
ALA C   OXT  sing N N 8   
ALA CB  HB1  sing N N 9   
ALA CB  HB2  sing N N 10  
ALA CB  HB3  sing N N 11  
ALA OXT HXT  sing N N 12  
ARG N   CA   sing N N 13  
ARG N   H    sing N N 14  
ARG N   H2   sing N N 15  
ARG CA  C    sing N N 16  
ARG CA  CB   sing N N 17  
ARG CA  HA   sing N N 18  
ARG C   O    doub N N 19  
ARG C   OXT  sing N N 20  
ARG CB  CG   sing N N 21  
ARG CB  HB2  sing N N 22  
ARG CB  HB3  sing N N 23  
ARG CG  CD   sing N N 24  
ARG CG  HG2  sing N N 25  
ARG CG  HG3  sing N N 26  
ARG CD  NE   sing N N 27  
ARG CD  HD2  sing N N 28  
ARG CD  HD3  sing N N 29  
ARG NE  CZ   sing N N 30  
ARG NE  HE   sing N N 31  
ARG CZ  NH1  sing N N 32  
ARG CZ  NH2  doub N N 33  
ARG NH1 HH11 sing N N 34  
ARG NH1 HH12 sing N N 35  
ARG NH2 HH21 sing N N 36  
ARG NH2 HH22 sing N N 37  
ARG OXT HXT  sing N N 38  
ASN N   CA   sing N N 39  
ASN N   H    sing N N 40  
ASN N   H2   sing N N 41  
ASN CA  C    sing N N 42  
ASN CA  CB   sing N N 43  
ASN CA  HA   sing N N 44  
ASN C   O    doub N N 45  
ASN C   OXT  sing N N 46  
ASN CB  CG   sing N N 47  
ASN CB  HB2  sing N N 48  
ASN CB  HB3  sing N N 49  
ASN CG  OD1  doub N N 50  
ASN CG  ND2  sing N N 51  
ASN ND2 HD21 sing N N 52  
ASN ND2 HD22 sing N N 53  
ASN OXT HXT  sing N N 54  
ASP N   CA   sing N N 55  
ASP N   H    sing N N 56  
ASP N   H2   sing N N 57  
ASP CA  C    sing N N 58  
ASP CA  CB   sing N N 59  
ASP CA  HA   sing N N 60  
ASP C   O    doub N N 61  
ASP C   OXT  sing N N 62  
ASP CB  CG   sing N N 63  
ASP CB  HB2  sing N N 64  
ASP CB  HB3  sing N N 65  
ASP CG  OD1  doub N N 66  
ASP CG  OD2  sing N N 67  
ASP OD2 HD2  sing N N 68  
ASP OXT HXT  sing N N 69  
CYS N   CA   sing N N 70  
CYS N   H    sing N N 71  
CYS N   H2   sing N N 72  
CYS CA  C    sing N N 73  
CYS CA  CB   sing N N 74  
CYS CA  HA   sing N N 75  
CYS C   O    doub N N 76  
CYS C   OXT  sing N N 77  
CYS CB  SG   sing N N 78  
CYS CB  HB2  sing N N 79  
CYS CB  HB3  sing N N 80  
CYS SG  HG   sing N N 81  
CYS OXT HXT  sing N N 82  
GLN N   CA   sing N N 83  
GLN N   H    sing N N 84  
GLN N   H2   sing N N 85  
GLN CA  C    sing N N 86  
GLN CA  CB   sing N N 87  
GLN CA  HA   sing N N 88  
GLN C   O    doub N N 89  
GLN C   OXT  sing N N 90  
GLN CB  CG   sing N N 91  
GLN CB  HB2  sing N N 92  
GLN CB  HB3  sing N N 93  
GLN CG  CD   sing N N 94  
GLN CG  HG2  sing N N 95  
GLN CG  HG3  sing N N 96  
GLN CD  OE1  doub N N 97  
GLN CD  NE2  sing N N 98  
GLN NE2 HE21 sing N N 99  
GLN NE2 HE22 sing N N 100 
GLN OXT HXT  sing N N 101 
GLU N   CA   sing N N 102 
GLU N   H    sing N N 103 
GLU N   H2   sing N N 104 
GLU CA  C    sing N N 105 
GLU CA  CB   sing N N 106 
GLU CA  HA   sing N N 107 
GLU C   O    doub N N 108 
GLU C   OXT  sing N N 109 
GLU CB  CG   sing N N 110 
GLU CB  HB2  sing N N 111 
GLU CB  HB3  sing N N 112 
GLU CG  CD   sing N N 113 
GLU CG  HG2  sing N N 114 
GLU CG  HG3  sing N N 115 
GLU CD  OE1  doub N N 116 
GLU CD  OE2  sing N N 117 
GLU OE2 HE2  sing N N 118 
GLU OXT HXT  sing N N 119 
GLY N   CA   sing N N 120 
GLY N   H    sing N N 121 
GLY N   H2   sing N N 122 
GLY CA  C    sing N N 123 
GLY CA  HA2  sing N N 124 
GLY CA  HA3  sing N N 125 
GLY C   O    doub N N 126 
GLY C   OXT  sing N N 127 
GLY OXT HXT  sing N N 128 
HIS N   CA   sing N N 129 
HIS N   H    sing N N 130 
HIS N   H2   sing N N 131 
HIS CA  C    sing N N 132 
HIS CA  CB   sing N N 133 
HIS CA  HA   sing N N 134 
HIS C   O    doub N N 135 
HIS C   OXT  sing N N 136 
HIS CB  CG   sing N N 137 
HIS CB  HB2  sing N N 138 
HIS CB  HB3  sing N N 139 
HIS CG  ND1  sing Y N 140 
HIS CG  CD2  doub Y N 141 
HIS ND1 CE1  doub Y N 142 
HIS ND1 HD1  sing N N 143 
HIS CD2 NE2  sing Y N 144 
HIS CD2 HD2  sing N N 145 
HIS CE1 NE2  sing Y N 146 
HIS CE1 HE1  sing N N 147 
HIS NE2 HE2  sing N N 148 
HIS OXT HXT  sing N N 149 
HOH O   H1   sing N N 150 
HOH O   H2   sing N N 151 
ILE N   CA   sing N N 152 
ILE N   H    sing N N 153 
ILE N   H2   sing N N 154 
ILE CA  C    sing N N 155 
ILE CA  CB   sing N N 156 
ILE CA  HA   sing N N 157 
ILE C   O    doub N N 158 
ILE C   OXT  sing N N 159 
ILE CB  CG1  sing N N 160 
ILE CB  CG2  sing N N 161 
ILE CB  HB   sing N N 162 
ILE CG1 CD1  sing N N 163 
ILE CG1 HG12 sing N N 164 
ILE CG1 HG13 sing N N 165 
ILE CG2 HG21 sing N N 166 
ILE CG2 HG22 sing N N 167 
ILE CG2 HG23 sing N N 168 
ILE CD1 HD11 sing N N 169 
ILE CD1 HD12 sing N N 170 
ILE CD1 HD13 sing N N 171 
ILE OXT HXT  sing N N 172 
LEU N   CA   sing N N 173 
LEU N   H    sing N N 174 
LEU N   H2   sing N N 175 
LEU CA  C    sing N N 176 
LEU CA  CB   sing N N 177 
LEU CA  HA   sing N N 178 
LEU C   O    doub N N 179 
LEU C   OXT  sing N N 180 
LEU CB  CG   sing N N 181 
LEU CB  HB2  sing N N 182 
LEU CB  HB3  sing N N 183 
LEU CG  CD1  sing N N 184 
LEU CG  CD2  sing N N 185 
LEU CG  HG   sing N N 186 
LEU CD1 HD11 sing N N 187 
LEU CD1 HD12 sing N N 188 
LEU CD1 HD13 sing N N 189 
LEU CD2 HD21 sing N N 190 
LEU CD2 HD22 sing N N 191 
LEU CD2 HD23 sing N N 192 
LEU OXT HXT  sing N N 193 
LYS N   CA   sing N N 194 
LYS N   H    sing N N 195 
LYS N   H2   sing N N 196 
LYS CA  C    sing N N 197 
LYS CA  CB   sing N N 198 
LYS CA  HA   sing N N 199 
LYS C   O    doub N N 200 
LYS C   OXT  sing N N 201 
LYS CB  CG   sing N N 202 
LYS CB  HB2  sing N N 203 
LYS CB  HB3  sing N N 204 
LYS CG  CD   sing N N 205 
LYS CG  HG2  sing N N 206 
LYS CG  HG3  sing N N 207 
LYS CD  CE   sing N N 208 
LYS CD  HD2  sing N N 209 
LYS CD  HD3  sing N N 210 
LYS CE  NZ   sing N N 211 
LYS CE  HE2  sing N N 212 
LYS CE  HE3  sing N N 213 
LYS NZ  HZ1  sing N N 214 
LYS NZ  HZ2  sing N N 215 
LYS NZ  HZ3  sing N N 216 
LYS OXT HXT  sing N N 217 
PHE N   CA   sing N N 218 
PHE N   H    sing N N 219 
PHE N   H2   sing N N 220 
PHE CA  C    sing N N 221 
PHE CA  CB   sing N N 222 
PHE CA  HA   sing N N 223 
PHE C   O    doub N N 224 
PHE C   OXT  sing N N 225 
PHE CB  CG   sing N N 226 
PHE CB  HB2  sing N N 227 
PHE CB  HB3  sing N N 228 
PHE CG  CD1  doub Y N 229 
PHE CG  CD2  sing Y N 230 
PHE CD1 CE1  sing Y N 231 
PHE CD1 HD1  sing N N 232 
PHE CD2 CE2  doub Y N 233 
PHE CD2 HD2  sing N N 234 
PHE CE1 CZ   doub Y N 235 
PHE CE1 HE1  sing N N 236 
PHE CE2 CZ   sing Y N 237 
PHE CE2 HE2  sing N N 238 
PHE CZ  HZ   sing N N 239 
PHE OXT HXT  sing N N 240 
PRO N   CA   sing N N 241 
PRO N   CD   sing N N 242 
PRO N   H    sing N N 243 
PRO CA  C    sing N N 244 
PRO CA  CB   sing N N 245 
PRO CA  HA   sing N N 246 
PRO C   O    doub N N 247 
PRO C   OXT  sing N N 248 
PRO CB  CG   sing N N 249 
PRO CB  HB2  sing N N 250 
PRO CB  HB3  sing N N 251 
PRO CG  CD   sing N N 252 
PRO CG  HG2  sing N N 253 
PRO CG  HG3  sing N N 254 
PRO CD  HD2  sing N N 255 
PRO CD  HD3  sing N N 256 
PRO OXT HXT  sing N N 257 
SER N   CA   sing N N 258 
SER N   H    sing N N 259 
SER N   H2   sing N N 260 
SER CA  C    sing N N 261 
SER CA  CB   sing N N 262 
SER CA  HA   sing N N 263 
SER C   O    doub N N 264 
SER C   OXT  sing N N 265 
SER CB  OG   sing N N 266 
SER CB  HB2  sing N N 267 
SER CB  HB3  sing N N 268 
SER OG  HG   sing N N 269 
SER OXT HXT  sing N N 270 
THR N   CA   sing N N 271 
THR N   H    sing N N 272 
THR N   H2   sing N N 273 
THR CA  C    sing N N 274 
THR CA  CB   sing N N 275 
THR CA  HA   sing N N 276 
THR C   O    doub N N 277 
THR C   OXT  sing N N 278 
THR CB  OG1  sing N N 279 
THR CB  CG2  sing N N 280 
THR CB  HB   sing N N 281 
THR OG1 HG1  sing N N 282 
THR CG2 HG21 sing N N 283 
THR CG2 HG22 sing N N 284 
THR CG2 HG23 sing N N 285 
THR OXT HXT  sing N N 286 
TYR N   CA   sing N N 287 
TYR N   H    sing N N 288 
TYR N   H2   sing N N 289 
TYR CA  C    sing N N 290 
TYR CA  CB   sing N N 291 
TYR CA  HA   sing N N 292 
TYR C   O    doub N N 293 
TYR C   OXT  sing N N 294 
TYR CB  CG   sing N N 295 
TYR CB  HB2  sing N N 296 
TYR CB  HB3  sing N N 297 
TYR CG  CD1  doub Y N 298 
TYR CG  CD2  sing Y N 299 
TYR CD1 CE1  sing Y N 300 
TYR CD1 HD1  sing N N 301 
TYR CD2 CE2  doub Y N 302 
TYR CD2 HD2  sing N N 303 
TYR CE1 CZ   doub Y N 304 
TYR CE1 HE1  sing N N 305 
TYR CE2 CZ   sing Y N 306 
TYR CE2 HE2  sing N N 307 
TYR CZ  OH   sing N N 308 
TYR OH  HH   sing N N 309 
TYR OXT HXT  sing N N 310 
VAL N   CA   sing N N 311 
VAL N   H    sing N N 312 
VAL N   H2   sing N N 313 
VAL CA  C    sing N N 314 
VAL CA  CB   sing N N 315 
VAL CA  HA   sing N N 316 
VAL C   O    doub N N 317 
VAL C   OXT  sing N N 318 
VAL CB  CG1  sing N N 319 
VAL CB  CG2  sing N N 320 
VAL CB  HB   sing N N 321 
VAL CG1 HG11 sing N N 322 
VAL CG1 HG12 sing N N 323 
VAL CG1 HG13 sing N N 324 
VAL CG2 HG21 sing N N 325 
VAL CG2 HG22 sing N N 326 
VAL CG2 HG23 sing N N 327 
VAL OXT HXT  sing N N 328 
# 
loop_
_pdbx_entity_nonpoly.entity_id 
_pdbx_entity_nonpoly.name 
_pdbx_entity_nonpoly.comp_id 
2 'MAGNESIUM ION' MG  
3 water           HOH 
# 
_pdbx_initial_refinement_model.id               1 
_pdbx_initial_refinement_model.entity_id_list   ? 
_pdbx_initial_refinement_model.type             'experimental model' 
_pdbx_initial_refinement_model.source_name      PDB 
_pdbx_initial_refinement_model.accession_code   1Z8K 
_pdbx_initial_refinement_model.details          ? 
# 
